data_1PDI
#
_entry.id   1PDI
#
_cell.length_a   1
_cell.length_b   1
_cell.length_c   1
_cell.angle_alpha   90
_cell.angle_beta   90
_cell.angle_gamma   90
#
_symmetry.space_group_name_H-M   'P 1'
#
_entity_poly.entity_id   1
_entity_poly.type   'polypeptide(L)'
_entity_poly.pdbx_seq_one_letter_code
;LNGRGSTTSMRGVVKLTTTAGSQSGGDASSALAWNADVIHQRGGQTINGTLRINNTLTIASGGANITGTVNMTGGYIQGK
RVVTQNEIDRTIPVGAIMMWAADSLPSDAWRFCHGGTVSASDCPLYASRIGTRYGGSSSNPGLPDMRGLFVRGSGRGSHL
TNPNVNGNDQFGKPRLGVGCTGGYVGEVQIQQMSYHKHAGGFGEHDDLGAFGNTRRSNFVGTRKGLDWDNRSYFTNDGYE
IDPESQRNSKYTLNRPELIGNETRPWNISLNYIIKVKE
;
_entity_poly.pdbx_strand_id   A,B,C,D,E,F,G,H,I,J,K,L,M,N,O,P,Q,R
#
# COMPACT_ATOMS: atom_id res chain seq x y z
CA LEU A 1 -81.05 -26.14 -167.53
CA ASN A 2 -82.48 -29.60 -168.04
CA GLY A 3 -79.43 -30.51 -170.08
CA ARG A 4 -76.78 -30.12 -167.41
CA GLY A 5 -77.46 -33.32 -165.50
CA SER A 6 -75.68 -33.62 -162.16
CA THR A 7 -72.65 -35.99 -162.16
CA THR A 8 -70.09 -36.82 -159.49
CA SER A 9 -67.84 -34.06 -160.87
CA MET A 10 -70.32 -31.39 -161.91
CA ARG A 11 -73.21 -29.67 -160.13
CA GLY A 12 -76.51 -30.05 -161.96
CA VAL A 13 -80.19 -30.94 -161.90
CA VAL A 14 -81.46 -34.41 -160.97
CA LYS A 15 -84.45 -36.67 -161.21
CA LEU A 16 -85.51 -38.31 -157.93
CA THR A 17 -85.64 -42.06 -157.49
CA THR A 18 -87.46 -43.72 -154.61
CA THR A 19 -85.76 -47.04 -155.28
CA ALA A 20 -82.15 -47.19 -154.17
CA GLY A 21 -79.92 -48.79 -156.76
CA SER A 22 -82.14 -47.84 -159.69
CA GLN A 23 -82.11 -44.83 -161.99
CA SER A 24 -85.37 -43.04 -162.65
CA GLY A 25 -86.24 -43.63 -166.33
CA GLY A 26 -82.68 -44.50 -167.38
CA ASP A 27 -81.30 -41.18 -166.22
CA ALA A 28 -77.75 -41.22 -164.84
CA SER A 29 -78.54 -37.95 -163.06
CA SER A 30 -80.83 -39.59 -160.54
CA ALA A 31 -80.47 -38.95 -156.79
CA LEU A 32 -82.16 -40.63 -153.84
CA ALA A 33 -85.38 -38.97 -152.86
CA TRP A 34 -86.21 -38.04 -149.28
CA ASN A 35 -88.58 -41.04 -149.32
CA ALA A 36 -86.34 -43.59 -151.03
CA ASP A 37 -86.40 -47.16 -149.71
CA VAL A 38 -83.24 -46.81 -147.61
CA ILE A 39 -82.50 -48.10 -144.13
CA HIS A 40 -81.67 -45.22 -141.80
CA GLN A 41 -80.06 -44.88 -138.36
CA ARG A 42 -83.26 -44.42 -136.38
CA GLY A 43 -84.69 -47.92 -136.19
CA GLY A 44 -88.16 -49.37 -136.64
CA GLN A 45 -87.54 -50.62 -140.19
CA THR A 46 -87.64 -53.82 -142.15
CA ILE A 47 -85.20 -55.31 -144.70
CA ASN A 48 -87.39 -57.63 -146.80
CA GLY A 49 -84.81 -60.31 -147.49
CA THR A 50 -81.47 -61.48 -146.29
CA LEU A 51 -78.66 -59.44 -144.77
CA ARG A 52 -74.98 -60.30 -144.58
CA ILE A 53 -72.67 -58.48 -142.08
CA ASN A 54 -68.95 -59.18 -142.37
CA ASN A 55 -67.95 -58.44 -138.77
CA THR A 56 -69.49 -58.54 -135.27
CA LEU A 57 -73.15 -57.80 -134.68
CA THR A 58 -73.78 -55.99 -131.40
CA ILE A 59 -77.34 -55.80 -130.07
CA ALA A 60 -77.12 -53.28 -127.22
CA SER A 61 -80.49 -54.11 -125.66
CA GLY A 62 -83.64 -56.12 -126.25
CA GLY A 63 -82.20 -59.34 -127.52
CA ALA A 64 -83.31 -61.15 -130.67
CA ASN A 65 -86.41 -63.03 -131.70
CA ILE A 66 -85.34 -65.41 -134.42
CA THR A 67 -87.64 -67.58 -136.54
CA GLY A 68 -85.57 -70.35 -138.01
CA THR A 69 -82.36 -72.11 -136.93
CA VAL A 70 -79.31 -70.36 -135.50
CA ASN A 71 -76.00 -71.98 -136.49
CA MET A 72 -73.04 -70.63 -134.54
CA THR A 73 -69.37 -71.39 -134.11
CA GLY A 74 -69.55 -70.83 -130.36
CA GLY A 75 -72.24 -69.90 -127.83
CA TYR A 76 -72.19 -68.47 -124.31
CA ILE A 77 -74.96 -67.25 -121.98
CA GLN A 78 -73.69 -64.82 -119.31
CA GLY A 79 -70.16 -66.10 -119.95
CA LYS A 80 -71.11 -69.80 -119.58
CA ARG A 81 -70.62 -72.24 -122.44
CA VAL A 82 -73.78 -73.59 -124.10
CA VAL A 83 -74.14 -77.38 -123.91
CA THR A 84 -74.74 -79.45 -127.06
CA GLN A 85 -76.20 -82.95 -127.52
CA ASN A 86 -72.92 -84.72 -128.15
CA GLU A 87 -72.02 -83.88 -124.53
CA ILE A 88 -74.86 -85.88 -123.01
CA ASP A 89 -73.08 -89.17 -123.31
CA ARG A 90 -70.00 -87.88 -121.48
CA THR A 91 -71.96 -87.00 -118.23
CA ILE A 92 -73.66 -90.42 -118.02
CA PRO A 93 -72.73 -93.10 -120.43
CA VAL A 94 -75.08 -95.44 -122.10
CA GLY A 95 -74.37 -98.51 -120.09
CA ALA A 96 -74.55 -96.94 -116.62
CA ILE A 97 -76.66 -98.52 -113.94
CA MET A 98 -78.44 -97.01 -110.96
CA MET A 99 -81.53 -97.52 -108.79
CA TRP A 100 -85.17 -96.35 -109.12
CA ALA A 101 -87.49 -95.71 -106.20
CA ALA A 102 -90.55 -96.64 -108.10
CA ASP A 103 -92.66 -98.59 -110.48
CA SER A 104 -92.55 -96.87 -113.84
CA LEU A 105 -90.09 -94.91 -115.87
CA PRO A 106 -90.75 -91.55 -117.61
CA SER A 107 -88.40 -91.37 -120.78
CA ASP A 108 -87.57 -94.01 -122.70
CA ALA A 109 -83.85 -93.19 -122.31
CA TRP A 110 -83.65 -95.79 -119.46
CA ARG A 111 -85.15 -99.15 -118.88
CA PHE A 112 -85.40 -101.60 -116.24
CA CYS A 113 -82.97 -104.39 -115.83
CA HIS A 114 -85.85 -107.03 -115.91
CA GLY A 115 -84.20 -108.04 -118.37
CA GLY A 116 -85.91 -107.93 -121.76
CA THR A 117 -84.46 -106.22 -124.79
CA VAL A 118 -83.80 -103.06 -126.67
CA SER A 119 -83.63 -102.36 -130.51
CA ALA A 120 -80.24 -101.80 -132.02
CA SER A 121 -81.72 -99.17 -134.27
CA ASP A 122 -83.38 -97.17 -131.41
CA CYS A 123 -80.20 -97.77 -129.26
CA PRO A 124 -77.04 -97.98 -131.41
CA LEU A 125 -74.65 -97.03 -128.69
CA TYR A 126 -75.87 -99.72 -126.20
CA ALA A 127 -75.54 -102.29 -128.98
CA SER A 128 -71.96 -101.05 -129.29
CA ARG A 129 -70.65 -100.72 -125.71
CA ILE A 130 -72.65 -103.73 -124.61
CA GLY A 131 -73.68 -105.97 -127.51
CA THR A 132 -74.80 -109.33 -126.36
CA ARG A 133 -73.05 -109.89 -123.06
CA TYR A 134 -76.44 -109.91 -121.28
CA GLY A 135 -78.12 -112.10 -123.98
CA GLY A 136 -80.51 -111.15 -126.81
CA SER A 137 -79.01 -110.62 -130.30
CA SER A 138 -76.97 -108.04 -132.03
CA SER A 139 -80.16 -106.52 -133.45
CA ASN A 140 -82.04 -106.85 -130.29
CA PRO A 141 -79.50 -106.63 -127.55
CA GLY A 142 -80.34 -108.04 -124.09
CA LEU A 143 -80.91 -106.04 -120.98
CA PRO A 144 -79.46 -107.53 -117.82
CA ASP A 145 -81.77 -109.13 -115.39
CA MET A 146 -81.29 -108.00 -111.96
CA ARG A 147 -84.52 -108.83 -110.16
CA GLY A 148 -83.70 -109.16 -107.13
CA LEU A 149 -80.01 -109.77 -107.02
CA PHE A 150 -77.65 -107.74 -104.84
CA VAL A 151 -74.59 -106.24 -106.50
CA ARG A 152 -70.82 -106.85 -105.66
CA GLY A 153 -67.80 -105.28 -107.45
CA SER A 154 -65.95 -107.22 -110.24
CA GLY A 155 -62.52 -108.69 -108.70
CA ARG A 156 -60.52 -108.58 -105.90
CA GLY A 157 -59.66 -105.39 -104.40
CA SER A 158 -57.04 -103.85 -102.02
CA HIS A 159 -59.32 -104.56 -99.09
CA LEU A 160 -59.72 -108.39 -99.88
CA THR A 161 -56.26 -108.55 -100.87
CA ASN A 162 -54.44 -107.14 -97.85
CA PRO A 163 -52.33 -109.94 -96.80
CA ASN A 164 -53.32 -109.32 -93.25
CA VAL A 165 -56.80 -110.51 -94.06
CA ASN A 166 -55.34 -113.41 -96.05
CA GLY A 167 -53.32 -116.49 -94.68
CA ASN A 168 -54.36 -118.49 -91.62
CA ASP A 169 -54.30 -116.92 -88.12
CA GLN A 170 -52.34 -118.07 -84.87
CA PHE A 171 -55.01 -120.74 -84.18
CA GLY A 172 -54.62 -122.07 -87.74
CA LYS A 173 -58.01 -120.78 -89.20
CA PRO A 174 -58.02 -118.88 -92.54
CA ARG A 175 -58.65 -115.12 -92.32
CA LEU A 176 -61.97 -113.55 -93.41
CA GLY A 177 -60.62 -112.45 -96.88
CA VAL A 178 -59.72 -116.04 -98.02
CA GLY A 179 -61.86 -117.44 -100.72
CA CYS A 180 -63.68 -114.25 -101.30
CA THR A 181 -64.46 -112.87 -104.76
CA GLY A 182 -65.11 -111.05 -107.57
CA GLY A 183 -66.75 -111.98 -110.73
CA TYR A 184 -66.38 -110.86 -114.40
CA VAL A 185 -68.25 -108.56 -116.05
CA GLY A 186 -71.86 -109.66 -115.28
CA GLU A 187 -71.18 -112.93 -113.50
CA VAL A 188 -73.75 -114.03 -110.91
CA GLN A 189 -72.97 -115.91 -107.80
CA ILE A 190 -75.34 -117.78 -105.63
CA GLN A 191 -76.16 -117.53 -101.91
CA GLN A 192 -73.64 -118.77 -99.49
CA MET A 193 -72.16 -119.34 -96.05
CA SER A 194 -68.75 -119.79 -94.59
CA TYR A 195 -67.89 -123.15 -93.10
CA HIS A 196 -68.09 -123.01 -89.32
CA LYS A 197 -68.43 -125.15 -86.16
CA HIS A 198 -70.19 -125.07 -82.84
CA ALA A 199 -69.62 -126.89 -79.50
CA GLY A 200 -72.02 -129.79 -78.18
CA GLY A 201 -73.71 -131.71 -75.17
CA PHE A 202 -71.94 -135.07 -76.05
CA GLY A 203 -68.42 -134.86 -75.01
CA GLU A 204 -65.94 -136.75 -72.96
CA HIS A 205 -62.79 -136.69 -70.56
CA ASP A 206 -60.37 -137.40 -73.43
CA ASP A 207 -59.58 -134.71 -76.06
CA LEU A 208 -59.99 -136.85 -78.89
CA GLY A 209 -63.07 -135.02 -80.41
CA ALA A 210 -63.33 -135.83 -84.28
CA PHE A 211 -63.30 -132.10 -84.71
CA GLY A 212 -62.09 -130.08 -81.66
CA ASN A 213 -63.05 -130.31 -77.97
CA THR A 214 -63.30 -128.13 -74.97
CA ARG A 215 -61.39 -127.68 -72.09
CA ARG A 216 -62.86 -129.77 -69.37
CA SER A 217 -65.43 -127.87 -67.14
CA ASN A 218 -69.21 -128.52 -66.57
CA PHE A 219 -70.03 -130.67 -69.55
CA VAL A 220 -71.94 -133.96 -69.59
CA GLY A 221 -70.36 -137.25 -70.69
CA THR A 222 -69.95 -140.91 -69.89
CA ARG A 223 -67.19 -142.85 -68.49
CA LYS A 224 -68.08 -146.06 -68.92
CA GLY A 225 -67.33 -146.70 -72.21
CA LEU A 226 -66.75 -146.17 -75.42
CA ASP A 227 -65.23 -147.11 -78.56
CA TRP A 228 -64.26 -145.58 -81.60
CA ASP A 229 -65.81 -147.06 -84.72
CA ASN A 230 -69.32 -145.74 -84.62
CA ARG A 231 -70.95 -143.09 -86.55
CA SER A 232 -71.24 -139.54 -86.26
CA TYR A 233 -74.76 -138.05 -85.71
CA PHE A 234 -75.87 -134.63 -87.25
CA THR A 235 -76.95 -131.57 -86.42
CA ASN A 236 -80.50 -130.49 -87.03
CA ASP A 237 -80.88 -127.61 -89.55
CA GLY A 238 -81.48 -124.67 -87.31
CA TYR A 239 -85.31 -124.57 -87.27
CA GLU A 240 -87.03 -124.66 -83.96
CA ILE A 241 -88.07 -128.05 -83.22
CA ASP A 242 -90.55 -127.70 -80.46
CA PRO A 243 -93.46 -125.22 -80.67
CA GLU A 244 -93.69 -121.56 -79.70
CA SER A 245 -96.74 -122.50 -77.56
CA GLN A 246 -94.33 -124.70 -75.26
CA ARG A 247 -90.92 -123.13 -75.24
CA ASN A 248 -89.04 -120.34 -73.58
CA SER A 249 -85.38 -119.36 -73.26
CA LYS A 250 -83.64 -122.72 -72.91
CA TYR A 251 -85.69 -124.74 -75.27
CA THR A 252 -85.31 -122.18 -77.87
CA LEU A 253 -82.43 -122.24 -80.33
CA ASN A 254 -82.28 -118.89 -82.23
CA ARG A 255 -83.25 -115.36 -82.69
CA PRO A 256 -86.70 -114.96 -84.11
CA GLU A 257 -86.76 -115.87 -87.78
CA LEU A 258 -83.00 -115.78 -88.24
CA ILE A 259 -83.10 -119.19 -89.85
CA GLY A 260 -84.86 -119.48 -93.24
CA ASN A 261 -84.33 -120.24 -96.86
CA GLU A 262 -81.72 -117.60 -97.68
CA THR A 263 -78.59 -116.04 -96.50
CA ARG A 264 -78.80 -112.44 -96.76
CA PRO A 265 -78.32 -109.25 -95.02
CA TRP A 266 -80.63 -106.49 -94.01
CA ASN A 267 -81.88 -104.75 -97.13
CA ILE A 268 -84.26 -102.56 -99.15
CA SER A 269 -85.56 -103.88 -102.56
CA LEU A 270 -85.38 -101.37 -105.45
CA ASN A 271 -85.36 -101.52 -109.28
CA TYR A 272 -82.09 -101.24 -111.02
CA ILE A 273 -82.23 -99.51 -114.42
CA ILE A 274 -79.80 -98.76 -117.24
CA LYS A 275 -79.25 -95.97 -119.66
CA VAL A 276 -80.09 -97.02 -123.16
CA LYS A 277 -80.40 -93.99 -124.86
CA GLU A 278 -78.82 -90.63 -125.46
CA LEU B 1 -76.85 -22.17 -162.70
CA ASN B 2 -73.79 -24.03 -161.44
CA GLY B 3 -73.40 -21.44 -158.71
CA ARG B 4 -76.64 -22.02 -156.87
CA GLY B 5 -75.69 -25.22 -155.08
CA SER B 6 -78.54 -27.05 -153.36
CA THR B 7 -78.61 -26.66 -149.53
CA THR B 8 -81.09 -27.84 -146.92
CA SER B 9 -82.90 -24.49 -147.20
CA MET B 10 -82.59 -23.69 -150.90
CA ARG B 11 -83.36 -25.63 -154.08
CA GLY B 12 -80.37 -25.98 -156.36
CA VAL B 13 -78.11 -28.19 -158.48
CA VAL B 14 -76.07 -31.04 -157.01
CA LYS B 15 -73.14 -33.30 -157.70
CA LEU B 16 -73.81 -37.03 -157.17
CA THR B 17 -71.83 -39.10 -154.71
CA THR B 18 -71.85 -42.88 -154.74
CA THR B 19 -70.29 -43.06 -151.30
CA ALA B 20 -72.65 -42.26 -148.48
CA GLY B 21 -71.11 -39.95 -145.92
CA SER B 22 -68.68 -38.36 -148.37
CA GLN B 23 -68.97 -35.26 -150.53
CA SER B 24 -68.01 -35.50 -154.18
CA GLY B 25 -64.86 -33.40 -154.64
CA GLY B 26 -65.39 -31.31 -151.50
CA ASP B 27 -68.75 -30.04 -152.66
CA ALA B 28 -71.33 -29.40 -149.93
CA SER B 29 -74.04 -29.66 -152.61
CA SER B 30 -73.61 -33.39 -153.02
CA ALA B 31 -76.60 -35.77 -152.95
CA LEU B 32 -76.72 -39.56 -152.87
CA ALA B 33 -76.77 -41.09 -156.32
CA TRP B 34 -79.25 -43.78 -157.33
CA ASN B 35 -76.32 -46.23 -157.04
CA ALA B 36 -74.80 -45.00 -153.79
CA ASP B 37 -73.53 -47.64 -151.35
CA VAL B 38 -76.63 -47.57 -149.11
CA ILE B 39 -78.49 -50.42 -147.49
CA HIS B 40 -82.10 -50.50 -148.66
CA GLN B 41 -85.30 -52.19 -147.50
CA ARG B 42 -85.32 -55.00 -150.05
CA GLY B 43 -82.71 -57.40 -148.72
CA GLY B 44 -79.88 -59.36 -150.32
CA GLN B 45 -77.14 -56.94 -149.25
CA THR B 46 -73.94 -56.92 -147.30
CA ILE B 47 -72.59 -54.51 -144.66
CA ASN B 48 -68.80 -55.01 -144.82
CA GLY B 49 -68.02 -54.46 -141.17
CA THR B 50 -69.73 -54.30 -137.84
CA LEU B 51 -73.27 -53.20 -137.06
CA ARG B 52 -74.66 -51.98 -133.75
CA ILE B 53 -78.47 -51.96 -133.12
CA ASN B 54 -79.66 -50.29 -129.93
CA ASN B 55 -82.92 -52.20 -129.47
CA THR B 56 -84.40 -55.62 -130.31
CA LEU B 57 -83.45 -57.49 -133.47
CA THR B 58 -86.35 -59.46 -134.95
CA ILE B 59 -85.61 -62.07 -137.62
CA ALA B 60 -89.04 -62.99 -138.98
CA SER B 61 -87.95 -66.14 -140.81
CA GLY B 62 -84.87 -68.09 -141.80
CA GLY B 63 -82.85 -67.90 -138.65
CA ALA B 64 -79.21 -66.86 -138.45
CA ASN B 65 -75.94 -68.39 -139.52
CA ILE B 66 -73.28 -66.90 -137.30
CA THR B 67 -69.53 -67.35 -137.66
CA GLY B 68 -67.93 -66.50 -134.36
CA THR B 69 -69.15 -66.58 -130.75
CA VAL B 70 -72.58 -65.44 -129.59
CA ASN B 71 -72.58 -63.84 -126.13
CA MET B 72 -76.07 -63.29 -124.74
CA THR B 73 -77.67 -62.23 -121.50
CA GLY B 74 -80.35 -64.90 -121.77
CA GLY B 75 -81.25 -67.66 -124.21
CA TYR B 76 -84.39 -69.66 -124.93
CA ILE B 77 -85.30 -72.19 -127.64
CA GLN B 78 -89.08 -72.52 -128.17
CA GLY B 79 -89.60 -70.93 -124.74
CA LYS B 80 -87.22 -73.34 -122.94
CA ARG B 81 -84.16 -72.02 -121.12
CA VAL B 82 -80.77 -72.87 -122.63
CA VAL B 83 -78.49 -74.89 -120.33
CA THR B 84 -74.95 -73.72 -119.57
CA GLN B 85 -71.88 -75.64 -118.32
CA ASN B 86 -72.01 -74.39 -114.75
CA GLU B 87 -75.29 -76.33 -114.42
CA ILE B 88 -73.75 -79.73 -115.08
CA ASP B 89 -72.48 -80.13 -111.57
CA ARG B 90 -75.92 -79.48 -110.05
CA THR B 91 -77.44 -82.82 -112.24
CA ILE B 92 -74.73 -85.30 -111.17
CA PRO B 93 -72.07 -84.22 -108.80
CA VAL B 94 -68.46 -85.08 -109.02
CA GLY B 95 -68.31 -87.67 -106.35
CA ALA B 96 -71.34 -89.70 -107.37
CA ILE B 97 -71.11 -93.43 -107.74
CA MET B 98 -73.01 -95.87 -109.94
CA MET B 99 -72.57 -99.17 -111.77
CA TRP B 100 -71.24 -100.07 -115.26
CA ALA B 101 -72.33 -103.08 -117.26
CA ALA B 102 -69.05 -103.46 -118.98
CA ASP B 103 -65.34 -103.48 -119.32
CA SER B 104 -64.26 -100.06 -120.57
CA LEU B 105 -65.32 -96.51 -120.17
CA PRO B 106 -65.84 -93.97 -123.00
CA SER B 107 -65.08 -90.38 -121.53
CA ASP B 108 -62.73 -89.71 -119.23
CA ALA B 109 -65.29 -87.93 -117.01
CA TRP B 110 -65.69 -91.20 -115.00
CA ARG B 111 -63.35 -93.84 -113.80
CA PHE B 112 -63.49 -97.07 -112.21
CA CYS B 113 -63.31 -97.52 -108.52
CA HIS B 114 -60.29 -99.98 -108.87
CA GLY B 115 -58.94 -97.78 -107.09
CA GLY B 116 -55.98 -95.93 -108.57
CA THR B 117 -55.77 -92.17 -108.82
CA VAL B 118 -56.74 -89.00 -110.52
CA SER B 119 -54.77 -85.68 -111.06
CA ALA B 120 -55.82 -82.71 -109.00
CA SER B 121 -55.18 -80.48 -111.97
CA ASP B 122 -57.36 -82.54 -114.41
CA CYS B 123 -59.97 -82.99 -111.58
CA PRO B 124 -60.03 -79.99 -109.19
CA LEU B 125 -63.51 -80.55 -107.93
CA TYR B 126 -62.94 -84.22 -106.91
CA ALA B 127 -59.80 -83.10 -105.07
CA SER B 128 -62.11 -80.66 -103.27
CA ARG B 129 -65.25 -82.65 -102.37
CA ILE B 130 -63.19 -85.77 -101.77
CA GLY B 131 -59.51 -85.03 -101.15
CA THR B 132 -57.72 -87.93 -99.66
CA ARG B 133 -60.38 -89.91 -97.84
CA TYR B 134 -59.83 -92.83 -100.23
CA GLY B 135 -55.98 -92.52 -100.13
CA GLY B 136 -53.54 -91.01 -102.66
CA SER B 137 -52.36 -87.43 -102.07
CA SER B 138 -53.78 -84.01 -102.39
CA SER B 139 -52.17 -83.69 -105.82
CA ASN B 140 -53.07 -87.12 -106.85
CA PRO B 141 -56.21 -87.96 -104.99
CA GLY B 142 -57.19 -91.64 -104.51
CA LEU B 143 -60.06 -93.38 -106.13
CA PRO B 144 -61.94 -95.80 -103.91
CA ASP B 145 -61.40 -99.45 -104.42
CA MET B 146 -64.52 -101.34 -104.67
CA ARG B 147 -63.58 -104.58 -106.41
CA GLY B 148 -65.73 -106.68 -105.44
CA LEU B 149 -67.27 -105.34 -102.31
CA PHE B 150 -71.03 -105.02 -101.83
CA VAL B 151 -72.36 -101.67 -100.66
CA ARG B 152 -74.42 -100.85 -97.43
CA GLY B 153 -75.68 -97.38 -96.35
CA SER B 154 -73.67 -95.28 -93.80
CA GLY B 155 -75.50 -95.54 -90.22
CA ARG B 156 -78.34 -96.72 -88.68
CA GLY B 157 -81.61 -96.04 -90.14
CA SER B 158 -85.34 -95.97 -89.12
CA HIS B 159 -85.66 -99.57 -90.19
CA LEU B 160 -82.72 -100.88 -87.95
CA THR B 161 -83.70 -98.60 -85.33
CA ASN B 162 -87.37 -99.45 -84.79
CA PRO B 163 -87.44 -100.54 -81.32
CA ASN B 164 -89.59 -103.44 -82.29
CA VAL B 165 -86.65 -104.94 -84.10
CA ASN B 166 -84.40 -104.06 -81.15
CA GLY B 167 -84.48 -105.56 -77.53
CA ASN B 168 -84.74 -109.29 -76.80
CA ASP B 169 -87.94 -111.24 -77.65
CA GLN B 170 -90.32 -113.34 -75.29
CA PHE B 171 -87.87 -116.29 -75.42
CA GLY B 172 -85.00 -113.97 -74.40
CA LYS B 173 -83.14 -113.85 -77.84
CA PRO B 174 -82.12 -110.43 -79.29
CA ARG B 175 -84.14 -109.20 -82.26
CA LEU B 176 -82.72 -109.19 -85.83
CA GLY B 177 -81.81 -105.41 -85.73
CA VAL B 178 -79.41 -105.74 -82.70
CA GLY B 179 -75.81 -105.29 -83.46
CA CYS B 180 -76.40 -104.24 -86.98
CA THR B 181 -74.61 -101.33 -88.65
CA GLY B 182 -73.56 -98.65 -90.49
CA GLY B 183 -70.18 -97.40 -91.20
CA TYR B 184 -68.67 -93.92 -91.86
CA VAL B 185 -68.04 -92.47 -94.87
CA GLY B 186 -66.09 -95.22 -96.76
CA GLU B 187 -65.64 -97.73 -93.96
CA VAL B 188 -65.38 -101.40 -95.01
CA GLN B 189 -66.68 -104.27 -93.02
CA ILE B 190 -65.79 -107.86 -93.39
CA GLN B 191 -67.92 -110.98 -94.00
CA GLN B 192 -69.98 -112.24 -91.19
CA MET B 193 -72.58 -114.44 -89.56
CA SER B 194 -74.94 -114.19 -86.67
CA TYR B 195 -74.36 -116.46 -83.71
CA HIS B 196 -76.77 -119.39 -83.77
CA LYS B 197 -77.36 -122.92 -82.43
CA HIS B 198 -78.66 -126.24 -83.63
CA ALA B 199 -80.02 -129.36 -81.83
CA GLY B 200 -77.97 -132.77 -81.59
CA GLY B 201 -77.94 -136.71 -81.39
CA PHE B 202 -76.27 -136.73 -77.86
CA GLY B 203 -78.81 -135.82 -75.36
CA GLU B 204 -80.25 -137.11 -72.16
CA HIS B 205 -83.38 -137.47 -69.76
CA ASP B 206 -82.33 -134.48 -67.63
CA ASP B 207 -82.62 -130.89 -68.99
CA LEU B 208 -79.34 -129.88 -67.99
CA GLY B 209 -77.92 -129.30 -71.55
CA ALA B 210 -74.83 -126.82 -71.39
CA PHE B 211 -76.76 -124.80 -73.90
CA GLY B 212 -80.49 -125.66 -74.22
CA ASN B 213 -82.25 -129.04 -74.60
CA THR B 214 -85.33 -130.48 -76.13
CA ARG B 215 -88.39 -131.62 -74.88
CA ARG B 216 -88.17 -135.29 -74.43
CA SER B 217 -89.44 -137.34 -77.50
CA ASN B 218 -87.55 -139.80 -79.82
CA PHE B 219 -83.97 -138.86 -79.12
CA VAL B 220 -81.07 -141.20 -78.31
CA GLY B 221 -79.22 -141.10 -74.98
CA THR B 222 -77.79 -143.17 -72.17
CA ARG B 223 -78.92 -143.85 -68.77
CA LYS B 224 -76.32 -145.36 -67.27
CA GLY B 225 -74.21 -142.79 -66.45
CA LEU B 226 -72.75 -139.82 -66.52
CA ASP B 227 -70.94 -137.15 -64.92
CA TRP B 228 -70.37 -133.68 -65.38
CA ASP B 229 -66.73 -132.67 -65.66
CA ASN B 230 -65.83 -133.76 -69.14
CA ARG B 231 -65.35 -131.84 -72.21
CA SER B 232 -67.47 -130.59 -74.80
CA TYR B 233 -66.95 -131.96 -78.39
CA PHE B 234 -67.41 -129.76 -81.58
CA THR B 235 -69.20 -129.52 -84.39
CA ASN B 236 -67.69 -130.20 -87.77
CA ASP B 237 -67.59 -127.14 -90.12
CA GLY B 238 -70.44 -127.82 -92.43
CA TYR B 239 -68.62 -129.56 -95.32
CA GLU B 240 -69.84 -132.93 -96.36
CA ILE B 241 -67.81 -135.50 -94.81
CA ASP B 242 -68.55 -138.59 -96.76
CA PRO B 243 -68.44 -138.65 -100.59
CA GLU B 244 -71.08 -137.85 -103.18
CA SER B 245 -70.39 -141.32 -104.68
CA GLN B 246 -71.77 -142.96 -101.33
CA ARG B 247 -74.40 -140.70 -99.87
CA ASN B 248 -78.02 -139.86 -100.28
CA SER B 249 -80.63 -137.99 -98.23
CA LYS B 250 -79.73 -138.96 -94.67
CA TYR B 251 -76.02 -139.00 -94.93
CA THR B 252 -76.05 -135.69 -96.48
CA LEU B 253 -75.86 -132.52 -94.44
CA ASN B 254 -76.68 -129.48 -96.67
CA ARG B 255 -77.98 -127.98 -99.79
CA PRO B 256 -75.59 -128.30 -102.67
CA GLU B 257 -72.67 -125.93 -102.28
CA LEU B 258 -74.30 -123.80 -99.58
CA ILE B 259 -71.22 -124.14 -97.43
CA GLY B 260 -68.01 -122.49 -98.70
CA ASN B 261 -65.50 -119.81 -97.96
CA GLU B 262 -67.82 -116.80 -97.85
CA THR B 263 -71.04 -115.57 -96.54
CA ARG B 264 -72.88 -113.85 -99.14
CA PRO B 265 -76.11 -113.53 -100.85
CA TRP B 266 -77.22 -114.12 -104.36
CA ASN B 267 -75.63 -111.53 -106.60
CA ILE B 268 -74.44 -110.09 -109.93
CA SER B 269 -70.84 -108.66 -110.16
CA LEU B 270 -70.54 -105.24 -111.85
CA ASN B 271 -68.01 -102.36 -111.92
CA TYR B 272 -68.68 -99.39 -109.78
CA ILE B 273 -67.44 -96.07 -111.20
CA ILE B 274 -67.29 -92.46 -110.05
CA LYS B 275 -67.66 -89.11 -111.64
CA VAL B 276 -64.38 -87.27 -111.70
CA LYS B 277 -64.90 -84.76 -114.06
CA GLU B 278 -67.27 -82.06 -115.19
CA LEU C 1 -84.89 -22.07 -161.83
CA ASN C 2 -86.13 -22.46 -158.28
CA GLY C 3 -89.56 -23.28 -159.63
CA ARG C 4 -88.74 -26.44 -161.52
CA GLY C 5 -88.45 -28.80 -158.56
CA SER C 6 -87.00 -32.22 -159.34
CA THR C 7 -89.59 -35.06 -159.47
CA THR C 8 -89.27 -38.72 -160.37
CA SER C 9 -90.14 -37.86 -163.99
CA MET C 10 -88.45 -34.49 -164.48
CA ARG C 11 -84.93 -33.22 -163.86
CA GLY C 12 -84.81 -30.24 -161.53
CA VAL C 13 -83.35 -28.54 -158.47
CA VAL C 14 -83.62 -30.00 -154.97
CA LYS C 15 -83.34 -29.12 -151.33
CA LEU C 16 -81.13 -31.47 -149.27
CA THR C 17 -82.47 -33.38 -146.28
CA THR C 18 -80.20 -35.02 -143.73
CA THR C 19 -83.05 -37.06 -142.31
CA ALA C 20 -84.09 -39.98 -144.47
CA GLY C 21 -87.84 -40.26 -144.79
CA SER C 22 -88.47 -36.57 -144.21
CA GLN C 23 -88.80 -33.66 -146.63
CA SER C 24 -86.86 -30.50 -145.92
CA GLY C 25 -89.41 -27.80 -145.06
CA GLY C 26 -92.34 -29.57 -146.73
CA ASP C 27 -90.66 -29.64 -150.11
CA ALA C 28 -91.42 -32.66 -152.30
CA SER C 29 -88.22 -31.91 -154.23
CA SER C 30 -85.97 -33.01 -151.40
CA ALA C 31 -83.10 -35.46 -151.96
CA LEU C 32 -80.85 -37.23 -149.48
CA ALA C 33 -77.77 -35.24 -148.63
CA TRP C 34 -74.28 -36.75 -148.66
CA ASN C 35 -74.51 -36.71 -144.84
CA ALA C 36 -78.05 -38.02 -144.40
CA ASP C 37 -78.67 -40.49 -141.58
CA VAL C 38 -78.53 -43.60 -143.79
CA ILE C 39 -76.92 -46.95 -143.14
CA HIS C 40 -74.29 -47.70 -145.78
CA GLN C 41 -72.41 -50.79 -146.93
CA ARG C 42 -69.13 -50.06 -145.15
CA GLY C 43 -69.89 -50.94 -141.54
CA GLY C 44 -69.16 -49.28 -138.22
CA GLN C 45 -72.65 -47.81 -137.81
CA THR C 46 -75.52 -47.88 -135.39
CA ILE C 47 -79.29 -48.26 -135.91
CA ASN C 48 -80.82 -46.64 -132.81
CA GLY C 49 -83.83 -48.89 -132.46
CA THR C 50 -85.14 -52.18 -133.66
CA LEU C 51 -84.47 -53.91 -136.96
CA ARG C 52 -86.55 -56.58 -138.67
CA ILE C 53 -85.03 -58.78 -141.44
CA ASN C 54 -87.41 -61.07 -143.29
CA ASN C 55 -84.91 -63.75 -144.37
CA THR C 56 -81.60 -65.26 -143.16
CA LEU C 57 -79.00 -63.18 -141.34
CA THR C 58 -75.45 -64.19 -142.18
CA ILE C 59 -72.61 -62.92 -139.99
CA ALA C 60 -69.46 -63.82 -141.94
CA SER C 61 -67.02 -63.28 -139.08
CA GLY C 62 -66.81 -61.97 -135.53
CA GLY C 63 -69.94 -63.41 -134.05
CA ALA C 64 -72.53 -61.47 -132.08
CA ASN C 65 -72.62 -59.82 -128.70
CA ILE C 66 -76.24 -59.69 -127.67
CA THR C 67 -77.66 -57.92 -124.63
CA GLY C 68 -81.04 -59.40 -123.90
CA THR C 69 -82.63 -62.78 -124.57
CA VAL C 70 -82.29 -64.74 -127.80
CA ASN C 71 -85.40 -66.74 -128.74
CA MET C 72 -84.83 -69.16 -131.59
CA THR C 73 -86.67 -71.94 -133.35
CA GLY C 74 -83.55 -74.11 -133.51
CA GLY C 75 -79.94 -73.82 -132.40
CA TYR C 76 -76.70 -75.55 -133.38
CA ILE C 77 -73.05 -74.96 -132.43
CA GLN C 78 -70.60 -76.40 -135.00
CA GLY C 79 -73.41 -78.62 -136.32
CA LYS C 80 -74.34 -79.99 -132.85
CA ARG C 81 -77.82 -79.45 -131.43
CA VAL C 82 -78.10 -77.11 -128.43
CA VAL C 83 -79.51 -78.74 -125.29
CA THR C 84 -82.48 -77.22 -123.45
CA GLN C 85 -83.69 -77.64 -119.85
CA ASN C 86 -86.59 -79.93 -120.63
CA GLU C 87 -83.99 -82.53 -121.70
CA ILE C 88 -82.36 -82.79 -118.29
CA ASP C 89 -84.97 -85.12 -116.93
CA ARG C 90 -84.56 -87.56 -119.82
CA THR C 91 -81.01 -88.06 -118.82
CA ILE C 92 -81.58 -88.74 -115.09
CA PRO C 93 -85.05 -88.85 -113.76
CA VAL C 94 -86.19 -87.41 -110.52
CA GLY C 95 -86.47 -90.55 -108.54
CA ALA C 96 -83.11 -92.08 -109.46
CA ILE C 97 -80.81 -93.36 -106.78
CA MET C 98 -77.03 -93.65 -106.65
CA MET C 99 -74.13 -93.52 -104.18
CA TRP C 100 -72.03 -90.65 -102.76
CA ALA C 101 -68.44 -90.96 -101.62
CA ALA C 102 -68.75 -88.31 -99.04
CA ASP C 103 -70.35 -86.35 -96.29
CA SER C 104 -72.09 -83.36 -97.85
CA LEU C 105 -73.91 -82.56 -101.02
CA PRO C 106 -73.32 -79.50 -103.26
CA SER C 107 -76.75 -78.65 -105.04
CA ASP C 108 -79.77 -79.04 -103.65
CA ALA C 109 -80.97 -81.11 -106.64
CA TRP C 110 -80.15 -84.31 -104.64
CA ARG C 111 -80.54 -85.33 -101.08
CA PHE C 112 -79.58 -88.07 -98.93
CA CYS C 113 -81.77 -91.02 -98.32
CA HIS C 114 -81.61 -90.47 -94.45
CA GLY C 115 -84.70 -90.23 -94.86
CA GLY C 116 -86.31 -86.90 -94.00
CA THR C 117 -88.46 -84.92 -96.37
CA VAL C 118 -88.74 -82.64 -99.31
CA SER C 119 -91.32 -79.83 -100.13
CA ALA C 120 -93.86 -80.55 -102.80
CA SER C 121 -93.59 -76.99 -103.98
CA ASP C 122 -89.73 -77.04 -104.30
CA CYS C 123 -90.00 -80.61 -105.80
CA PRO C 124 -93.24 -81.12 -107.75
CA LEU C 125 -91.99 -83.93 -109.88
CA TYR C 126 -90.79 -86.10 -106.94
CA ALA C 127 -94.17 -85.58 -105.30
CA SER C 128 -95.62 -86.90 -108.56
CA ARG C 129 -93.47 -89.94 -109.48
CA ILE C 130 -93.05 -90.87 -105.84
CA GLY C 131 -95.71 -89.31 -103.59
CA THR C 132 -95.84 -90.93 -100.26
CA ARG C 133 -94.54 -94.43 -100.80
CA TYR C 134 -91.55 -93.67 -98.53
CA GLY C 135 -93.71 -91.84 -95.89
CA GLY C 136 -94.19 -88.10 -95.23
CA SER C 137 -97.25 -86.40 -96.75
CA SER C 138 -98.35 -85.26 -100.11
CA SER C 139 -97.13 -81.75 -99.30
CA ASN C 140 -94.02 -82.92 -97.70
CA PRO C 141 -93.16 -86.17 -99.36
CA GLY C 142 -90.83 -88.64 -97.58
CA LEU C 143 -87.34 -89.50 -98.61
CA PRO C 144 -86.41 -93.15 -98.25
CA ASP C 145 -84.22 -94.16 -95.43
CA MET C 146 -81.40 -96.24 -96.44
CA ARG C 147 -78.85 -95.94 -93.65
CA GLY C 148 -77.18 -98.61 -93.80
CA LEU C 149 -79.21 -101.10 -95.68
CA PHE C 150 -77.84 -103.06 -98.65
CA VAL C 151 -79.89 -103.07 -101.83
CA ARG C 152 -81.41 -106.10 -103.75
CA GLY C 153 -83.52 -105.97 -106.97
CA SER C 154 -87.38 -106.04 -106.79
CA GLY C 155 -88.61 -109.75 -107.80
CA ARG C 156 -87.50 -112.76 -109.02
CA GLY C 157 -85.36 -112.84 -111.95
CA SER C 158 -84.19 -115.30 -114.71
CA HIS C 159 -81.23 -116.25 -112.56
CA LEU C 160 -83.36 -117.20 -109.42
CA THR C 161 -85.89 -118.65 -111.55
CA ASN C 162 -83.92 -121.11 -113.65
CA PRO C 163 -85.48 -124.31 -112.81
CA ASN C 164 -82.08 -125.84 -112.48
CA VAL C 165 -81.51 -123.79 -109.39
CA ASN C 166 -85.02 -124.61 -108.19
CA GLY C 167 -86.43 -128.10 -107.07
CA ASN C 168 -84.58 -130.45 -104.71
CA ASP C 169 -81.30 -132.14 -105.79
CA GLN C 170 -80.41 -135.99 -106.03
CA PHE C 171 -79.79 -136.09 -102.23
CA GLY C 172 -83.23 -134.53 -101.64
CA LYS C 173 -82.03 -130.97 -100.51
CA PRO C 174 -83.61 -127.86 -102.13
CA ARG C 175 -81.42 -125.96 -104.58
CA LEU C 176 -79.85 -122.57 -103.71
CA GLY C 177 -82.58 -120.52 -105.58
CA VAL C 178 -85.51 -121.89 -103.46
CA GLY C 179 -87.08 -119.45 -101.14
CA CYS C 180 -85.15 -116.55 -102.44
CA THR C 181 -86.67 -113.15 -103.15
CA GLY C 182 -87.58 -110.06 -104.28
CA GLY C 183 -89.53 -107.38 -102.66
CA TYR C 184 -91.90 -104.62 -103.93
CA VAL C 185 -91.13 -101.39 -104.58
CA GLY C 186 -89.29 -100.28 -101.37
CA GLU C 187 -89.82 -103.35 -99.22
CA VAL C 188 -87.13 -104.07 -96.61
CA GLN C 189 -86.09 -107.47 -95.53
CA ILE C 190 -84.18 -108.40 -92.48
CA GLN C 191 -80.90 -110.31 -91.97
CA GLN C 192 -80.94 -113.97 -92.51
CA MET C 193 -79.41 -117.41 -92.87
CA SER C 194 -80.23 -120.60 -94.64
CA TYR C 195 -81.09 -123.61 -92.55
CA HIS C 196 -78.14 -125.98 -92.36
CA LYS C 197 -76.64 -128.88 -90.35
CA HIS C 198 -73.28 -130.04 -89.13
CA ALA C 199 -71.92 -133.45 -87.95
CA GLY C 200 -71.10 -134.23 -84.12
CA GLY C 201 -68.92 -136.14 -81.42
CA PHE C 202 -71.99 -138.08 -80.03
CA GLY C 203 -72.88 -140.76 -82.40
CA GLU C 204 -73.45 -144.46 -82.43
CA HIS C 205 -73.23 -147.89 -84.39
CA ASP C 206 -76.87 -147.70 -85.53
CA ASP C 207 -77.96 -145.17 -88.22
CA LEU C 208 -80.81 -143.99 -86.45
CA GLY C 209 -79.59 -140.33 -85.95
CA ALA C 210 -82.67 -137.92 -85.35
CA PHE C 211 -81.30 -135.99 -88.24
CA GLY C 212 -78.72 -137.84 -90.42
CA ASN C 213 -75.63 -139.87 -89.47
CA THR C 214 -72.29 -140.76 -90.83
CA ARG C 215 -70.90 -143.63 -92.26
CA ARG C 216 -69.14 -145.53 -89.61
CA SER C 217 -65.35 -144.68 -89.30
CA ASN C 218 -63.36 -143.14 -86.36
CA PHE C 219 -66.13 -141.61 -84.32
CA VAL C 220 -66.72 -141.94 -80.57
CA GLY C 221 -69.82 -143.61 -79.12
CA THR C 222 -71.12 -146.04 -76.54
CA ARG C 223 -72.34 -149.46 -76.75
CA LYS C 224 -73.70 -150.10 -73.74
CA GLY C 225 -76.78 -148.60 -73.89
CA LEU C 226 -79.20 -146.55 -74.82
CA ASP C 227 -82.69 -145.74 -75.21
CA TRP C 228 -84.72 -143.57 -77.15
CA ASP C 229 -86.93 -141.23 -75.16
CA ASN C 230 -84.50 -138.64 -73.92
CA ARG C 231 -83.91 -135.20 -75.00
CA SER C 232 -81.92 -133.63 -77.52
CA TYR C 233 -79.08 -131.27 -76.38
CA PHE C 234 -78.10 -128.04 -78.36
CA THR C 235 -75.55 -126.59 -79.98
CA ASN C 236 -73.74 -123.61 -78.56
CA ASP C 237 -74.09 -120.39 -80.65
CA GLY C 238 -70.78 -120.24 -82.41
CA TYR C 239 -68.81 -117.97 -80.03
CA GLU C 240 -65.56 -119.24 -78.69
CA ILE C 241 -66.05 -120.65 -75.40
CA ASP C 242 -62.63 -120.89 -73.94
CA PRO C 243 -60.20 -117.93 -74.00
CA GLU C 244 -57.70 -116.81 -76.61
CA SER C 245 -55.04 -116.89 -73.84
CA GLN C 246 -55.55 -120.83 -73.59
CA ARG C 247 -56.51 -122.14 -76.98
CA ASN C 248 -54.93 -123.11 -80.24
CA SER C 249 -56.07 -125.04 -83.32
CA LYS C 250 -58.21 -127.80 -81.85
CA TYR C 251 -59.86 -125.92 -79.10
CA THR C 252 -60.80 -123.24 -81.42
CA LEU C 253 -64.06 -123.30 -83.33
CA ASN C 254 -64.00 -120.60 -86.09
CA ARG C 255 -62.24 -118.13 -88.20
CA PRO C 256 -61.38 -114.97 -86.35
CA GLU C 257 -64.47 -112.86 -85.79
CA LEU C 258 -66.65 -114.73 -88.29
CA ILE C 259 -69.35 -115.11 -85.69
CA GLY C 260 -71.10 -111.93 -84.50
CA ASN C 261 -74.38 -110.13 -84.42
CA GLU C 262 -75.07 -109.93 -88.15
CA THR C 263 -75.04 -111.85 -91.30
CA ARG C 264 -73.48 -109.94 -93.93
CA PRO C 265 -70.96 -109.97 -96.61
CA TRP C 266 -67.81 -108.04 -97.19
CA ASN C 267 -68.69 -104.44 -97.88
CA ILE C 268 -67.99 -100.69 -98.12
CA SER C 269 -70.46 -98.22 -96.43
CA LEU C 270 -71.53 -95.25 -98.61
CA ASN C 271 -74.43 -92.75 -98.69
CA TYR C 272 -77.21 -93.36 -101.08
CA ILE C 273 -78.86 -90.21 -102.46
CA ILE C 274 -81.79 -89.40 -104.74
CA LYS C 275 -82.55 -86.84 -107.34
CA VAL C 276 -85.22 -84.46 -106.16
CA LYS C 277 -84.92 -81.76 -108.36
CA GLU C 278 -84.60 -80.78 -111.97
CA LEU D 1 -1.08 -168.93 -82.33
CA ASN D 2 -0.36 -171.81 -79.98
CA GLY D 3 3.19 -171.92 -81.26
CA ARG D 4 4.32 -168.48 -80.16
CA GLY D 5 4.77 -169.21 -76.46
CA SER D 6 5.33 -166.16 -74.27
CA THR D 7 8.97 -165.67 -73.11
CA THR D 8 10.63 -162.90 -71.13
CA SER D 9 11.51 -161.15 -74.42
CA MET D 10 8.50 -161.88 -76.59
CA ARG D 11 4.75 -161.45 -76.11
CA GLY D 12 2.83 -164.70 -76.52
CA VAL D 13 0.26 -167.15 -75.21
CA VAL D 14 0.66 -169.00 -71.91
CA LYS D 15 -0.58 -171.96 -69.96
CA LEU D 16 -1.65 -171.20 -66.38
CA THR D 17 -0.03 -172.89 -63.39
CA THR D 18 -1.58 -172.83 -59.93
CA THR D 19 1.64 -174.00 -58.33
CA ALA D 20 4.32 -171.33 -58.08
CA GLY D 21 7.72 -172.59 -59.11
CA SER D 22 6.35 -175.29 -61.40
CA GLN D 23 5.59 -175.28 -65.12
CA SER D 24 2.27 -176.63 -66.28
CA GLY D 25 3.00 -179.84 -68.22
CA GLY D 26 6.64 -178.98 -68.93
CA ASP D 27 5.76 -175.78 -70.73
CA ALA D 28 8.24 -172.91 -70.36
CA SER D 29 5.42 -170.53 -71.33
CA SER D 30 3.59 -170.97 -68.06
CA ALA D 31 2.42 -167.97 -66.00
CA LEU D 32 0.96 -167.81 -62.50
CA ALA D 33 -2.78 -168.13 -62.46
CA TRP D 34 -5.02 -165.76 -60.52
CA ASN D 35 -5.45 -168.61 -58.01
CA ALA D 36 -1.84 -169.78 -57.77
CA ASP D 37 -0.54 -170.74 -54.32
CA VAL D 38 1.22 -167.41 -53.67
CA ILE D 39 1.37 -165.35 -50.51
CA HIS D 40 -0.09 -161.90 -51.08
CA GLN D 41 -0.02 -158.57 -49.25
CA ARG D 42 -3.46 -158.81 -47.67
CA GLY D 43 -2.94 -161.24 -44.82
CA GLY D 44 -4.91 -164.20 -43.50
CA GLN D 45 -2.69 -166.83 -45.16
CA THR D 46 -0.58 -169.79 -44.22
CA ILE D 47 2.92 -170.86 -45.32
CA ASN D 48 2.95 -174.63 -44.74
CA GLY D 49 6.58 -175.00 -43.75
CA THR D 50 9.50 -172.93 -42.68
CA LEU D 51 10.30 -169.34 -43.56
CA ARG D 52 13.66 -167.59 -43.45
CA ILE D 53 13.86 -163.74 -43.42
CA ASN D 54 17.32 -162.21 -43.76
CA ASN D 55 16.65 -158.90 -41.99
CA THR D 56 14.37 -157.50 -39.26
CA LEU D 57 10.85 -158.78 -38.76
CA THR D 58 8.42 -156.06 -37.68
CA ILE D 59 5.03 -157.07 -36.31
CA ALA D 60 3.08 -153.80 -36.17
CA SER D 61 0.26 -155.06 -33.94
CA GLY D 62 -1.11 -158.22 -32.38
CA GLY D 63 2.04 -159.88 -31.21
CA ALA D 64 3.01 -163.49 -31.90
CA ASN D 65 1.74 -166.84 -30.74
CA ILE D 66 4.63 -169.24 -31.10
CA THR D 67 4.49 -173.00 -30.63
CA GLY D 68 8.00 -174.22 -30.02
CA THR D 69 11.13 -172.61 -28.58
CA VAL D 70 12.31 -169.07 -29.36
CA ASN D 71 16.11 -168.70 -29.46
CA MET D 72 17.25 -165.09 -29.59
CA THR D 73 20.47 -163.14 -29.37
CA GLY D 74 18.88 -160.48 -27.17
CA GLY D 75 15.45 -159.84 -25.65
CA TYR D 76 13.70 -156.77 -24.26
CA ILE D 77 10.13 -156.16 -23.06
CA GLN D 78 9.13 -152.47 -23.16
CA GLY D 79 12.83 -151.57 -23.30
CA LYS D 80 13.76 -153.71 -20.26
CA ARG D 81 16.25 -156.56 -20.57
CA VAL D 82 14.87 -160.09 -20.22
CA VAL D 83 16.40 -162.07 -17.34
CA THR D 84 17.91 -165.53 -17.92
CA GLN D 85 18.59 -168.40 -15.50
CA ASN D 86 22.32 -167.89 -15.26
CA GLU D 87 21.53 -164.57 -13.52
CA ILE D 88 19.73 -166.15 -10.58
CA ASP D 89 22.90 -167.02 -8.76
CA ARG D 90 24.20 -163.44 -8.94
CA THR D 91 21.17 -161.94 -7.01
CA ILE D 92 21.41 -164.48 -4.15
CA PRO D 93 24.24 -166.90 -4.07
CA VAL D 94 24.01 -170.49 -3.14
CA GLY D 95 25.48 -170.31 0.29
CA ALA D 96 23.49 -167.34 1.58
CA ILE D 97 21.72 -167.54 4.89
CA MET D 98 18.61 -165.81 6.17
CA MET D 99 15.68 -166.36 8.54
CA TRP D 100 12.25 -168.01 8.12
CA ALA D 101 9.14 -167.06 10.05
CA ALA D 102 7.71 -170.48 9.94
CA ASP D 103 7.69 -174.22 10.06
CA SER D 104 7.96 -175.51 6.50
CA LEU D 105 9.62 -174.49 3.31
CA PRO D 106 7.96 -174.32 -0.15
CA SER D 107 10.77 -175.01 -2.85
CA ASP D 108 13.34 -177.13 -2.43
CA ALA D 109 15.84 -174.39 -3.38
CA TRP D 110 16.40 -173.71 0.38
CA ARG D 111 16.67 -175.86 3.41
CA PHE D 112 16.86 -175.48 6.99
CA CYS D 113 20.09 -175.26 8.84
CA HIS D 114 19.08 -178.25 11.15
CA GLY D 115 21.67 -179.46 9.89
CA GLY D 116 21.29 -182.60 7.79
CA THR D 117 22.55 -182.92 4.25
CA VAL D 118 22.11 -182.21 0.62
CA SER D 119 23.09 -184.30 -2.53
CA ALA D 120 26.03 -183.12 -4.55
CA SER D 121 24.22 -184.10 -7.70
CA ASP D 122 21.01 -182.15 -6.87
CA CYS D 123 23.21 -179.24 -5.53
CA PRO D 124 26.55 -179.02 -7.38
CA LEU D 125 27.18 -175.41 -6.60
CA TYR D 126 26.76 -175.80 -2.79
CA ALA D 127 29.15 -178.74 -2.92
CA SER D 128 31.55 -176.33 -4.62
CA ARG D 129 31.33 -173.06 -2.63
CA ILE D 130 30.86 -174.97 0.60
CA GLY D 131 32.03 -178.59 0.38
CA THR D 132 32.42 -180.14 3.73
CA ARG D 133 33.10 -177.26 6.09
CA TYR D 134 29.81 -177.99 7.90
CA GLY D 135 30.36 -181.81 7.88
CA GLY D 136 28.83 -184.54 5.69
CA SER D 137 30.86 -185.74 2.67
CA SER D 138 31.77 -184.44 -0.69
CA SER D 139 28.88 -186.40 -2.20
CA ASN D 140 26.53 -185.53 0.52
CA PRO D 141 27.64 -182.19 1.81
CA GLY D 142 26.58 -181.09 5.32
CA LEU D 143 24.17 -178.35 6.14
CA PRO D 144 25.11 -176.20 9.10
CA ASP D 145 23.27 -176.69 12.30
CA MET D 146 22.04 -173.59 13.75
CA ARG D 147 19.27 -174.61 16.14
CA GLY D 148 19.16 -172.32 18.30
CA LEU D 149 22.42 -170.51 18.17
CA PHE D 150 22.67 -166.72 17.82
CA VAL D 151 24.92 -165.37 15.11
CA ARG D 152 28.02 -163.01 15.46
CA GLY D 153 30.26 -161.72 12.62
CA SER D 154 33.58 -163.50 11.77
CA GLY D 155 36.61 -161.30 13.27
CA ARG D 156 37.32 -158.29 14.77
CA GLY D 157 35.98 -155.22 13.39
CA SER D 158 36.61 -151.40 13.48
CA HIS D 159 34.20 -151.11 16.38
CA LEU D 160 36.01 -153.77 18.61
CA THR D 161 39.21 -152.58 17.47
CA ASN D 162 39.06 -148.87 18.22
CA PRO D 163 41.83 -148.40 20.56
CA ASN D 164 39.63 -146.30 22.74
CA VAL D 165 37.63 -149.37 23.60
CA ASN D 166 40.87 -151.33 24.05
CA GLY D 167 43.61 -150.84 26.82
CA ASN D 168 42.81 -150.42 30.52
CA ASP D 169 41.00 -147.28 31.79
CA GLN D 170 42.15 -144.62 34.49
CA PHE D 171 41.09 -147.01 37.31
CA GLY D 172 43.17 -149.80 35.75
CA LYS D 173 40.23 -152.01 34.42
CA PRO D 174 40.31 -153.26 30.79
CA ARG D 175 37.88 -151.58 28.39
CA LEU D 176 34.74 -153.35 27.10
CA GLY D 177 36.37 -154.34 23.71
CA VAL D 178 39.22 -156.40 25.32
CA GLY D 179 39.01 -160.08 24.83
CA CYS D 180 36.13 -159.87 22.48
CA THR D 181 35.89 -161.89 19.27
CA GLY D 182 35.33 -163.19 16.16
CA GLY D 183 35.44 -166.66 14.94
CA TYR D 184 36.32 -168.31 11.57
CA VAL D 185 34.17 -169.28 9.13
CA GLY D 186 31.54 -171.35 11.05
CA GLU D 187 33.17 -171.45 14.47
CA VAL D 188 30.82 -171.72 17.46
CA GLN D 189 31.42 -170.18 20.79
CA ILE D 190 29.76 -171.00 24.01
CA GLN D 191 27.81 -168.88 26.51
CA GLN D 192 29.72 -166.51 28.62
CA MET D 193 30.14 -163.69 31.13
CA SER D 194 32.69 -161.06 31.87
CA TYR D 195 34.58 -161.29 35.11
CA HIS D 196 33.18 -158.83 37.64
CA LYS D 197 32.99 -158.02 41.38
CA HIS D 198 30.49 -156.77 43.89
CA ALA D 199 30.82 -155.15 47.38
CA GLY D 200 29.90 -157.09 50.74
CA GLY D 201 28.54 -157.00 54.45
CA PHE D 202 31.92 -158.30 55.93
CA GLY D 203 34.34 -155.54 55.89
CA GLU D 204 36.67 -153.75 58.22
CA HIS D 205 38.46 -150.38 59.28
CA ASP D 206 41.66 -151.28 57.40
CA ASP D 207 41.78 -151.21 53.56
CA LEU D 208 43.38 -154.39 53.21
CA GLY D 209 40.44 -156.19 51.39
CA ALA D 210 41.83 -159.30 49.36
CA PHE D 211 40.14 -157.69 46.43
CA GLY D 212 39.18 -153.99 46.87
CA ASN D 213 37.38 -152.20 49.72
CA THR D 214 35.16 -149.27 50.28
CA ARG D 215 35.60 -146.07 51.61
CA ARG D 216 34.61 -146.16 55.19
CA SER D 217 30.88 -145.15 55.82
CA ASN D 218 27.96 -147.21 57.31
CA PHE D 219 29.28 -150.72 56.93
CA VAL D 220 29.37 -153.47 59.57
CA GLY D 221 32.62 -154.97 60.88
CA THR D 222 34.52 -156.05 63.94
CA ARG D 223 37.28 -154.57 65.80
CA LYS D 224 38.29 -156.97 67.94
CA GLY D 225 40.22 -159.04 66.01
CA LEU D 226 41.43 -160.57 63.34
CA ASP D 227 44.10 -162.27 61.59
CA TRP D 228 45.07 -162.96 58.26
CA ASP D 229 45.51 -166.63 57.44
CA ASN D 230 41.98 -167.86 57.18
CA ARG D 231 39.94 -168.70 54.26
CA SER D 232 37.86 -166.89 51.99
CA TYR D 233 34.08 -167.74 51.90
CA PHE D 234 31.97 -167.66 48.62
CA THR D 235 29.33 -166.17 47.21
CA ASN D 236 26.09 -168.01 46.63
CA ASP D 237 25.13 -168.43 42.92
CA GLY D 238 22.50 -165.81 42.48
CA TYR D 239 19.34 -167.87 43.10
CA GLU D 240 16.96 -166.69 45.73
CA ILE D 241 17.56 -168.49 48.80
CA ASP D 242 14.52 -167.89 50.86
CA PRO D 243 10.99 -168.38 49.46
CA GLU D 244 8.70 -166.04 47.57
CA SER D 245 6.02 -166.80 50.23
CA GLN D 246 8.36 -165.04 52.94
CA ARG D 247 10.34 -162.34 51.27
CA ASN D 248 9.98 -158.79 50.11
CA SER D 249 12.37 -156.04 49.00
CA LYS D 250 15.33 -156.53 51.33
CA TYR D 251 15.40 -160.25 51.49
CA THR D 252 15.25 -160.47 47.84
CA LEU D 253 18.38 -160.51 45.71
CA ASN D 254 17.43 -160.00 42.00
CA ARG D 255 15.04 -159.07 39.36
CA PRO D 256 12.47 -161.73 38.68
CA GLU D 257 14.01 -164.65 36.82
CA LEU D 258 17.17 -162.80 35.81
CA ILE D 259 19.27 -165.64 37.13
CA GLY D 260 19.03 -168.99 35.32
CA ASN D 261 20.95 -171.48 33.28
CA GLU D 262 22.02 -169.24 30.41
CA THR D 263 23.43 -165.93 29.58
CA ARG D 264 21.55 -164.40 26.89
CA PRO D 265 19.83 -161.37 25.74
CA TRP D 266 16.28 -160.63 24.87
CA ASN D 267 15.37 -162.48 21.71
CA ILE D 268 12.97 -164.06 19.18
CA SER D 269 13.63 -167.70 18.01
CA LEU D 270 13.43 -168.24 14.22
CA ASN D 271 14.70 -170.82 11.70
CA TYR D 272 17.75 -170.01 9.75
CA ILE D 273 17.84 -171.47 6.22
CA ILE D 274 20.30 -171.58 3.34
CA LYS D 275 20.13 -171.47 -0.39
CA VAL D 276 21.05 -174.77 -1.89
CA LYS D 277 19.82 -174.56 -5.16
CA GLU D 278 19.63 -172.37 -8.21
CA LEU E 1 -1.12 -161.41 -82.55
CA ASN E 2 1.89 -159.81 -80.90
CA GLY E 3 0.09 -156.49 -80.93
CA ARG E 4 -2.83 -157.36 -78.70
CA GLY E 5 -1.02 -157.26 -75.37
CA SER E 6 -2.97 -158.63 -72.42
CA THR E 7 -4.40 -155.96 -70.06
CA THR E 8 -6.63 -156.21 -67.00
CA SER E 9 -9.68 -155.73 -69.27
CA MET E 10 -8.69 -157.58 -72.42
CA ARG E 11 -7.37 -161.10 -73.09
CA GLY E 12 -4.05 -161.11 -74.91
CA VAL E 13 -0.47 -162.35 -75.19
CA VAL E 14 2.14 -161.67 -72.50
CA LYS E 15 5.85 -161.64 -71.88
CA LEU E 16 6.98 -163.54 -68.76
CA THR E 17 8.87 -161.85 -65.94
CA THR E 18 10.73 -163.79 -63.28
CA THR E 19 11.02 -160.74 -61.07
CA ALA E 20 7.83 -159.78 -59.30
CA GLY E 21 7.15 -156.08 -59.45
CA SER E 22 9.09 -155.54 -62.66
CA GLN E 23 7.99 -155.56 -66.30
CA SER E 24 10.01 -157.56 -68.79
CA GLY E 25 11.68 -155.05 -71.13
CA GLY E 26 9.25 -152.22 -70.36
CA ASP E 27 6.24 -154.22 -71.49
CA ALA E 28 2.99 -153.54 -69.63
CA SER E 29 1.75 -156.95 -70.81
CA SER E 30 4.07 -158.86 -68.53
CA ALA E 31 2.79 -161.67 -66.28
CA LEU E 32 4.55 -163.60 -63.52
CA ALA E 33 6.33 -166.67 -64.79
CA TRP E 34 5.96 -170.06 -63.15
CA ASN E 35 9.45 -169.48 -61.72
CA ALA E 36 9.08 -165.87 -60.62
CA ASP E 37 10.66 -164.88 -57.31
CA VAL E 38 7.42 -165.10 -55.29
CA ILE E 39 6.82 -166.50 -51.84
CA HIS E 40 4.29 -169.33 -51.97
CA GLN E 41 2.17 -171.19 -49.43
CA ARG E 42 4.33 -174.30 -49.18
CA GLY E 43 7.22 -173.17 -47.02
CA GLY E 44 10.99 -173.64 -47.21
CA GLN E 45 11.68 -170.19 -48.66
CA THR E 46 13.67 -167.11 -47.88
CA ILE E 47 12.76 -163.40 -48.01
CA ASN E 48 16.13 -161.64 -48.42
CA GLY E 49 15.36 -158.53 -46.44
CA THR E 50 12.86 -157.19 -43.99
CA LEU E 51 9.21 -158.10 -43.62
CA ARG E 52 6.45 -156.09 -41.99
CA ILE E 53 3.16 -157.78 -40.92
CA ASN E 54 0.37 -155.49 -39.71
CA ASN E 55 -1.47 -157.97 -37.49
CA THR E 56 -0.72 -161.08 -35.38
CA LEU E 57 1.95 -163.58 -36.39
CA THR E 58 1.03 -167.15 -35.51
CA ILE E 59 3.75 -169.82 -35.62
CA ALA E 60 1.84 -173.10 -35.31
CA SER E 61 4.85 -175.28 -34.51
CA GLY E 62 8.62 -175.20 -34.33
CA GLY E 63 9.20 -171.89 -32.66
CA ALA E 64 11.57 -169.20 -33.88
CA ASN E 65 15.32 -168.85 -34.09
CA ILE E 66 16.05 -165.16 -34.08
CA THR E 67 19.43 -163.54 -34.65
CA GLY E 68 19.28 -160.03 -33.27
CA THR E 69 17.22 -158.37 -30.53
CA VAL E 70 13.51 -158.95 -29.96
CA ASN E 71 11.65 -155.86 -28.72
CA MET E 72 8.12 -156.61 -27.56
CA THR E 73 5.28 -154.82 -25.82
CA GLY E 74 4.51 -157.85 -23.65
CA GLY E 75 5.91 -161.35 -23.22
CA TYR E 76 4.56 -164.59 -21.76
CA ILE E 77 5.92 -168.15 -21.66
CA GLN E 78 3.18 -170.78 -21.15
CA GLY E 79 0.90 -168.01 -19.84
CA LYS E 80 3.46 -166.70 -17.31
CA ARG E 81 4.74 -163.12 -17.52
CA VAL E 82 8.39 -162.66 -18.52
CA VAL E 83 10.52 -160.89 -15.91
CA THR E 84 12.59 -157.82 -16.82
CA GLN E 85 15.64 -156.25 -15.13
CA ASN E 86 13.81 -153.35 -13.56
CA GLU E 87 12.00 -155.93 -11.39
CA ILE E 88 15.15 -157.21 -9.69
CA ASP E 89 15.29 -154.39 -7.23
CA ARG E 90 11.70 -154.98 -6.06
CA THR E 91 12.79 -158.95 -4.93
CA ILE E 92 15.90 -157.98 -2.91
CA PRO E 93 16.79 -154.39 -2.50
CA VAL E 94 20.21 -152.96 -2.66
CA GLY E 95 20.79 -152.40 0.98
CA ALA E 96 19.65 -155.80 2.24
CA ILE E 97 21.80 -157.78 4.59
CA MET E 98 22.13 -161.52 5.13
CA MET E 99 24.69 -164.16 6.15
CA TRP E 100 27.30 -166.17 4.17
CA ALA E 101 28.52 -169.61 5.11
CA ALA E 102 31.89 -169.10 3.64
CA ASP E 103 35.03 -167.27 2.80
CA SER E 104 34.61 -165.77 -0.66
CA LEU E 105 31.86 -164.31 -2.73
CA PRO E 106 31.05 -165.19 -6.38
CA SER E 107 29.44 -161.99 -8.06
CA ASP E 108 30.31 -158.83 -7.34
CA ALA E 109 26.66 -157.90 -6.66
CA TRP E 110 27.34 -158.43 -2.89
CA ARG E 111 30.17 -157.66 -0.60
CA PHE E 112 31.17 -158.33 2.80
CA CYS E 113 30.40 -156.02 5.62
CA HIS E 114 34.16 -155.79 6.60
CA GLY E 115 33.62 -152.76 6.03
CA GLY E 116 35.57 -151.15 3.20
CA THR E 117 33.97 -149.30 0.33
CA VAL E 118 32.13 -149.39 -2.91
CA SER E 119 32.25 -146.96 -5.98
CA ALA E 120 29.30 -144.69 -6.49
CA SER E 121 29.63 -145.18 -10.21
CA ASP E 122 29.64 -149.04 -10.05
CA CYS E 123 26.86 -148.85 -7.35
CA PRO E 124 24.59 -145.80 -7.82
CA LEU E 125 21.65 -147.20 -5.98
CA TYR E 126 23.62 -148.05 -2.77
CA ALA E 127 25.04 -144.52 -2.84
CA SER E 128 21.40 -143.39 -2.95
CA ARG E 129 19.56 -145.55 -0.38
CA ILE E 130 22.59 -145.57 1.90
CA GLY E 131 25.02 -142.74 1.17
CA THR E 132 27.45 -142.22 3.94
CA ARG E 133 25.70 -143.49 7.04
CA TYR E 134 28.34 -146.24 7.37
CA GLY E 135 31.27 -143.87 6.56
CA GLY E 136 33.30 -143.42 3.35
CA SER E 137 32.30 -140.57 1.01
CA SER E 138 29.56 -139.84 -1.39
CA SER E 139 31.77 -141.06 -4.24
CA ASN E 140 33.05 -143.96 -2.36
CA PRO E 141 30.34 -144.92 0.05
CA GLY E 142 31.21 -146.99 3.15
CA LEU E 143 30.24 -150.54 3.77
CA PRO E 144 29.23 -151.34 7.32
CA ASP E 145 31.63 -153.21 9.46
CA MET E 146 30.12 -156.06 11.18
CA ARG E 147 33.02 -158.32 12.11
CA GLY E 148 32.00 -159.93 14.63
CA LEU E 149 29.12 -158.06 16.09
CA PHE E 150 25.76 -159.67 16.83
CA VAL E 151 22.66 -157.97 15.48
CA ARG E 152 19.59 -156.56 17.46
CA GLY E 153 16.51 -154.82 15.97
CA SER E 154 16.32 -150.95 15.87
CA GLY E 155 13.85 -149.74 18.83
CA ARG E 156 11.65 -150.89 21.20
CA GLY E 157 9.12 -153.34 20.28
CA SER E 158 5.73 -154.72 21.56
CA HIS E 159 7.59 -157.42 23.44
CA LEU E 160 9.92 -154.95 25.39
CA THR E 161 7.20 -152.62 25.75
CA ASN E 162 4.47 -154.74 27.34
CA PRO E 163 3.88 -153.03 30.51
CA ASN E 164 3.86 -156.34 32.26
CA VAL E 165 7.55 -156.64 31.59
CA ASN E 166 8.03 -153.00 32.59
CA GLY E 167 7.59 -151.41 36.14
CA ASN E 168 9.00 -152.96 39.33
CA ASP E 169 7.63 -156.28 40.68
CA GLN E 170 6.01 -157.11 44.20
CA PHE E 171 9.50 -157.32 45.78
CA GLY E 172 10.36 -153.88 44.34
CA LYS E 173 12.87 -155.04 41.58
CA PRO E 174 12.46 -153.71 38.00
CA ARG E 175 11.14 -156.18 35.44
CA LEU E 176 13.39 -157.73 32.74
CA GLY E 177 12.22 -155.26 29.97
CA VAL E 178 13.39 -152.09 31.86
CA GLY E 179 16.33 -150.35 30.41
CA CYS E 180 16.42 -152.48 27.36
CA THR E 181 16.95 -151.12 23.85
CA GLY E 182 17.05 -150.39 20.52
CA GLY E 183 19.40 -148.36 18.56
CA TYR E 184 19.10 -146.20 15.38
CA VAL E 185 19.83 -147.10 12.20
CA GLY E 186 23.36 -148.64 12.52
CA GLU E 187 24.10 -147.81 16.14
CA VAL E 188 26.45 -150.20 17.97
CA GLN E 189 26.21 -151.05 21.59
CA ILE E 190 28.81 -152.61 23.73
CA GLN E 191 28.82 -155.77 25.88
CA GLN E 192 26.89 -155.70 29.05
CA MET E 193 25.37 -157.19 32.17
CA SER E 194 22.44 -156.47 34.38
CA TYR E 195 23.11 -155.32 37.91
CA HIS E 196 22.63 -158.19 40.35
CA LYS E 197 23.48 -159.41 43.88
CA HIS E 198 24.43 -162.60 45.63
CA ALA E 199 24.31 -163.74 49.30
CA GLY E 200 27.60 -164.15 51.54
CA GLY E 201 29.51 -166.00 54.46
CA PHE E 202 29.78 -162.74 56.60
CA GLY E 203 26.49 -162.05 58.10
CA GLU E 204 24.97 -161.39 61.46
CA HIS E 205 21.87 -161.74 63.89
CA ASP E 206 20.59 -158.24 63.05
CA ASP E 207 18.99 -157.50 59.63
CA LEU E 208 20.84 -154.49 59.04
CA GLY E 209 22.81 -155.75 55.94
CA ALA E 210 24.04 -152.68 53.76
CA PHE E 211 22.25 -154.39 50.94
CA GLY E 212 19.75 -157.13 51.97
CA ASN E 213 20.11 -160.05 54.41
CA THR E 214 18.79 -163.49 54.91
CA ARG E 215 16.49 -164.96 57.10
CA ARG E 216 18.35 -166.39 59.97
CA SER E 217 19.28 -170.15 59.54
CA ASN E 218 22.75 -171.87 59.36
CA PHE E 219 24.97 -168.94 58.57
CA VAL E 220 28.23 -167.96 60.28
CA GLY E 221 28.66 -164.68 62.18
CA THR E 222 29.97 -163.07 65.31
CA ARG E 223 28.34 -161.80 68.32
CA LYS E 224 30.74 -160.12 69.98
CA GLY E 225 30.92 -157.11 68.36
CA LEU E 226 30.67 -154.84 65.96
CA ASP E 227 30.31 -151.43 64.85
CA TRP E 228 29.20 -149.67 61.98
CA ASP E 229 31.74 -147.33 60.45
CA ASN E 230 34.10 -149.66 58.70
CA ARG E 231 34.49 -150.45 55.15
CA SER E 232 32.95 -152.73 52.85
CA TYR E 233 35.16 -155.48 51.27
CA PHE E 234 34.68 -156.74 47.61
CA THR E 235 33.97 -159.48 45.81
CA ASN E 236 36.59 -161.20 43.73
CA ASP E 237 35.88 -161.15 39.94
CA GLY E 238 34.61 -164.61 39.31
CA TYR E 239 37.85 -166.38 38.27
CA GLU E 240 38.85 -169.45 40.15
CA ILE E 241 41.28 -168.59 42.67
CA ASP E 242 42.82 -171.84 43.67
CA PRO E 243 44.12 -174.33 41.07
CA GLU E 244 42.39 -177.11 39.19
CA SER E 245 45.12 -179.47 40.49
CA GLN E 246 43.78 -178.85 44.19
CA ARG E 247 40.08 -178.21 44.04
CA ASN E 248 36.84 -180.09 43.78
CA SER E 249 33.17 -179.24 44.30
CA LYS E 250 33.27 -176.89 47.27
CA TYR E 251 36.38 -175.00 46.48
CA THR E 252 35.21 -174.38 43.08
CA LEU E 253 33.16 -171.33 42.19
CA ASN E 254 31.68 -171.74 38.65
CA ARG E 255 30.85 -173.76 35.68
CA PRO E 256 33.83 -174.49 33.52
CA GLU E 257 34.91 -171.41 31.62
CA LEU E 258 31.70 -169.47 32.24
CA ILE E 259 33.71 -166.50 33.43
CA GLY E 260 35.89 -164.72 30.83
CA ASN E 261 36.37 -161.48 29.01
CA GLU E 262 32.97 -161.19 27.36
CA THR E 263 29.34 -161.50 27.93
CA ARG E 264 27.80 -163.37 25.25
CA PRO E 265 25.54 -166.15 24.40
CA TRP E 266 26.02 -169.38 22.60
CA ASN E 267 26.72 -168.67 18.96
CA ILE E 268 28.01 -169.47 15.45
CA SER E 269 30.30 -166.89 13.67
CA LEU E 270 29.37 -166.13 10.04
CA ASN E 271 30.02 -163.31 7.52
CA TYR E 272 27.35 -160.79 7.00
CA ILE E 273 27.15 -159.36 3.46
CA ILE E 274 25.13 -156.69 1.66
CA LYS E 275 23.66 -156.26 -1.74
CA VAL E 276 25.44 -153.55 -3.64
CA LYS E 277 24.50 -154.13 -6.95
CA GLU E 278 21.59 -154.84 -9.23
CA LEU F 1 -7.97 -165.26 -80.66
CA ASN F 2 -9.88 -163.82 -77.73
CA GLY F 3 -11.84 -167.03 -77.49
CA ARG F 4 -9.02 -169.41 -76.68
CA GLY F 5 -8.54 -168.48 -73.04
CA SER F 6 -5.44 -169.91 -71.40
CA THR F 7 -6.09 -172.87 -69.03
CA THR F 8 -3.74 -175.13 -67.11
CA SER F 9 -3.75 -177.57 -70.05
CA MET F 10 -3.90 -175.26 -73.06
CA ARG F 11 -1.86 -172.24 -74.14
CA GLY F 12 -3.96 -169.14 -74.68
CA VAL F 13 -4.55 -165.44 -74.03
CA VAL F 14 -5.13 -164.02 -70.55
CA LYS F 15 -6.46 -161.02 -68.73
CA LEU F 16 -4.15 -159.61 -66.03
CA THR F 17 -5.21 -159.35 -62.41
CA THR F 18 -3.35 -157.22 -59.89
CA THR F 19 -5.09 -158.90 -56.98
CA ALA F 20 -3.82 -162.38 -56.21
CA GLY F 21 -6.63 -164.82 -55.59
CA SER F 22 -9.15 -162.93 -57.71
CA GLN F 23 -10.11 -163.24 -61.36
CA SER F 24 -10.32 -160.11 -63.46
CA GLY F 25 -14.00 -159.61 -64.35
CA GLY F 26 -14.99 -163.23 -63.73
CA ASP F 27 -12.54 -164.56 -66.28
CA ALA F 28 -10.99 -167.96 -65.52
CA SER F 29 -8.16 -167.06 -67.92
CA SER F 30 -6.66 -164.50 -65.58
CA ALA F 31 -2.94 -164.50 -64.71
CA LEU F 32 -1.01 -162.48 -62.15
CA ALA F 33 0.25 -159.21 -63.50
CA TRP F 34 3.83 -158.05 -63.05
CA ASN F 35 2.44 -155.64 -60.43
CA ALA F 36 0.08 -157.97 -58.60
CA ASP F 37 -0.06 -157.70 -54.80
CA VAL F 38 2.26 -160.65 -54.14
CA ILE F 39 5.03 -161.01 -51.59
CA HIS F 40 8.36 -161.67 -53.32
CA GLN F 41 11.77 -162.92 -52.23
CA ARG F 42 13.51 -159.55 -52.10
CA GLY F 43 12.22 -158.04 -48.87
CA GLY F 44 10.96 -154.60 -47.90
CA GLN F 45 7.27 -155.54 -48.06
CA THR F 46 4.23 -155.57 -45.87
CA ILE F 47 1.52 -158.22 -45.31
CA ASN F 48 -1.49 -156.21 -44.07
CA GLY F 49 -2.92 -158.78 -41.72
CA THR F 50 -2.00 -161.96 -39.99
CA LEU F 51 0.43 -164.64 -41.14
CA ARG F 52 0.59 -168.27 -40.06
CA ILE F 53 3.77 -170.36 -40.65
CA ASN F 54 3.54 -174.07 -39.90
CA ASN F 55 7.23 -174.72 -39.17
CA THR F 56 10.29 -172.84 -37.84
CA LEU F 57 10.81 -169.16 -38.51
CA THR F 58 14.46 -168.23 -38.97
CA ILE F 59 15.46 -164.57 -38.85
CA ALA F 60 19.06 -164.55 -40.09
CA SER F 61 19.90 -161.02 -38.93
CA GLY F 62 18.32 -157.90 -37.47
CA GLY F 63 16.03 -159.39 -34.90
CA ALA F 64 12.36 -158.56 -34.49
CA ASN F 65 10.42 -155.55 -33.32
CA ILE F 66 7.10 -156.83 -32.08
CA THR F 67 4.13 -154.72 -31.03
CA GLY F 68 1.88 -156.87 -28.90
CA THR F 69 2.48 -159.91 -26.68
CA VAL F 70 4.72 -162.83 -27.57
CA ASN F 71 3.47 -166.19 -26.26
CA MET F 72 6.02 -168.97 -26.59
CA THR F 73 6.45 -172.56 -25.52
CA GLY F 74 10.09 -172.01 -24.63
CA GLY F 75 12.56 -169.12 -24.68
CA TYR F 76 16.34 -168.84 -24.67
CA ILE F 77 18.72 -165.88 -25.08
CA GLN F 78 22.21 -166.93 -26.24
CA GLY F 79 21.43 -170.47 -25.08
CA LYS F 80 20.29 -169.40 -21.58
CA ARG F 81 16.75 -170.13 -20.39
CA VAL F 82 14.44 -167.13 -19.96
CA VAL F 83 13.13 -166.67 -16.40
CA THR F 84 9.40 -166.35 -15.71
CA GLN F 85 7.51 -164.86 -12.74
CA ASN F 86 6.53 -168.14 -11.16
CA GLU F 87 10.25 -168.70 -10.50
CA ILE F 88 10.65 -165.68 -8.26
CA ASP F 89 9.27 -167.40 -5.23
CA ARG F 90 11.70 -170.31 -5.54
CA THR F 91 14.52 -167.92 -5.12
CA ILE F 92 13.24 -166.11 -1.99
CA PRO F 93 10.07 -167.23 -0.40
CA VAL F 94 7.43 -165.01 0.99
CA GLY F 95 8.14 -165.44 4.62
CA ALA F 96 11.91 -164.94 4.50
CA ILE F 97 13.58 -162.53 6.85
CA MET F 98 16.76 -160.48 6.50
CA MET F 99 18.28 -157.17 7.61
CA TRP F 100 18.13 -153.62 6.18
CA ALA F 101 20.85 -151.03 6.57
CA ALA F 102 18.49 -148.15 6.51
CA ASP F 103 15.37 -146.25 7.28
CA SER F 104 12.96 -146.76 4.39
CA LEU F 105 12.06 -149.45 1.96
CA PRO F 106 11.72 -149.05 -1.84
CA SER F 107 9.07 -151.72 -3.08
CA ASP F 108 6.38 -152.69 -1.33
CA ALA F 109 7.35 -156.37 -1.71
CA TRP F 110 8.98 -156.20 1.79
CA ARG F 111 8.07 -154.57 5.02
CA PHE F 112 9.54 -154.00 8.27
CA CYS F 113 9.04 -156.31 11.15
CA HIS F 114 7.70 -153.39 13.38
CA GLY F 115 5.19 -155.26 13.46
CA GLY F 116 1.97 -153.92 11.97
CA THR F 117 -0.03 -155.70 9.30
CA VAL F 118 -0.47 -156.63 5.72
CA SER F 119 -3.70 -157.20 3.61
CA ALA F 120 -4.58 -160.74 2.73
CA SER F 121 -5.76 -159.57 -0.65
CA ASP F 122 -2.50 -157.66 -1.50
CA CYS F 123 -0.48 -160.59 0.07
CA PRO F 124 -2.27 -163.94 -0.36
CA LEU F 125 0.80 -166.08 -0.04
CA TYR F 126 1.94 -164.55 3.30
CA ALA F 127 -1.58 -165.09 4.63
CA SER F 128 -1.09 -168.72 3.59
CA ARG F 129 2.44 -169.66 4.74
CA ILE F 130 2.11 -167.48 7.82
CA GLY F 131 -1.50 -166.70 8.72
CA THR F 132 -1.84 -165.40 12.16
CA ARG F 133 1.12 -166.78 14.06
CA TYR F 134 2.46 -163.23 14.55
CA GLY F 135 -1.02 -161.79 15.42
CA GLY F 136 -3.45 -159.73 13.32
CA SER F 137 -6.31 -161.58 11.59
CA SER F 138 -6.73 -163.84 8.68
CA SER F 139 -7.72 -160.86 6.53
CA ASN F 140 -5.11 -158.66 7.93
CA PRO F 141 -2.30 -160.90 8.94
CA GLY F 142 0.26 -159.68 11.51
CA LEU F 143 3.85 -158.84 10.83
CA PRO F 144 6.29 -159.92 13.50
CA ASP F 145 7.69 -157.34 15.77
CA MET F 146 11.33 -157.49 16.06
CA ARG F 147 12.38 -154.07 17.33
CA GLY F 148 15.12 -154.57 18.84
CA LEU F 149 15.28 -158.21 19.66
CA PHE F 150 18.29 -160.39 18.79
CA VAL F 151 17.60 -163.64 16.96
CA ARG F 152 18.46 -167.28 18.05
CA GLY F 153 17.69 -170.51 16.12
CA SER F 154 14.53 -172.59 16.95
CA GLY F 155 15.67 -175.81 19.10
CA ARG F 156 18.44 -177.51 20.21
CA GLY F 157 21.13 -178.28 17.89
CA SER F 158 24.15 -180.69 17.55
CA HIS F 159 26.35 -178.10 19.18
CA LEU F 160 24.12 -177.69 22.37
CA THR F 161 23.44 -181.24 22.36
CA ASN F 162 26.92 -182.77 22.34
CA PRO F 163 26.97 -184.69 25.44
CA ASN F 164 30.39 -183.35 26.19
CA VAL F 165 28.88 -179.95 26.75
CA ASN F 166 26.06 -181.54 28.74
CA GLY F 167 26.30 -183.33 32.23
CA ASN F 168 28.24 -181.94 35.19
CA ASP F 169 32.07 -181.68 35.09
CA GLN F 170 34.77 -183.26 37.51
CA PHE F 171 34.14 -180.48 40.07
CA GLY F 172 30.39 -181.20 39.95
CA LYS F 173 29.26 -178.01 38.00
CA PRO F 174 26.94 -178.38 34.96
CA ARG F 175 28.53 -177.82 31.56
CA LEU F 176 27.87 -174.67 29.49
CA GLY F 177 25.22 -176.40 27.23
CA VAL F 178 22.85 -177.32 30.15
CA GLY F 179 19.65 -175.43 30.27
CA CYS F 180 20.19 -173.76 27.00
CA THR F 181 17.49 -173.37 24.36
CA GLY F 182 15.57 -173.06 21.55
CA GLY F 183 12.16 -171.73 21.10
CA TYR F 184 9.27 -172.50 18.68
CA VAL F 185 8.48 -170.87 15.80
CA GLY F 186 8.45 -167.18 16.90
CA GLU F 187 8.87 -167.60 20.64
CA VAL F 188 10.61 -164.74 22.48
CA GLN F 189 12.80 -165.15 25.45
CA ILE F 190 13.86 -162.54 27.88
CA GLN F 191 17.31 -161.33 29.02
CA GLN F 192 19.26 -163.56 31.25
CA MET F 193 22.32 -164.67 33.18
CA SER F 194 23.78 -167.90 34.37
CA TYR F 195 23.92 -168.52 38.07
CA HIS F 196 27.43 -167.93 39.39
CA LYS F 197 29.47 -167.23 42.56
CA HIS F 198 32.39 -165.14 43.64
CA ALA F 199 34.81 -165.32 46.63
CA GLY F 200 34.68 -162.72 49.67
CA GLY F 201 36.56 -160.69 52.49
CA PHE F 202 34.59 -162.47 55.35
CA GLY F 203 35.93 -165.87 55.77
CA GLU F 204 37.30 -168.07 58.47
CA HIS F 205 39.79 -170.96 59.52
CA ASP F 206 37.09 -173.65 59.23
CA ASP F 207 35.79 -174.77 55.78
CA LEU F 208 32.33 -174.59 56.64
CA GLY F 209 31.37 -171.74 54.19
CA ALA F 210 27.49 -171.85 53.42
CA PHE F 211 28.54 -172.02 49.83
CA GLY F 212 32.23 -172.96 49.21
CA ASN F 213 35.44 -171.62 50.78
CA THR F 214 39.02 -171.11 49.89
CA ARG F 215 42.00 -172.72 50.72
CA ARG F 216 43.56 -170.93 53.59
CA SER F 217 46.12 -168.20 52.54
CA ASN F 218 46.07 -164.36 53.12
CA PHE F 219 42.43 -163.80 53.91
CA VAL F 220 40.96 -161.82 56.81
CA GLY F 221 38.81 -163.43 59.52
CA THR F 222 38.16 -163.68 63.22
CA ARG F 223 38.93 -166.22 65.71
CA LYS F 224 37.21 -165.31 68.46
CA GLY F 225 34.01 -166.37 67.82
CA LEU F 226 31.31 -167.30 66.14
CA ASP F 227 28.20 -169.10 65.90
CA TRP F 228 26.09 -170.43 63.38
CA ASP F 229 22.51 -169.17 63.46
CA ASN F 230 22.82 -165.69 62.07
CA ARG F 231 21.94 -164.34 58.79
CA SER F 232 23.55 -164.11 55.60
CA TYR F 233 24.33 -160.58 54.22
CA PHE F 234 24.15 -159.71 50.42
CA THR F 235 26.01 -158.64 47.86
CA ASN F 236 25.56 -155.19 46.40
CA ASP F 237 24.34 -155.14 42.75
CA GLY F 238 27.48 -154.38 40.86
CA TYR F 239 27.23 -150.57 40.56
CA GLU F 240 30.09 -148.52 41.81
CA ILE F 241 29.36 -147.32 45.14
CA ASP F 242 31.80 -144.57 45.73
CA PRO F 243 32.34 -141.76 43.18
CA GLU F 244 34.62 -141.53 40.17
CA SER F 245 35.96 -138.25 41.67
CA GLN F 246 37.42 -140.36 44.72
CA ARG F 247 38.34 -143.79 43.50
CA ASN F 248 41.11 -145.55 41.68
CA SER F 249 42.10 -149.19 41.13
CA LYS F 250 41.27 -150.80 44.47
CA TYR F 251 38.14 -148.96 45.29
CA THR F 252 36.77 -149.66 41.96
CA LEU F 253 34.75 -152.78 41.26
CA ASN F 254 34.31 -153.20 37.45
CA ARG F 255 35.18 -152.37 33.95
CA PRO F 256 33.74 -149.10 32.82
CA GLU F 257 30.00 -149.38 32.25
CA LEU F 258 29.93 -153.18 32.23
CA ILE F 259 27.13 -153.16 34.74
CA GLY F 260 23.77 -151.76 33.60
CA ASN F 261 20.18 -152.63 32.94
CA GLU F 262 20.68 -155.37 30.36
CA THR F 263 22.63 -158.40 29.57
CA ARG F 264 23.77 -158.31 26.14
CA PRO F 265 26.66 -158.68 23.91
CA TRP F 266 28.44 -156.34 21.60
CA ASN F 267 26.16 -155.46 18.73
CA ILE F 268 24.94 -153.35 15.78
CA SER F 269 21.20 -152.37 15.61
CA LEU F 270 19.53 -152.91 12.21
CA ASN F 271 15.96 -153.32 10.87
CA TYR F 272 14.75 -156.75 10.14
CA ILE F 273 12.28 -157.00 7.24
CA ILE F 274 10.20 -159.74 5.61
CA LYS F 275 9.12 -160.59 2.15
CA VAL F 276 5.41 -160.10 1.73
CA LYS F 277 5.00 -160.03 -1.75
CA GLU F 278 5.89 -161.74 -4.96
CA LEU G 1 108.16 -139.94 63.51
CA ASN G 2 109.44 -139.44 67.05
CA GLY G 3 112.77 -138.36 65.63
CA ARG G 4 111.65 -135.27 63.76
CA GLY G 5 111.23 -132.94 66.72
CA SER G 6 109.50 -129.65 65.97
CA THR G 7 111.85 -126.61 65.79
CA THR G 8 111.22 -122.98 64.91
CA SER G 9 112.09 -123.78 61.27
CA MET G 10 110.68 -127.27 60.81
CA ARG G 11 107.28 -128.82 61.48
CA GLY G 12 107.44 -131.80 63.83
CA VAL G 13 106.16 -133.61 66.90
CA VAL G 14 106.38 -132.13 70.40
CA LYS G 15 106.23 -133.02 74.04
CA LEU G 16 103.89 -130.87 76.14
CA THR G 17 105.11 -128.85 79.10
CA THR G 18 102.75 -127.39 81.69
CA THR G 19 105.45 -125.13 83.07
CA ALA G 20 106.23 -122.14 80.90
CA GLY G 21 109.93 -121.55 80.51
CA SER G 22 110.87 -125.18 81.09
CA GLN G 23 111.40 -128.06 78.66
CA SER G 24 109.73 -131.37 79.39
CA GLY G 25 112.50 -133.86 80.21
CA GLY G 26 115.26 -131.85 78.49
CA ASP G 27 113.51 -131.92 75.14
CA ALA G 28 114.00 -128.85 72.93
CA SER G 29 110.83 -129.86 71.07
CA SER G 30 108.55 -128.94 73.93
CA ALA G 31 105.47 -126.72 73.42
CA LEU G 32 103.13 -125.15 75.95
CA ALA G 33 100.24 -127.38 76.84
CA TRP G 34 96.64 -126.15 76.88
CA ASN G 35 96.93 -126.17 80.69
CA ALA G 36 100.36 -124.59 81.06
CA ASP G 37 100.83 -122.07 83.88
CA VAL G 38 100.40 -118.98 81.67
CA ILE G 39 98.54 -115.77 82.35
CA HIS G 40 95.82 -115.23 79.75
CA GLN G 41 93.66 -112.30 78.64
CA ARG G 42 90.49 -113.30 80.48
CA GLY G 43 91.24 -112.35 84.07
CA GLY G 44 90.70 -114.07 87.41
CA GLN G 45 94.31 -115.26 87.75
CA THR G 46 97.20 -114.95 90.13
CA ILE G 47 100.92 -114.26 89.54
CA ASN G 48 102.63 -115.75 92.61
CA GLY G 49 105.45 -113.27 92.91
CA THR G 50 106.47 -109.88 91.70
CA LEU G 51 105.61 -108.22 88.41
CA ARG G 52 107.44 -105.39 86.66
CA ILE G 53 105.69 -103.32 83.92
CA ASN G 54 107.85 -100.84 82.02
CA ASN G 55 105.12 -98.38 81.00
CA THR G 56 101.73 -97.15 82.26
CA LEU G 57 99.35 -99.42 84.12
CA THR G 58 95.70 -98.70 83.34
CA ILE G 59 93.01 -100.19 85.58
CA ALA G 60 89.77 -99.55 83.69
CA SER G 61 87.42 -100.28 86.58
CA GLY G 62 87.38 -101.61 90.13
CA GLY G 63 90.40 -99.91 91.57
CA ALA G 64 93.18 -101.64 93.49
CA ASN G 65 93.46 -103.27 96.87
CA ILE G 66 97.11 -103.11 97.84
CA THR G 67 98.71 -104.77 100.85
CA GLY G 68 101.97 -103.01 101.52
CA THR G 69 103.27 -99.51 100.83
CA VAL G 70 102.72 -97.59 97.60
CA ASN G 71 105.65 -95.35 96.62
CA MET G 72 104.83 -92.98 93.77
CA THR G 73 106.41 -90.06 91.99
CA GLY G 74 103.12 -88.15 91.88
CA GLY G 75 99.55 -88.73 93.05
CA TYR G 76 96.18 -87.27 92.13
CA ILE G 77 92.61 -88.15 93.13
CA GLN G 78 90.00 -86.92 90.62
CA GLY G 79 92.60 -84.49 89.25
CA LYS G 80 93.49 -83.04 92.69
CA ARG G 81 97.01 -83.30 94.07
CA VAL G 82 97.53 -85.60 97.05
CA VAL G 83 98.87 -83.86 100.17
CA THR G 84 101.98 -85.13 101.96
CA GLN G 85 103.21 -84.61 105.54
CA ASN G 86 105.91 -82.10 104.70
CA GLU G 87 103.08 -79.73 103.68
CA ILE G 88 101.50 -79.58 107.12
CA ASP G 89 103.94 -77.05 108.44
CA ARG G 90 103.27 -74.65 105.55
CA THR G 91 99.48 -74.30 106.34
CA ILE G 92 100.04 -73.56 110.05
CA PRO G 93 103.50 -73.15 111.33
CA VAL G 94 104.81 -74.46 114.55
CA GLY G 95 104.85 -71.30 116.52
CA ALA G 96 101.37 -70.06 115.64
CA ILE G 97 99.01 -68.96 118.35
CA MET G 98 95.23 -68.98 118.53
CA MET G 99 92.39 -69.32 121.04
CA TRP G 100 90.55 -72.36 122.51
CA ALA G 101 86.96 -72.33 123.70
CA ALA G 102 87.52 -74.94 126.29
CA ASP G 103 89.32 -76.74 129.02
CA SER G 104 91.28 -79.57 127.45
CA LEU G 105 93.11 -80.25 124.26
CA PRO G 106 92.75 -83.37 122.05
CA SER G 107 96.20 -83.95 120.21
CA ASP G 108 99.21 -83.29 121.56
CA ALA G 109 100.19 -81.15 118.55
CA TRP G 110 99.14 -78.01 120.55
CA ARG G 111 99.48 -76.95 124.09
CA PHE G 112 98.34 -74.28 126.25
CA CYS G 113 100.28 -71.15 126.81
CA HIS G 114 100.22 -71.69 130.67
CA GLY G 115 103.32 -71.68 130.23
CA GLY G 116 105.21 -74.86 131.07
CA THR G 117 107.49 -76.67 128.68
CA VAL G 118 107.90 -78.95 125.75
CA SER G 119 110.70 -81.53 124.90
CA ALA G 120 113.13 -80.63 122.19
CA SER G 121 113.13 -84.20 121.04
CA ASP G 122 109.29 -84.47 120.77
CA CYS G 123 109.24 -80.89 119.26
CA PRO G 124 112.40 -80.14 117.25
CA LEU G 125 110.89 -77.45 115.12
CA TYR G 126 109.55 -75.37 118.08
CA ALA G 127 113.00 -75.61 119.67
CA SER G 128 114.28 -74.19 116.38
CA ARG G 129 111.87 -71.34 115.47
CA ILE G 130 111.43 -70.43 119.12
CA GLY G 131 114.24 -71.74 121.32
CA THR G 132 114.29 -70.10 124.66
CA ARG G 133 112.69 -66.71 124.12
CA TYR G 134 109.82 -67.71 126.44
CA GLY G 135 112.16 -69.35 129.04
CA GLY G 136 112.94 -73.02 129.72
CA SER G 137 116.12 -74.47 128.16
CA SER G 138 117.26 -75.54 124.79
CA SER G 139 116.34 -79.13 125.64
CA ASN G 140 113.17 -78.22 127.28
CA PRO G 141 112.01 -75.07 125.61
CA GLY G 142 109.53 -72.78 127.42
CA LEU G 143 105.96 -72.21 126.45
CA PRO G 144 104.74 -68.65 126.79
CA ASP G 145 102.51 -67.82 129.64
CA MET G 146 99.52 -65.97 128.65
CA ARG G 147 97.04 -66.47 131.49
CA GLY G 148 95.14 -63.94 131.36
CA LEU G 149 96.93 -61.30 129.43
CA PHE G 150 95.37 -59.48 126.46
CA VAL G 151 97.37 -59.33 123.25
CA ARG G 152 98.61 -56.19 121.30
CA GLY G 153 100.67 -56.17 118.06
CA SER G 154 104.51 -55.78 118.17
CA GLY G 155 105.43 -51.98 117.13
CA ARG G 156 104.05 -49.08 115.90
CA GLY G 157 101.86 -49.20 113.00
CA SER G 158 100.46 -46.86 110.26
CA HIS G 159 97.47 -46.14 112.45
CA LEU G 160 99.56 -44.99 115.55
CA THR G 161 101.93 -43.37 113.38
CA ASN G 162 99.73 -41.09 111.28
CA PRO G 163 101.02 -37.76 112.09
CA ASN G 164 97.53 -36.51 112.46
CA VAL G 165 97.16 -38.59 115.58
CA ASN G 166 100.62 -37.48 116.71
CA GLY G 167 101.74 -33.88 117.80
CA ASN G 168 99.74 -31.66 120.17
CA ASP G 169 96.33 -30.25 119.13
CA GLN G 170 95.10 -26.49 118.89
CA PHE G 171 94.55 -26.43 122.69
CA GLY G 172 98.11 -27.71 123.24
CA LYS G 173 97.22 -31.33 124.40
CA PRO G 174 99.03 -34.31 122.78
CA ARG G 175 96.97 -36.41 120.37
CA LEU G 176 95.69 -39.90 121.28
CA GLY G 177 98.55 -41.72 119.38
CA VAL G 178 101.39 -40.11 121.45
CA GLY G 179 103.19 -42.41 123.76
CA CYS G 180 101.48 -45.46 122.50
CA THR G 181 103.28 -48.73 121.78
CA GLY G 182 104.43 -51.74 120.67
CA GLY G 183 106.61 -54.23 122.27
CA TYR G 184 109.18 -56.80 120.98
CA VAL G 185 108.67 -60.10 120.36
CA GLY G 186 106.96 -61.33 123.59
CA GLU G 187 107.28 -58.22 125.72
CA VAL G 188 104.58 -57.70 128.37
CA GLN G 189 103.27 -54.38 129.45
CA ILE G 190 101.34 -53.60 132.53
CA GLN G 191 97.93 -51.96 133.06
CA GLN G 192 97.66 -48.31 132.51
CA MET G 193 95.82 -45.02 132.15
CA SER G 194 96.37 -41.78 130.36
CA TYR G 195 97.01 -38.69 132.42
CA HIS G 196 93.88 -36.57 132.64
CA LYS G 197 92.16 -33.80 134.66
CA HIS G 198 88.74 -32.90 135.91
CA ALA G 199 87.13 -29.61 137.11
CA GLY G 200 86.30 -28.88 140.94
CA GLY G 201 84.01 -27.14 143.66
CA PHE G 202 86.93 -24.94 145.00
CA GLY G 203 87.55 -22.22 142.60
CA GLU G 204 87.83 -18.49 142.54
CA HIS G 205 87.29 -15.09 140.57
CA ASP G 206 90.92 -15.00 139.38
CA ASP G 207 92.17 -17.44 136.67
CA LEU G 208 95.14 -18.37 138.41
CA GLY G 209 94.22 -22.11 138.95
CA ALA G 210 97.51 -24.25 139.52
CA PHE G 211 96.25 -26.33 136.66
CA GLY G 212 93.50 -24.70 134.50
CA ASN G 213 90.27 -22.92 135.51
CA THR G 214 86.85 -22.32 134.18
CA ARG G 215 85.21 -19.58 132.75
CA ARG G 216 83.33 -17.82 135.43
CA SER G 217 79.63 -18.97 135.79
CA ASN G 218 77.81 -20.66 138.78
CA PHE G 219 80.73 -21.94 140.77
CA VAL G 220 81.35 -21.53 144.51
CA GLY G 221 84.33 -19.61 145.91
CA THR G 222 85.45 -17.07 148.46
CA ARG G 223 86.39 -13.55 148.21
CA LYS G 224 87.73 -12.78 151.19
CA GLY G 225 90.92 -14.02 151.01
CA LEU G 226 93.49 -15.88 150.06
CA ASP G 227 97.03 -16.40 149.61
CA TRP G 228 99.20 -18.41 147.66
CA ASP G 229 101.62 -20.54 149.62
CA ASN G 230 99.44 -23.31 150.92
CA ARG G 231 99.11 -26.81 149.86
CA SER G 232 97.23 -28.55 147.38
CA TYR G 233 94.61 -31.13 148.58
CA PHE G 234 93.87 -34.44 146.63
CA THR G 235 91.42 -36.09 145.05
CA ASN G 236 89.88 -39.21 146.51
CA ASP G 237 90.46 -42.41 144.44
CA GLY G 238 87.16 -42.85 142.72
CA TYR G 239 85.42 -45.24 145.15
CA GLU G 240 82.10 -44.24 146.52
CA ILE G 241 82.52 -42.78 149.80
CA ASP G 242 79.11 -42.81 151.30
CA PRO G 243 76.93 -45.96 151.29
CA GLU G 244 74.49 -47.29 148.74
CA SER G 245 71.87 -47.42 151.55
CA GLN G 246 72.06 -43.45 151.76
CA ARG G 247 72.85 -42.09 148.36
CA ASN G 248 71.16 -41.26 145.12
CA SER G 249 72.08 -39.27 142.01
CA LYS G 250 74.01 -36.33 143.44
CA TYR G 251 75.86 -38.07 146.17
CA THR G 252 76.97 -40.67 143.85
CA LEU G 253 80.19 -40.35 141.89
CA ASN G 254 80.32 -43.07 139.15
CA ARG G 255 78.73 -45.68 137.08
CA PRO G 256 78.17 -48.88 138.95
CA GLU G 257 81.43 -50.74 139.48
CA LEU G 258 83.40 -48.71 136.94
CA ILE G 259 86.10 -48.09 139.50
CA GLY G 260 88.12 -51.11 140.67
CA ASN G 261 91.55 -52.63 140.72
CA GLU G 262 92.20 -52.80 136.97
CA THR G 263 91.96 -50.91 133.82
CA ARG G 264 90.52 -52.95 131.22
CA PRO G 265 87.98 -53.15 128.58
CA TRP G 266 84.99 -55.33 128.06
CA ASN G 267 86.15 -58.86 127.38
CA ILE G 268 85.76 -62.65 127.16
CA SER G 269 88.45 -64.89 128.82
CA LEU G 270 89.73 -67.78 126.64
CA ASN G 271 92.82 -70.04 126.54
CA TYR G 272 95.50 -69.22 124.10
CA ILE G 273 97.39 -72.23 122.71
CA ILE G 274 100.35 -72.81 120.40
CA LYS G 275 101.29 -75.31 117.79
CA VAL G 276 104.14 -77.45 118.95
CA LYS G 277 104.04 -80.18 116.76
CA GLU G 278 103.76 -81.21 113.16
CA LEU H 1 104.47 -136.32 58.04
CA ASN H 2 105.62 -132.75 57.53
CA GLY H 3 102.52 -132.11 55.46
CA ARG H 4 99.89 -132.70 58.10
CA GLY H 5 100.28 -129.45 60.01
CA SER H 6 98.46 -129.27 63.33
CA THR H 7 95.25 -127.17 63.29
CA THR H 8 92.62 -126.53 65.95
CA SER H 9 90.60 -129.47 64.57
CA MET H 10 93.30 -131.94 63.56
CA ARG H 11 96.32 -133.41 65.36
CA GLY H 12 99.58 -132.77 63.56
CA VAL H 13 103.19 -131.57 63.64
CA VAL H 14 104.15 -128.01 64.55
CA LYS H 15 106.95 -125.51 64.32
CA LEU H 16 107.84 -123.78 67.61
CA THR H 17 107.67 -120.02 68.02
CA THR H 18 109.32 -118.19 70.90
CA THR H 19 107.36 -115.03 70.20
CA ALA H 20 103.74 -115.18 71.27
CA GLY H 21 101.41 -113.78 68.67
CA SER H 22 103.71 -114.56 65.76
CA GLN H 23 103.96 -117.58 63.47
CA SER H 24 107.35 -119.09 62.83
CA GLY H 25 108.20 -118.45 59.18
CA GLY H 26 104.58 -117.88 58.10
CA ASP H 27 103.47 -121.30 59.26
CA ALA H 28 99.92 -121.55 60.61
CA SER H 29 100.97 -124.73 62.43
CA SER H 30 103.09 -122.90 64.95
CA ALA H 31 102.75 -123.54 68.71
CA LEU H 32 104.28 -121.71 71.65
CA ALA H 33 107.63 -123.10 72.65
CA TRP H 34 108.51 -123.93 76.25
CA ASN H 35 110.61 -120.74 76.22
CA ALA H 36 108.18 -118.41 74.47
CA ASP H 37 107.95 -114.84 75.78
CA VAL H 38 104.80 -115.43 77.85
CA ILE H 39 103.94 -114.19 81.32
CA HIS H 40 103.33 -117.11 83.67
CA GLN H 41 101.74 -117.56 87.09
CA ARG H 42 104.95 -117.75 89.10
CA GLY H 43 106.08 -114.14 89.28
CA GLY H 44 109.42 -112.41 88.83
CA GLN H 45 108.73 -111.24 85.28
CA THR H 46 108.58 -108.06 83.29
CA ILE H 47 106.04 -106.79 80.72
CA ASN H 48 108.04 -104.29 78.63
CA GLY H 49 105.26 -101.85 77.90
CA THR H 50 101.82 -100.95 79.07
CA LEU H 51 99.19 -103.21 80.59
CA ARG H 52 95.44 -102.65 80.74
CA ILE H 53 93.27 -104.64 83.24
CA ASN H 54 89.51 -104.25 82.92
CA ASN H 55 88.55 -105.05 86.52
CA THR H 56 90.05 -104.81 90.03
CA LEU H 57 93.76 -105.24 90.65
CA THR H 58 94.51 -106.97 93.95
CA ILE H 59 98.07 -106.87 95.30
CA ALA H 60 98.04 -109.37 98.16
CA SER H 61 101.32 -108.27 99.74
CA GLY H 62 104.29 -106.00 99.16
CA GLY H 63 102.60 -102.92 97.86
CA ALA H 64 103.59 -101.04 94.72
CA ASN H 65 106.52 -98.92 93.69
CA ILE H 66 105.28 -96.64 90.94
CA THR H 67 107.40 -94.32 88.83
CA GLY H 68 105.12 -91.72 87.32
CA THR H 69 101.78 -90.24 88.37
CA VAL H 70 98.87 -92.22 89.80
CA ASN H 71 95.45 -90.89 88.78
CA MET H 72 92.58 -92.46 90.71
CA THR H 73 88.87 -92.00 91.13
CA GLY H 74 89.07 -92.53 94.88
CA GLY H 75 91.80 -93.22 97.43
CA TYR H 76 91.86 -94.64 100.95
CA ILE H 77 94.69 -95.61 103.30
CA GLN H 78 93.60 -98.12 105.99
CA GLY H 79 89.99 -97.14 105.31
CA LYS H 80 90.63 -93.37 105.68
CA ARG H 81 89.97 -91.00 102.79
CA VAL H 82 93.01 -89.40 101.14
CA VAL H 83 93.06 -85.59 101.31
CA THR H 84 93.50 -83.50 98.16
CA GLN H 85 94.68 -79.88 97.69
CA ASN H 86 91.27 -78.40 97.02
CA GLU H 87 90.41 -79.28 100.64
CA ILE H 88 93.07 -77.05 102.17
CA ASP H 89 91.03 -73.93 101.83
CA ARG H 90 88.04 -75.46 103.66
CA THR H 91 90.55 -76.10 107.06
CA ILE H 92 91.96 -72.54 107.23
CA PRO H 93 90.79 -69.98 104.82
CA VAL H 94 92.90 -67.44 103.10
CA GLY H 95 91.98 -64.45 105.11
CA ALA H 96 92.34 -65.96 108.57
CA ILE H 97 94.34 -64.21 111.22
CA MET H 98 96.29 -65.54 114.18
CA MET H 99 99.36 -64.77 116.30
CA TRP H 100 103.08 -65.63 115.93
CA ALA H 101 105.49 -66.06 118.81
CA ALA H 102 108.44 -64.89 116.87
CA ASP H 103 110.34 -62.78 114.46
CA SER H 104 110.32 -64.54 111.09
CA LEU H 105 108.00 -66.70 109.11
CA PRO H 106 108.91 -70.01 107.37
CA SER H 107 106.54 -70.41 104.24
CA ASP H 108 105.46 -67.86 102.33
CA ALA H 109 101.82 -68.97 102.77
CA TRP H 110 101.47 -66.38 105.61
CA ARG H 111 102.68 -62.91 106.15
CA PHE H 112 102.78 -60.43 108.78
CA CYS H 113 100.13 -57.83 109.21
CA HIS H 114 102.78 -54.98 109.08
CA GLY H 115 101.01 -54.12 106.63
CA GLY H 116 102.68 -54.11 103.21
CA THR H 117 101.34 -55.96 100.22
CA VAL H 118 100.90 -59.17 98.36
CA SER H 119 100.75 -59.90 94.54
CA ALA H 120 97.39 -60.75 93.08
CA SER H 121 99.04 -63.26 90.81
CA ASP H 122 100.91 -65.09 93.66
CA CYS H 123 97.72 -64.76 95.85
CA PRO H 124 94.52 -64.81 93.76
CA LEU H 125 92.25 -65.94 96.51
CA TYR H 126 93.27 -63.15 98.97
CA ALA H 127 92.71 -60.63 96.18
CA SER H 128 89.23 -62.15 95.93
CA ARG H 129 88.01 -62.58 99.53
CA ILE H 130 89.78 -59.39 100.59
CA GLY H 131 90.57 -57.10 97.67
CA THR H 132 91.43 -53.66 98.77
CA ARG H 133 89.68 -53.22 102.10
CA TYR H 134 93.08 -52.91 103.83
CA GLY H 135 94.54 -50.61 101.09
CA GLY H 136 96.96 -51.38 98.23
CA SER H 137 95.46 -52.05 94.78
CA SER H 138 93.62 -54.80 93.09
CA SER H 139 96.90 -56.05 91.63
CA ASN H 140 98.79 -55.55 94.74
CA PRO H 141 96.32 -55.97 97.53
CA GLY H 142 97.09 -54.47 100.97
CA LEU H 143 97.87 -56.40 104.08
CA PRO H 144 96.34 -55.01 107.25
CA ASP H 145 98.55 -53.21 109.64
CA MET H 146 98.20 -54.36 113.08
CA ARG H 147 101.39 -53.25 114.83
CA GLY H 148 100.59 -52.97 117.88
CA LEU H 149 96.86 -52.67 118.03
CA PHE H 150 94.71 -54.87 120.27
CA VAL H 151 91.76 -56.62 118.65
CA ARG H 152 87.96 -56.33 119.55
CA GLY H 153 85.06 -58.15 117.80
CA SER H 154 83.02 -56.38 115.04
CA GLY H 155 79.50 -55.20 116.62
CA ARG H 156 77.56 -55.44 119.45
CA GLY H 157 76.98 -58.69 120.98
CA SER H 158 74.52 -60.43 123.41
CA HIS H 159 76.79 -59.51 126.29
CA LEU H 160 76.86 -55.67 125.49
CA THR H 161 73.38 -55.79 124.54
CA ASN H 162 71.73 -57.34 127.60
CA PRO H 163 69.41 -54.71 128.66
CA ASN H 164 70.50 -55.23 132.21
CA VAL H 165 73.86 -53.77 131.33
CA ASN H 166 72.13 -51.00 129.36
CA GLY H 167 69.89 -48.09 130.73
CA ASN H 168 70.81 -45.99 133.77
CA ASP H 169 70.92 -47.53 137.28
CA GLN H 170 68.93 -46.54 140.55
CA PHE H 171 71.37 -43.65 141.18
CA GLY H 172 70.82 -42.38 137.62
CA LYS H 173 74.29 -43.39 136.12
CA PRO H 174 74.41 -45.31 132.80
CA ARG H 175 75.34 -48.99 133.02
CA LEU H 176 78.78 -50.29 131.90
CA GLY H 177 77.46 -51.53 128.44
CA VAL H 178 76.26 -48.02 127.30
CA GLY H 179 78.23 -46.47 124.57
CA CYS H 180 80.31 -49.51 123.97
CA THR H 181 81.15 -50.84 120.51
CA GLY H 182 81.90 -52.62 117.70
CA GLY H 183 83.41 -51.58 114.51
CA TYR H 184 83.08 -52.76 110.86
CA VAL H 185 85.11 -54.91 109.19
CA GLY H 186 88.63 -53.50 109.90
CA GLU H 187 87.70 -50.28 111.66
CA VAL H 188 90.23 -48.96 114.22
CA GLN H 189 89.33 -47.14 117.33
CA ILE H 190 91.56 -45.07 119.45
CA GLN H 191 92.46 -45.22 123.17
CA GLN H 192 89.88 -44.16 125.62
CA MET H 193 88.41 -43.71 129.07
CA SER H 194 85.00 -43.53 130.57
CA TYR H 195 83.88 -40.25 132.06
CA HIS H 196 84.15 -40.35 135.85
CA LYS H 197 84.35 -38.15 138.99
CA HIS H 198 86.16 -38.08 142.27
CA ALA H 199 85.50 -36.28 145.62
CA GLY H 200 87.68 -33.19 146.89
CA GLY H 201 89.24 -31.12 149.86
CA PHE H 202 87.18 -27.92 148.98
CA GLY H 203 83.71 -28.42 150.07
CA GLU H 204 81.11 -26.72 152.17
CA HIS H 205 78.00 -27.02 154.61
CA ASP H 206 75.50 -26.53 151.78
CA ASP H 207 74.89 -29.30 149.18
CA LEU H 208 75.09 -27.15 146.33
CA GLY H 209 78.28 -28.73 144.77
CA ALA H 210 78.42 -27.93 140.88
CA PHE H 211 78.69 -31.65 140.47
CA GLY H 212 77.70 -33.74 143.55
CA ASN H 213 78.68 -33.41 147.22
CA THR H 214 79.16 -35.55 150.23
CA ARG H 215 77.34 -36.12 153.15
CA ARG H 216 78.66 -33.92 155.82
CA SER H 217 81.42 -35.57 158.03
CA ASN H 218 85.13 -34.62 158.53
CA PHE H 219 85.73 -32.43 155.53
CA VAL H 220 87.37 -28.98 155.46
CA GLY H 221 85.51 -25.85 154.36
CA THR H 222 84.81 -22.23 155.15
CA ARG H 223 81.92 -20.51 156.58
CA LYS H 224 82.53 -17.23 156.12
CA GLY H 225 81.69 -16.69 152.84
CA LEU H 226 81.10 -17.28 149.63
CA ASP H 227 79.47 -16.49 146.52
CA TRP H 228 78.58 -18.12 143.50
CA ASP H 229 79.96 -16.53 140.35
CA ASN H 230 83.58 -17.54 140.41
CA ARG H 231 85.38 -20.08 138.46
CA SER H 232 85.97 -23.60 138.77
CA TYR H 233 89.61 -24.78 139.27
CA PHE H 234 90.98 -28.10 137.74
CA THR H 235 92.31 -31.05 138.57
CA ASN H 236 95.93 -31.85 137.90
CA ASP H 237 96.51 -34.72 135.40
CA GLY H 238 97.39 -37.58 137.64
CA TYR H 239 101.21 -37.36 137.63
CA GLU H 240 102.96 -37.10 140.92
CA ILE H 241 103.73 -33.64 141.62
CA ASP H 242 106.28 -33.76 144.34
CA PRO H 243 109.37 -36.01 144.11
CA GLU H 244 109.92 -39.62 145.08
CA SER H 245 112.90 -38.42 147.18
CA GLN H 246 110.36 -36.42 149.50
CA ARG H 247 107.09 -38.26 149.58
CA ASN H 248 105.47 -41.18 151.28
CA SER H 249 101.90 -42.45 151.66
CA LYS H 250 99.90 -39.25 152.01
CA TYR H 251 101.74 -37.08 149.61
CA THR H 252 101.53 -39.68 147.04
CA LEU H 253 98.63 -39.87 144.62
CA ASN H 254 98.73 -43.23 142.74
CA ARG H 255 99.98 -46.68 142.28
CA PRO H 256 103.43 -46.80 140.81
CA GLU H 257 103.37 -45.91 137.13
CA LEU H 258 99.61 -46.31 136.73
CA ILE H 259 99.41 -42.92 135.11
CA GLY H 260 101.09 -42.51 131.69
CA ASN H 261 100.45 -41.81 128.07
CA GLU H 262 98.05 -44.67 127.31
CA THR H 263 95.08 -46.47 128.54
CA ARG H 264 95.58 -50.04 128.30
CA PRO H 265 95.39 -53.25 130.07
CA TRP H 266 97.94 -55.80 131.05
CA ASN H 267 99.27 -57.45 127.92
CA ILE H 268 101.80 -59.45 125.88
CA SER H 269 102.94 -58.05 122.44
CA LEU H 270 102.93 -60.59 119.57
CA ASN H 271 102.84 -60.47 115.74
CA TYR H 272 99.58 -61.03 114.05
CA ILE H 273 99.82 -62.76 110.65
CA ILE H 274 97.41 -63.73 107.87
CA LYS H 275 97.06 -66.57 105.49
CA VAL H 276 97.75 -65.48 101.96
CA LYS H 277 98.30 -68.48 100.27
CA GLU H 278 96.99 -71.96 99.71
CA LEU I 1 100.24 -140.84 63.24
CA ASN I 2 97.06 -139.24 64.54
CA GLY I 3 96.98 -141.81 67.32
CA ARG I 4 100.20 -140.89 69.07
CA GLY I 5 99.01 -137.75 70.84
CA SER I 6 101.72 -135.65 72.44
CA THR I 7 101.93 -135.94 76.27
CA THR I 8 104.36 -134.50 78.78
CA SER I 9 106.46 -137.68 78.50
CA MET I 10 106.13 -138.57 74.83
CA ARG I 11 106.64 -136.64 71.61
CA GLY I 12 103.56 -136.60 69.40
CA VAL I 13 101.05 -134.66 67.32
CA VAL I 14 98.80 -131.97 68.79
CA LYS I 15 95.67 -130.00 68.14
CA LEU I 16 96.01 -126.22 68.59
CA THR I 17 93.90 -124.28 71.07
CA THR I 18 93.58 -120.51 70.97
CA THR I 19 92.09 -120.41 74.44
CA ALA I 20 94.61 -120.94 77.22
CA GLY I 21 93.35 -123.33 79.86
CA SER I 22 91.02 -125.17 77.51
CA GLN I 23 91.53 -128.29 75.39
CA SER I 24 90.45 -128.20 71.77
CA GLY I 25 87.50 -130.58 71.43
CA GLY I 26 88.29 -132.56 74.59
CA ASP I 27 91.73 -133.54 73.36
CA ALA I 28 94.43 -133.89 76.02
CA SER I 29 97.03 -133.44 73.27
CA SER I 30 96.25 -129.77 72.80
CA ALA I 31 99.00 -127.13 72.75
CA LEU I 32 98.78 -123.35 72.75
CA ALA I 33 98.61 -121.89 69.29
CA TRP I 34 100.80 -119.00 68.17
CA ASN I 35 97.67 -116.82 68.49
CA ALA I 36 96.34 -118.12 71.80
CA ASP I 37 94.91 -115.56 74.23
CA VAL I 38 98.06 -115.31 76.37
CA ILE I 39 99.70 -112.26 77.90
CA HIS I 40 103.26 -111.88 76.62
CA GLN I 41 106.31 -109.88 77.66
CA ARG I 42 106.02 -107.13 75.07
CA GLY I 43 103.22 -104.97 76.44
CA GLY I 44 100.20 -103.29 74.88
CA GLN I 45 97.72 -105.93 76.07
CA THR I 46 94.59 -106.20 78.11
CA ILE I 47 93.53 -108.67 80.83
CA ASN I 48 89.70 -108.52 80.76
CA GLY I 49 89.07 -109.07 84.44
CA THR I 50 90.88 -109.01 87.73
CA LEU I 51 94.52 -109.76 88.42
CA ARG I 52 96.12 -110.78 91.70
CA ILE I 53 99.91 -110.45 92.23
CA ASN I 54 101.33 -111.94 95.42
CA ASN I 55 104.43 -109.73 95.76
CA THR I 56 105.57 -106.21 94.80
CA LEU I 57 104.37 -104.50 91.65
CA THR I 58 107.02 -102.31 90.05
CA ILE I 59 105.99 -99.83 87.37
CA ALA I 60 109.28 -98.62 85.89
CA SER I 61 107.86 -95.62 84.04
CA GLY I 62 104.58 -93.96 83.10
CA GLY I 63 102.66 -94.29 86.31
CA ALA I 64 99.15 -95.65 86.63
CA ASN I 65 95.72 -94.45 85.62
CA ILE I 66 93.28 -96.13 87.95
CA THR I 67 89.49 -96.03 87.68
CA GLY I 68 88.07 -96.96 91.04
CA THR I 69 89.37 -96.69 94.62
CA VAL I 70 92.92 -97.50 95.69
CA ASN I 71 93.16 -99.02 99.18
CA MET I 72 96.71 -99.22 100.50
CA THR I 73 98.50 -100.07 103.70
CA GLY I 74 100.91 -97.18 103.30
CA GLY I 75 101.49 -94.39 100.78
CA TYR I 76 104.42 -92.13 99.94
CA ILE I 77 105.02 -89.57 97.17
CA GLN I 78 108.73 -88.92 96.52
CA GLY I 79 109.50 -90.39 99.96
CA LYS I 80 106.96 -88.17 101.80
CA ARG I 81 104.07 -89.72 103.72
CA VAL I 82 100.58 -89.21 102.29
CA VAL I 83 98.19 -87.37 104.62
CA THR I 84 94.79 -88.84 105.50
CA GLN I 85 91.60 -87.17 106.81
CA ASN I 86 91.94 -88.34 110.39
CA GLU I 87 95.03 -86.09 110.59
CA ILE I 88 93.17 -82.87 109.92
CA ASP I 89 91.96 -82.52 113.46
CA ARG I 90 95.47 -82.83 114.89
CA THR I 91 96.44 -79.77 113.00
CA ILE I 92 93.55 -77.52 114.09
CA PRO I 93 91.03 -78.80 116.51
CA VAL I 94 87.36 -78.24 116.33
CA GLY I 95 87.02 -75.65 119.00
CA ALA I 96 89.87 -73.38 117.91
CA ILE I 97 89.32 -69.69 117.53
CA MET I 98 90.99 -67.12 115.30
CA MET I 99 90.25 -63.87 113.45
CA TRP I 100 88.81 -63.11 109.99
CA ALA I 101 89.61 -60.03 107.94
CA ALA I 102 86.30 -59.94 106.28
CA ASP I 103 82.58 -60.22 105.98
CA SER I 104 81.76 -63.72 104.77
CA LEU I 105 83.12 -67.17 105.18
CA PRO I 106 83.82 -69.68 102.35
CA SER I 107 83.37 -73.32 103.84
CA ASP I 108 81.12 -74.15 106.18
CA ALA I 109 83.85 -75.71 108.37
CA TRP I 110 84.01 -72.41 110.37
CA ARG I 111 81.47 -69.96 111.59
CA PHE I 112 81.37 -66.71 113.14
CA CYS I 113 81.22 -66.25 116.85
CA HIS I 114 77.99 -64.06 116.53
CA GLY I 115 76.86 -66.35 118.34
CA GLY I 116 74.03 -68.45 116.91
CA THR I 117 74.13 -72.22 116.70
CA VAL I 118 75.33 -75.31 114.98
CA SER I 119 73.64 -78.79 114.49
CA ALA I 120 74.95 -81.64 116.54
CA SER I 121 74.46 -83.93 113.61
CA ASP I 122 76.43 -81.72 111.12
CA CYS I 123 79.03 -81.04 113.92
CA PRO I 124 79.37 -84.00 116.31
CA LEU I 125 82.82 -83.15 117.51
CA TYR I 126 81.95 -79.54 118.52
CA ALA I 127 78.95 -80.90 120.41
CA SER I 128 81.47 -83.14 122.20
CA ARG I 129 84.45 -80.88 123.04
CA ILE I 130 82.15 -77.94 123.67
CA GLY I 131 78.55 -78.97 124.34
CA THR I 132 76.56 -76.22 125.83
CA ARG I 133 79.07 -74.03 127.61
CA TYR I 134 78.24 -71.17 125.20
CA GLY I 135 74.44 -71.79 125.37
CA GLY I 136 72.10 -73.51 122.89
CA SER I 137 71.22 -77.18 123.50
CA SER I 138 72.90 -80.47 123.19
CA SER I 139 71.29 -80.94 119.78
CA ASN I 140 71.88 -77.46 118.72
CA PRO I 141 74.97 -76.35 120.53
CA GLY I 142 75.64 -72.61 120.97
CA LEU I 143 78.35 -70.64 119.31
CA PRO I 144 80.04 -68.06 121.49
CA ASP I 145 79.21 -64.48 120.97
CA MET I 146 82.15 -62.33 120.66
CA ARG I 147 80.92 -59.19 118.92
CA GLY I 148 82.92 -56.91 119.85
CA LEU I 149 84.60 -58.11 122.96
CA PHE I 150 88.38 -58.11 123.38
CA VAL I 151 90.00 -61.33 124.55
CA ARG I 152 92.16 -61.96 127.74
CA GLY I 153 93.73 -65.30 128.84
CA SER I 154 91.93 -67.55 131.42
CA GLY I 155 93.79 -67.12 134.97
CA ARG I 156 96.54 -65.70 136.46
CA GLY I 157 99.82 -66.12 134.96
CA SER I 158 103.57 -65.88 135.92
CA HIS I 159 103.58 -62.26 134.83
CA LEU I 160 100.58 -61.19 137.11
CA THR I 161 101.78 -63.36 139.73
CA ASN I 162 105.36 -62.21 140.20
CA PRO I 163 105.40 -61.10 143.68
CA ASN I 164 107.29 -58.03 142.66
CA VAL I 165 104.20 -56.79 140.89
CA ASN I 166 102.08 -57.84 143.86
CA GLY I 167 102.09 -56.31 147.48
CA ASN I 168 102.05 -52.57 148.18
CA ASP I 169 105.06 -50.37 147.27
CA GLN I 170 107.29 -48.06 149.59
CA PHE I 171 104.61 -45.32 149.48
CA GLY I 172 101.96 -47.86 150.55
CA LYS I 173 100.07 -48.17 147.14
CA PRO I 174 99.31 -51.66 145.73
CA ARG I 175 101.38 -52.74 142.73
CA LEU I 176 99.92 -52.88 139.18
CA GLY I 177 99.32 -56.73 139.32
CA VAL I 178 96.95 -56.58 142.38
CA GLY I 179 93.39 -57.34 141.67
CA CYS I 180 94.01 -58.35 138.15
CA THR I 181 92.44 -61.41 136.53
CA GLY I 182 91.59 -64.17 134.72
CA GLY I 183 88.31 -65.70 134.05
CA TYR I 184 87.09 -69.31 133.44
CA VAL I 185 86.53 -70.81 130.44
CA GLY I 186 84.34 -68.25 128.59
CA GLU I 187 83.73 -65.77 131.37
CA VAL I 188 83.15 -62.13 130.30
CA GLN I 189 84.22 -59.17 132.26
CA ILE I 190 83.04 -55.66 131.88
CA GLN I 191 84.90 -52.37 131.23
CA GLN I 192 86.89 -50.94 134.00
CA MET I 193 89.33 -48.51 135.58
CA SER I 194 91.74 -48.55 138.44
CA TYR I 195 91.02 -46.33 141.39
CA HIS I 196 93.17 -43.21 141.28
CA LYS I 197 93.49 -39.63 142.60
CA HIS I 198 94.50 -36.22 141.35
CA ALA I 199 95.63 -32.99 143.12
CA GLY I 200 93.30 -29.75 143.38
CA GLY I 201 92.95 -25.82 143.55
CA PHE I 202 91.35 -25.92 147.10
CA GLY I 203 93.98 -26.60 149.57
CA GLU I 204 95.36 -25.18 152.74
CA HIS I 205 98.48 -24.54 155.09
CA ASP I 206 97.70 -27.60 157.26
CA ASP I 207 98.27 -31.17 155.91
CA LEU I 208 95.11 -32.43 156.97
CA GLY I 209 93.68 -33.15 153.43
CA ALA I 210 90.81 -35.88 153.64
CA PHE I 211 92.86 -37.75 151.12
CA GLY I 212 96.51 -36.58 150.74
CA ASN I 213 97.98 -33.08 150.31
CA THR I 214 100.90 -31.40 148.74
CA ARG I 215 103.87 -30.00 149.93
CA ARG I 216 103.36 -26.36 150.36
CA SER I 217 104.41 -24.23 147.26
CA ASN I 218 102.29 -21.95 144.96
CA PHE I 219 98.81 -23.18 145.72
CA VAL I 220 95.74 -21.08 146.56
CA GLY I 221 93.96 -21.31 149.92
CA THR I 222 92.41 -19.35 152.74
CA ARG I 223 93.52 -18.56 156.12
CA LYS I 224 90.82 -17.24 157.65
CA GLY I 225 88.95 -19.98 158.51
CA LEU I 226 87.73 -23.07 158.48
CA ASP I 227 86.18 -25.87 160.12
CA TRP I 228 85.89 -29.37 159.70
CA ASP I 229 82.34 -30.69 159.47
CA ASN I 230 81.30 -29.68 156.00
CA ARG I 231 80.93 -31.67 152.95
CA SER I 232 83.11 -32.74 150.33
CA TYR I 233 82.43 -31.45 146.75
CA PHE I 234 83.03 -33.62 143.56
CA THR I 235 84.80 -33.73 140.72
CA ASN I 236 83.17 -33.20 137.36
CA ASP I 237 83.29 -36.27 135.03
CA GLY I 238 86.05 -35.38 132.67
CA TYR I 239 84.05 -33.81 129.80
CA GLU I 240 84.97 -30.35 128.72
CA ILE I 241 82.76 -27.95 130.28
CA ASP I 242 83.20 -24.82 128.32
CA PRO I 243 83.04 -24.80 124.49
CA GLU I 244 85.71 -25.38 121.87
CA SER I 245 84.71 -22.00 120.35
CA GLN I 246 85.99 -20.24 123.68
CA ARG I 247 88.82 -22.25 125.11
CA ASN I 248 92.50 -22.80 124.65
CA SER I 249 95.27 -24.45 126.68
CA LYS I 250 94.36 -23.52 130.25
CA TYR I 251 90.66 -23.79 130.03
CA THR I 252 90.92 -27.11 128.50
CA LEU I 253 91.04 -30.27 130.56
CA ASN I 254 92.07 -33.24 128.33
CA ARG I 255 93.44 -34.65 125.20
CA PRO I 256 91.00 -34.53 122.35
CA GLU I 257 88.29 -37.14 122.80
CA LEU I 258 90.12 -39.11 125.49
CA ILE I 259 87.06 -39.01 127.68
CA GLY I 260 83.98 -40.93 126.47
CA ASN I 261 81.71 -43.80 127.25
CA GLU I 262 84.27 -46.61 127.34
CA THR I 263 87.59 -47.56 128.62
CA ARG I 264 89.53 -49.14 126.01
CA PRO I 265 92.75 -49.21 124.25
CA TRP I 266 93.75 -48.55 120.70
CA ASN I 267 92.36 -51.28 118.51
CA ILE I 268 91.24 -52.83 115.20
CA SER I 269 87.77 -54.55 115.04
CA LEU I 270 87.73 -58.00 113.37
CA ASN I 271 85.45 -61.07 113.36
CA TYR I 272 86.39 -63.96 115.49
CA ILE I 273 85.40 -67.38 114.11
CA ILE I 274 85.57 -70.99 115.28
CA LYS I 275 86.19 -74.31 113.71
CA VAL I 276 83.06 -76.40 113.70
CA LYS I 277 83.77 -78.89 111.34
CA GLU I 278 86.33 -81.38 110.20
CA LEU J 1 137.43 31.84 124.17
CA ASN J 2 137.12 35.13 126.01
CA GLY J 3 139.73 36.61 123.70
CA ARG J 4 137.87 36.31 120.43
CA GLY J 5 135.46 39.19 120.88
CA SER J 6 132.66 39.39 118.33
CA THR J 7 133.12 42.11 115.65
CA THR J 8 131.08 42.99 112.58
CA SER J 9 133.32 40.68 110.51
CA MET J 10 134.04 37.83 112.91
CA ARG J 11 131.83 35.60 115.04
CA GLY J 12 132.71 35.73 118.73
CA VAL J 13 131.63 36.14 122.34
CA VAL J 14 129.98 39.32 123.65
CA LYS J 15 129.18 41.20 126.80
CA LEU J 16 125.56 42.36 127.12
CA THR J 17 124.63 46.01 127.49
CA THR J 18 121.21 47.14 128.65
CA THR J 19 121.85 50.69 127.52
CA ALA J 20 121.67 51.19 123.78
CA GLY J 21 124.51 53.30 122.46
CA SER J 22 126.89 52.37 125.27
CA GLN J 23 129.49 49.62 125.56
CA SER J 24 129.54 47.51 128.69
CA GLY J 25 132.78 48.34 130.54
CA GLY J 26 134.56 49.75 127.48
CA ASP J 27 134.21 46.53 125.53
CA ALA J 28 133.76 46.89 121.76
CA SER J 29 132.27 43.38 121.74
CA SER J 30 129.07 44.47 123.44
CA ALA J 31 125.64 43.52 122.04
CA LEU J 32 122.18 44.68 123.06
CA ALA J 33 120.65 42.54 125.74
CA TRP J 34 117.12 41.17 125.51
CA ASN J 35 116.18 43.84 128.09
CA ALA J 36 118.07 46.80 126.63
CA ASP J 37 116.33 50.18 126.69
CA VAL J 38 115.14 50.04 123.07
CA ILE J 39 111.82 51.07 121.58
CA HIS J 40 110.15 48.10 119.89
CA GLN J 41 107.30 47.64 117.41
CA ARG J 42 104.65 46.59 119.92
CA GLY J 43 103.68 49.85 121.58
CA GLY J 44 103.06 50.88 125.18
CA GLN J 45 106.46 52.54 125.63
CA THR J 46 107.93 55.87 126.55
CA ILE J 47 110.78 57.89 125.02
CA ASN J 48 111.97 60.12 127.89
CA GLY J 49 112.93 63.16 125.86
CA THR J 50 112.47 64.62 122.45
CA LEU J 51 111.96 62.81 119.16
CA ARG J 52 112.58 64.10 115.65
CA ILE J 53 110.99 62.36 112.61
CA ASN J 54 112.11 63.55 109.18
CA ASN J 55 108.99 62.60 107.21
CA THR J 56 105.23 62.16 107.78
CA LEU J 57 103.85 60.91 111.07
CA THR J 58 100.77 58.72 110.64
CA ILE J 59 98.64 57.96 113.69
CA ALA J 60 96.27 55.22 112.49
CA SER J 61 93.83 55.46 115.41
CA GLY J 62 93.36 57.10 118.78
CA GLY J 63 94.53 60.59 118.04
CA ALA J 64 97.04 62.54 120.11
CA ASN J 65 97.03 64.11 123.54
CA ILE J 66 99.61 66.86 123.45
CA THR J 67 100.80 68.91 126.42
CA GLY J 68 102.38 72.05 125.09
CA THR J 69 101.91 74.08 121.90
CA VAL J 70 101.51 72.61 118.42
CA ASN J 71 103.08 74.72 115.66
CA MET J 72 102.12 73.58 112.17
CA THR J 73 102.52 74.75 108.62
CA GLY J 74 98.94 73.81 107.75
CA GLY J 75 95.97 72.30 109.58
CA TYR J 76 92.78 70.55 108.48
CA ILE J 77 90.01 68.77 110.40
CA GLN J 78 88.06 66.28 108.25
CA GLY J 79 89.40 68.05 105.15
CA LYS J 80 88.34 71.54 106.33
CA ARG J 81 90.89 74.29 106.84
CA VAL J 82 91.54 75.39 110.44
CA VAL J 83 90.79 79.06 111.10
CA THR J 84 93.40 81.34 112.71
CA GLN J 85 93.03 84.65 114.57
CA ASN J 86 94.24 86.88 111.76
CA GLU J 87 91.09 85.81 109.86
CA ILE J 88 88.67 87.27 112.39
CA ASP J 89 88.99 90.78 111.08
CA ARG J 90 88.15 89.72 107.52
CA THR J 91 84.66 88.29 108.46
CA ILE J 92 83.60 91.43 110.38
CA PRO J 93 85.81 94.42 110.37
CA VAL J 94 86.53 96.60 113.29
CA GLY J 95 84.39 99.52 112.38
CA ALA J 96 81.21 97.62 111.50
CA ILE J 97 77.92 98.64 112.97
CA MET J 98 74.80 96.64 113.76
CA MET J 99 71.89 96.55 116.21
CA TRP J 100 71.44 94.96 119.68
CA ALA J 101 68.15 93.75 121.08
CA ALA J 102 69.09 94.47 124.61
CA ASP J 103 70.60 96.36 127.44
CA SER J 104 74.07 95.00 128.05
CA LEU J 105 76.88 93.57 126.03
CA PRO J 106 78.82 90.34 126.79
CA SER J 107 82.47 90.77 125.34
CA ASP J 108 84.18 93.66 125.30
CA ALA J 109 84.84 93.29 121.55
CA TRP J 110 81.82 95.60 120.87
CA ARG J 111 80.47 98.67 122.48
CA PHE J 112 77.56 100.80 122.27
CA CYS J 113 77.42 103.83 120.10
CA HIS J 114 76.44 106.07 123.14
CA GLY J 115 79.09 107.52 122.30
CA GLY J 116 81.94 107.53 124.81
CA THR J 117 85.42 106.31 124.05
CA VAL J 118 87.79 103.46 123.60
CA SER J 119 91.61 103.17 124.37
CA ALA J 120 93.97 103.19 121.46
CA SER J 121 96.09 100.63 123.21
CA ASP J 122 93.19 98.16 123.87
CA CYS J 123 91.84 98.94 120.31
CA PRO J 124 94.66 99.77 117.86
CA LEU J 125 92.77 98.87 114.76
CA TYR J 126 89.74 101.12 115.54
CA ALA J 127 92.16 103.97 116.20
CA SER J 128 93.51 103.23 112.72
CA ARG J 129 90.43 102.73 110.50
CA ILE J 130 88.50 105.34 112.42
CA GLY J 131 90.74 107.70 114.39
CA THR J 132 88.94 110.76 115.49
CA ARG J 133 86.13 111.22 113.00
CA TYR J 134 83.57 110.63 115.78
CA GLY J 135 85.48 112.84 118.32
CA GLY J 136 87.72 111.88 121.26
CA SER J 137 91.51 111.88 120.68
CA SER J 138 94.00 109.76 118.93
CA SER J 139 94.77 108.00 122.21
CA ASN J 140 91.23 107.78 123.22
CA PRO J 141 89.25 107.62 120.05
CA GLY J 142 85.54 108.57 120.09
CA LEU J 143 82.66 106.22 119.63
CA PRO J 144 79.81 107.57 117.56
CA ASP J 145 76.70 108.62 119.30
CA MET J 146 73.67 107.23 117.82
CA ARG J 147 71.02 107.46 120.54
CA GLY J 148 68.27 107.60 118.99
CA LEU J 149 69.01 108.65 115.48
CA PHE J 150 67.77 106.74 112.44
CA VAL J 151 70.31 105.81 109.79
CA ARG J 152 70.36 106.80 106.01
CA GLY J 153 73.03 105.81 103.43
CA SER J 154 75.92 108.23 102.57
CA GLY J 155 75.11 109.97 99.01
CA ARG J 156 72.94 109.84 96.35
CA GLY J 157 72.11 106.65 94.83
CA SER J 158 70.67 105.23 91.53
CA HIS J 159 67.20 105.36 93.03
CA LEU J 160 67.38 109.16 93.99
CA THR J 161 69.16 109.86 90.94
CA ASN J 162 66.90 108.41 88.27
CA PRO J 163 66.06 111.33 86.24
CA ASN J 164 62.48 110.25 86.20
CA VAL J 165 62.24 111.06 89.87
CA ASN J 166 64.15 114.30 89.27
CA GLY J 167 62.95 117.46 87.27
CA ASN J 168 59.50 119.01 87.67
CA ASP J 169 56.35 117.13 86.54
CA GLN J 170 53.57 118.19 83.92
CA PHE J 171 51.91 120.42 86.57
CA GLY J 172 55.26 122.13 87.25
CA LYS J 173 55.98 120.57 90.76
CA PRO J 174 59.42 119.02 91.46
CA ARG J 175 59.53 115.21 91.64
CA LEU J 176 59.95 113.35 94.96
CA GLY J 177 63.76 112.77 94.46
CA VAL J 178 64.62 116.54 94.25
CA GLY J 179 66.50 117.91 97.15
CA CYS J 180 67.01 114.59 98.73
CA THR J 181 70.32 113.46 100.25
CA GLY J 182 73.08 111.85 101.43
CA GLY J 183 75.59 112.88 103.92
CA TYR J 184 79.35 112.17 104.42
CA VAL J 185 80.76 109.82 106.42
CA GLY J 186 78.98 110.38 109.80
CA GLU J 187 77.04 113.52 109.00
CA VAL J 188 73.77 114.03 110.90
CA GLN J 189 70.74 115.68 109.52
CA ILE J 190 67.83 117.02 111.41
CA GLN J 191 64.08 116.31 111.19
CA GLN J 192 62.23 117.62 108.27
CA MET J 193 59.22 118.03 106.00
CA SER J 194 58.61 118.77 102.39
CA TYR J 195 56.97 122.04 101.51
CA HIS J 196 53.31 121.51 100.69
CA LYS J 197 49.92 123.28 100.40
CA HIS J 198 46.30 122.65 101.21
CA ALA J 199 43.00 124.20 99.97
CA GLY J 200 40.78 126.63 102.21
CA GLY J 201 37.22 128.02 103.23
CA PHE J 202 38.09 131.65 102.09
CA GLY J 203 37.99 131.78 98.42
CA GLU J 204 36.39 133.76 95.69
CA HIS J 205 34.88 133.87 92.02
CA ASP J 206 38.15 135.15 90.52
CA ASP J 207 41.21 132.85 90.18
CA LEU J 208 43.55 135.19 91.53
CA GLY J 209 44.48 133.14 94.71
CA ALA J 210 48.03 134.28 96.05
CA PHE J 211 48.92 130.64 95.77
CA GLY J 212 46.55 128.51 93.61
CA ASN J 213 42.74 128.25 93.59
CA THR J 214 40.07 125.78 92.84
CA ARG J 215 37.83 125.30 90.21
CA ARG J 216 34.60 126.91 91.11
CA SER J 217 32.05 124.49 92.81
CA ASN J 218 30.49 124.60 96.35
CA PHE J 219 32.87 126.91 98.13
CA VAL J 220 32.02 129.92 100.30
CA GLY J 221 33.05 133.48 99.39
CA THR J 222 31.93 137.06 99.14
CA ARG J 223 31.02 139.19 96.31
CA LYS J 224 30.81 142.29 97.59
CA GLY J 225 34.07 143.33 97.79
CA LEU J 226 37.37 143.20 98.02
CA ASP J 227 40.64 144.62 97.48
CA TRP J 228 44.00 143.53 97.19
CA ASP J 229 46.42 145.10 99.64
CA ASN J 230 45.62 143.34 102.86
CA ARG J 231 47.40 140.71 104.66
CA SER J 232 47.50 137.14 104.52
CA TYR J 233 46.28 135.17 107.61
CA PHE J 234 47.91 131.80 108.75
CA THR J 235 47.24 128.57 109.27
CA ASN J 236 47.08 127.11 112.74
CA ASP J 237 49.76 124.46 113.48
CA GLY J 238 47.83 121.27 113.19
CA TYR J 239 46.86 120.68 116.85
CA GLU J 240 43.24 120.23 117.64
CA ILE J 241 41.84 123.37 118.77
CA ASP J 242 38.62 122.45 120.40
CA PRO J 243 38.42 119.65 123.01
CA GLU J 244 37.89 115.92 122.62
CA SER J 245 34.95 116.25 125.08
CA GLN J 246 33.07 118.50 122.38
CA ARG J 247 34.09 117.38 118.95
CA ASN J 248 33.32 114.70 116.44
CA SER J 249 34.05 114.17 112.74
CA LYS J 250 33.72 117.67 111.31
CA TYR J 251 35.22 119.63 114.08
CA THR J 252 38.13 117.41 114.15
CA LEU J 253 41.20 118.07 112.04
CA ASN J 254 43.49 114.96 112.06
CA ARG J 255 44.13 111.41 112.77
CA PRO J 256 44.69 110.71 116.42
CA GLU J 257 48.09 111.95 117.53
CA LEU J 258 49.48 112.39 114.02
CA ILE J 259 50.57 115.90 114.87
CA GLY J 260 53.34 116.29 117.47
CA ASN J 261 56.86 117.46 117.99
CA GLU J 262 58.63 115.26 115.44
CA THR J 263 58.47 114.00 111.97
CA ARG J 264 59.12 110.45 111.89
CA PRO J 265 57.98 107.19 110.66
CA TRP J 266 56.78 104.08 112.36
CA ASN J 267 59.69 102.51 114.20
CA ILE J 268 61.31 100.24 116.80
CA SER J 269 64.10 101.70 119.07
CA LEU J 270 67.23 99.54 119.41
CA ASN J 271 70.90 100.06 120.40
CA TYR J 272 73.41 100.36 117.70
CA ILE J 273 76.87 98.97 118.55
CA ILE J 274 80.27 98.80 116.88
CA LYS J 275 83.08 96.35 116.70
CA VAL J 276 86.10 97.63 118.53
CA LYS J 277 88.05 94.76 118.98
CA GLU J 278 89.44 91.70 117.29
CA LEU K 1 134.34 27.99 118.49
CA ASN K 2 133.65 30.08 115.40
CA GLY K 3 131.46 27.32 114.06
CA ARG K 4 128.81 27.30 116.75
CA GLY K 5 126.92 30.41 115.68
CA SER K 6 124.33 31.68 118.14
CA THR K 7 120.69 30.92 117.17
CA THR K 8 117.41 31.52 118.98
CA SER K 9 117.66 28.00 120.47
CA MET K 10 121.39 27.61 121.07
CA ARG K 11 124.00 29.74 122.82
CA GLY K 12 126.89 30.69 120.58
CA VAL K 13 129.21 33.36 119.18
CA VAL K 14 127.94 36.29 117.11
CA LYS K 15 129.05 38.96 114.70
CA LEU K 16 127.90 42.50 115.57
CA THR K 17 125.77 44.56 113.22
CA THR K 18 125.32 48.30 113.62
CA THR K 19 122.38 48.34 111.23
CA ALA K 20 119.18 46.96 112.69
CA GLY K 21 117.40 44.63 110.31
CA SER K 22 120.56 43.61 108.47
CA GLN K 23 122.96 40.72 109.01
CA SER K 24 126.67 41.43 109.07
CA GLY K 25 128.16 39.81 105.96
CA GLY K 26 125.28 37.37 105.44
CA ASP K 27 125.71 35.80 108.85
CA ALA K 28 122.53 34.58 110.55
CA SER K 29 124.40 34.75 113.88
CA SER K 30 124.43 38.54 113.94
CA ALA K 31 123.31 40.50 117.02
CA LEU K 32 122.73 44.22 117.48
CA ALA K 33 125.84 46.05 118.58
CA TRP K 34 125.85 48.49 121.49
CA ASN K 35 125.99 51.25 118.84
CA ALA K 36 123.40 49.92 116.40
CA ASP K 37 121.04 52.44 114.80
CA VAL K 38 118.14 51.77 117.19
CA ILE K 39 115.75 54.19 118.83
CA HIS K 40 115.97 53.93 122.61
CA GLN K 41 113.85 55.08 125.54
CA ARG K 42 115.93 58.10 126.51
CA GLY K 43 115.01 60.67 123.88
CA GLY K 44 117.00 63.12 121.77
CA GLN K 45 116.96 60.97 118.63
CA THR K 46 115.88 61.17 115.04
CA ILE K 47 113.99 58.70 112.82
CA ASN K 48 115.02 59.69 109.27
CA GLY K 49 111.77 58.89 107.52
CA THR K 50 108.17 58.19 108.27
CA LEU K 51 106.69 56.58 111.36
CA ARG K 52 103.32 54.88 111.71
CA ILE K 53 101.77 54.32 115.20
CA ASN K 54 98.61 52.21 115.34
CA ASN K 55 97.12 53.63 118.55
CA THR K 56 97.13 56.91 120.52
CA LEU K 57 100.17 59.18 120.62
CA THR K 58 100.61 60.90 123.97
CA ILE K 59 103.03 63.83 124.22
CA ALA K 60 103.37 64.44 127.96
CA SER K 61 105.00 67.87 127.70
CA GLY K 62 106.47 70.28 125.19
CA GLY K 63 103.97 70.04 122.40
CA ALA K 64 104.82 69.45 118.75
CA ASN K 65 106.46 71.48 116.04
CA ILE K 66 105.18 70.12 112.76
CA THR K 67 106.41 71.08 109.30
CA GLY K 68 103.74 70.12 106.82
CA THR K 69 99.96 69.70 107.06
CA VAL K 70 98.14 68.02 109.93
CA ASN K 71 95.01 66.11 108.87
CA MET K 72 92.88 64.99 111.81
CA THR K 73 89.50 63.42 112.40
CA GLY K 74 88.76 65.75 115.30
CA GLY K 75 90.54 68.60 117.07
CA TYR K 76 90.19 70.25 120.47
CA ILE K 77 92.25 72.89 122.29
CA GLN K 78 91.78 72.80 126.10
CA GLY K 79 88.56 70.83 125.55
CA LYS K 80 87.11 73.32 123.02
CA ARG K 81 86.29 72.24 119.48
CA VAL K 82 88.48 73.65 116.70
CA VAL K 83 86.58 75.70 114.11
CA THR K 84 86.87 74.92 110.39
CA GLN K 85 86.20 77.09 107.31
CA ASN K 86 82.90 75.49 106.38
CA GLU K 87 81.52 76.96 109.63
CA ILE K 88 82.10 80.58 108.65
CA ASP K 89 79.00 80.79 106.55
CA ARG K 90 76.77 79.56 109.40
CA THR K 91 78.07 82.89 111.75
CA ILE K 92 77.41 85.57 109.11
CA PRO K 93 75.92 84.61 105.83
CA VAL K 94 76.93 85.94 102.51
CA GLY K 95 74.07 88.26 101.91
CA ALA K 96 74.04 89.97 105.30
CA ILE K 97 73.98 93.73 105.53
CA MET K 98 75.31 96.10 108.16
CA MET K 99 76.76 99.60 108.55
CA TRP K 100 80.33 100.99 108.27
CA ALA K 101 81.60 104.02 110.13
CA ALA K 102 84.02 104.97 107.47
CA ASP K 103 85.27 105.50 104.00
CA SER K 104 87.17 102.38 102.95
CA LEU K 105 86.97 98.70 103.52
CA PRO K 106 89.88 96.40 104.51
CA SER K 107 89.11 92.81 103.05
CA ASP K 108 87.57 92.23 100.13
CA ALA K 109 85.03 89.93 101.83
CA TRP K 110 82.58 92.90 102.01
CA ARG K 111 81.68 95.69 99.70
CA PHE K 112 79.71 98.72 99.73
CA CYS K 113 76.15 98.82 98.64
CA HIS K 114 76.93 101.66 96.07
CA GLY K 115 75.83 99.49 94.10
CA GLY K 116 78.23 98.18 91.46
CA THR K 117 78.99 94.52 90.95
CA VAL K 118 80.79 91.44 92.03
CA SER K 119 82.22 88.46 89.96
CA ALA K 120 80.35 85.19 90.13
CA SER K 121 83.64 83.36 90.08
CA ASP K 122 85.18 85.35 93.01
CA CYS K 123 81.76 85.19 94.82
CA PRO K 124 79.83 81.99 93.97
CA LEU K 125 77.68 81.98 97.03
CA TYR K 126 76.38 85.58 96.57
CA ALA K 127 75.53 84.69 92.97
CA SER K 128 73.54 81.82 94.48
CA ARG K 129 71.64 83.30 97.45
CA ILE K 130 71.18 86.58 95.62
CA GLY K 131 71.60 86.25 91.85
CA THR K 132 70.25 89.20 90.03
CA ARG K 133 67.58 90.64 92.30
CA TYR K 134 69.65 93.82 92.67
CA GLY K 135 70.55 93.99 88.92
CA GLY K 136 73.78 93.06 87.09
CA SER K 137 73.96 89.61 85.46
CA SER K 138 74.35 86.09 86.57
CA SER K 139 78.08 86.31 85.89
CA ASN K 140 78.41 89.68 87.36
CA PRO K 141 75.74 89.94 89.97
CA GLY K 142 74.57 93.40 91.14
CA LEU K 143 75.18 94.91 94.50
CA PRO K 144 72.28 96.85 95.95
CA ASP K 145 72.45 100.56 95.93
CA MET K 146 71.67 102.07 99.17
CA ARG K 147 73.17 105.55 99.03
CA GLY K 148 71.44 107.25 101.06
CA LEU K 149 68.21 105.44 101.58
CA PHE K 150 66.86 104.60 105.04
CA VAL K 151 65.83 101.01 105.68
CA ARG K 152 62.32 99.63 106.73
CA GLY K 153 61.41 95.94 107.33
CA SER K 154 59.73 93.87 104.53
CA GLY K 155 55.79 93.55 105.37
CA ARG K 156 53.47 94.20 107.81
CA GLY K 157 54.14 93.26 111.26
CA SER K 158 52.25 92.62 114.58
CA HIS K 159 52.74 96.24 115.51
CA LEU K 160 51.15 97.68 112.23
CA THR K 161 48.68 95.06 112.26
CA ASN K 162 47.14 95.38 115.73
CA PRO K 163 43.65 96.11 115.00
CA ASN K 164 43.68 98.79 117.60
CA VAL K 165 45.96 100.83 115.40
CA ASN K 166 43.80 99.95 112.38
CA GLY K 167 40.11 101.07 111.65
CA ASN K 168 38.88 104.65 112.07
CA ASP K 169 38.65 106.26 115.56
CA GLN K 170 35.53 107.80 117.43
CA PHE K 171 35.89 111.03 115.40
CA GLY K 172 35.92 109.01 112.15
CA LYS K 173 39.70 109.45 111.25
CA PRO K 174 41.77 106.35 110.32
CA ARG K 175 44.28 105.17 112.92
CA LEU K 176 48.06 105.68 112.49
CA GLY K 177 48.67 102.05 111.22
CA VAL K 178 46.32 102.39 108.16
CA GLY K 179 48.00 102.47 104.85
CA CYS K 180 51.37 101.71 106.24
CA THR K 181 53.78 99.22 104.67
CA GLY K 182 56.14 96.89 103.88
CA GLY K 183 57.83 96.15 100.70
CA TYR K 184 59.28 92.97 99.08
CA VAL K 185 62.51 91.91 99.13
CA GLY K 186 64.46 95.06 98.01
CA GLU K 187 61.56 97.32 97.10
CA VAL K 188 62.17 101.08 97.48
CA GLN K 189 59.58 103.55 98.48
CA ILE K 190 59.70 107.24 98.07
CA GLN K 191 59.36 110.12 100.58
CA GLN K 192 55.99 110.82 101.94
CA MET K 193 53.51 112.50 104.24
CA SER K 194 50.18 111.69 105.72
CA TYR K 195 47.19 113.71 104.61
CA HIS K 196 46.28 116.30 107.22
CA LYS K 197 44.39 119.59 107.78
CA HIS K 198 44.81 122.82 109.67
CA ALA K 199 42.34 125.55 110.81
CA GLY K 200 42.19 129.15 109.10
CA GLY K 201 41.51 133.02 109.41
CA PHE K 202 38.53 132.91 106.89
CA GLY K 203 35.62 131.45 108.58
CA GLU K 204 32.02 132.23 109.25
CA HIS K 205 28.89 131.96 111.67
CA ASP K 206 27.49 128.93 109.81
CA ASP K 207 29.17 125.49 110.10
CA LEU K 208 29.15 124.80 106.59
CA GLY K 209 33.01 124.75 106.10
CA ALA K 210 33.93 122.68 102.85
CA PHE K 211 36.11 120.69 105.16
CA GLY K 212 35.39 121.10 108.91
CA ASN K 213 34.89 124.25 111.03
CA THR K 214 35.41 125.43 114.52
CA ARG K 215 33.31 126.04 117.24
CA ARG K 216 32.46 129.66 117.28
CA SER K 217 34.84 131.81 119.49
CA ASN K 218 37.23 134.70 118.52
CA PHE K 219 37.56 134.16 114.81
CA VAL K 220 37.21 136.76 112.04
CA GLY K 221 34.48 136.58 109.39
CA THR K 222 31.88 138.52 107.48
CA ARG K 223 28.25 138.72 107.74
CA LYS K 224 27.26 140.40 105.00
CA GLY K 225 27.32 138.05 102.52
CA LEU K 226 28.13 135.30 100.84
CA ASP K 227 27.38 132.74 98.42
CA TRP K 228 28.40 129.43 97.66
CA ASP K 229 29.70 128.92 94.14
CA ASN K 230 33.13 130.46 94.29
CA ARG K 231 36.44 128.91 94.45
CA SER K 232 38.56 127.67 97.04
CA TYR K 233 41.96 129.44 97.61
CA PHE K 234 45.19 127.51 98.67
CA THR K 235 47.47 127.32 101.10
CA ASN K 236 51.01 128.51 100.60
CA ASP K 237 53.68 125.73 100.82
CA GLY K 238 55.10 126.26 104.22
CA TYR K 239 58.11 128.50 103.40
CA GLU K 240 58.38 131.77 105.17
CA ILE K 241 57.07 134.41 103.07
CA ASP K 242 58.36 137.56 104.59
CA PRO K 243 62.07 138.00 105.49
CA GLU K 244 64.00 137.13 108.63
CA SER K 245 65.17 140.79 108.70
CA GLN K 246 61.40 141.91 109.30
CA ARG K 247 59.63 139.21 111.22
CA ASN K 248 59.23 137.96 114.73
CA SER K 249 56.85 135.58 116.51
CA LYS K 250 53.53 136.31 114.82
CA TYR K 251 54.70 136.84 111.33
CA THR K 252 56.60 133.72 111.43
CA LEU K 253 55.09 130.41 110.41
CA ASN K 254 57.41 127.53 111.49
CA ARG K 255 60.28 126.19 113.41
CA PRO K 256 63.60 127.09 111.90
CA GLU K 257 64.24 125.08 108.76
CA LEU K 258 61.51 122.50 109.41
CA ILE K 259 60.17 123.02 105.93
CA GLY K 260 62.40 121.92 103.01
CA ASN K 261 62.65 119.52 100.15
CA GLU K 262 62.35 116.25 102.05
CA THR K 263 60.45 114.50 104.69
CA ARG K 264 62.70 112.82 106.96
CA PRO K 265 63.58 112.26 110.49
CA TRP K 266 66.61 113.04 112.52
CA ASN K 267 69.48 110.90 111.33
CA ILE K 268 73.15 109.96 110.92
CA SER K 269 74.45 109.02 107.38
CA LEU K 270 76.58 105.85 107.21
CA ASN K 271 77.63 103.33 104.52
CA TYR K 272 75.79 100.11 104.31
CA ILE K 273 77.89 97.13 103.17
CA ILE K 274 77.27 93.47 102.37
CA LYS K 275 79.13 90.27 102.82
CA VAL K 276 80.24 88.88 99.50
CA LYS K 277 82.69 86.56 100.38
CA GLU K 278 83.53 83.70 102.68
CA LEU L 1 131.52 26.78 125.97
CA ASN L 2 127.75 26.68 126.27
CA GLY L 3 128.09 27.18 130.00
CA ARG L 4 129.71 30.59 130.01
CA GLY L 5 126.64 32.67 129.19
CA SER L 6 127.31 36.29 128.33
CA THR L 7 126.44 38.79 131.13
CA THR L 8 126.92 42.53 131.41
CA SER L 9 130.29 41.92 133.11
CA MET L 10 131.61 38.86 131.29
CA ARG L 11 132.05 37.99 127.62
CA GLY L 12 130.21 34.84 126.61
CA VAL L 13 127.86 33.05 124.24
CA VAL L 14 124.24 34.11 123.73
CA LYS L 15 120.93 32.92 122.42
CA LEU L 16 119.20 35.32 119.99
CA THR L 17 115.76 36.75 120.68
CA THR L 18 113.67 38.41 117.99
CA THR L 19 111.33 39.92 120.56
CA ALA L 20 112.78 42.89 122.40
CA GLY L 21 112.12 42.72 126.11
CA SER L 22 111.87 38.94 126.21
CA GLN L 23 114.48 36.26 126.88
CA SER L 24 114.69 33.32 124.52
CA GLY L 25 113.57 30.24 126.48
CA GLY L 26 114.21 31.78 129.91
CA ASP L 27 117.87 32.39 129.18
CA ALA L 28 119.41 35.49 130.78
CA SER L 29 122.15 35.34 128.14
CA SER L 30 119.85 36.44 125.34
CA ALA L 31 120.79 39.27 122.97
CA LEU L 32 118.74 41.06 120.33
CA ALA L 33 118.95 39.41 116.96
CA TRP L 34 119.65 41.34 113.77
CA ASN L 35 115.93 40.90 112.99
CA ALA L 36 114.47 41.70 116.39
CA ASP L 37 111.29 43.79 116.49
CA VAL L 38 113.05 47.09 117.23
CA ILE L 39 112.41 50.54 115.85
CA HIS L 40 115.50 51.87 114.09
CA GLN L 41 116.68 55.27 112.88
CA ARG L 42 115.87 54.79 109.20
CA GLY L 43 112.11 55.21 109.07
CA GLY L 44 109.31 53.34 107.34
CA GLN L 45 108.24 51.41 110.44
CA THR L 46 105.19 50.88 112.56
CA ILE L 47 104.71 50.83 116.36
CA ASN L 48 101.55 48.74 116.86
CA GLY L 49 100.18 50.55 119.88
CA THR L 50 100.59 53.75 121.77
CA LEU L 51 103.71 55.86 122.16
CA ARG L 52 104.50 58.40 124.86
CA ILE L 53 107.26 61.03 124.34
CA ASN L 54 108.16 63.17 127.34
CA ASN L 55 109.48 66.24 125.47
CA THR L 56 108.95 68.02 122.13
CA LEU L 57 108.11 66.12 118.95
CA THR L 58 109.67 67.66 115.86
CA ILE L 59 108.43 66.55 112.44
CA ALA L 60 110.97 68.02 110.01
CA SER L 61 108.91 67.52 106.87
CA GLY L 62 105.71 65.91 105.61
CA GLY L 63 103.33 66.79 108.37
CA ALA L 64 101.05 64.36 110.15
CA ASN L 65 97.98 62.39 109.20
CA ILE L 66 96.11 61.70 112.39
CA THR L 67 93.06 59.47 112.78
CA GLY L 68 91.33 60.44 115.99
CA THR L 69 91.15 63.64 118.02
CA VAL L 70 94.09 65.93 118.72
CA ASN L 71 93.97 67.60 122.15
CA MET L 72 96.54 70.35 122.58
CA THR L 73 97.43 73.03 125.08
CA GLY L 74 98.07 75.58 122.34
CA GLY L 75 97.95 75.64 118.55
CA TYR L 76 99.47 77.86 115.87
CA ILE L 77 99.55 77.64 112.05
CA GLN L 78 102.44 79.62 110.51
CA GLY L 79 102.72 81.58 113.77
CA LYS L 80 98.99 82.48 113.90
CA ARG L 81 96.83 81.37 116.81
CA VAL L 82 94.18 78.73 116.06
CA VAL L 83 90.60 79.86 116.76
CA THR L 84 88.29 77.81 118.98
CA GLN L 85 84.47 77.72 119.24
CA ASN L 86 84.22 79.69 122.46
CA GLU L 87 85.57 82.68 120.49
CA ILE L 88 82.66 82.82 118.06
CA ASP L 89 80.41 84.66 120.44
CA ARG L 90 82.98 87.40 121.04
CA THR L 91 82.84 88.24 117.41
CA ILE L 92 79.03 88.48 117.05
CA PRO L 93 76.88 88.02 120.05
CA VAL L 94 73.67 86.15 120.15
CA GLY L 95 71.30 89.02 120.21
CA ALA L 96 72.82 91.03 117.37
CA ILE L 97 70.66 92.33 114.59
CA MET L 98 71.43 93.08 110.95
CA MET L 99 69.80 93.08 107.51
CA TRP L 100 69.32 90.37 104.84
CA ALA L 101 69.08 91.03 101.13
CA ALA L 102 66.87 88.11 100.49
CA ASP L 103 64.07 85.72 101.12
CA SER L 104 65.51 82.70 102.91
CA LEU L 105 68.21 81.99 105.41
CA PRO L 106 70.89 79.25 105.13
CA SER L 107 71.86 78.16 108.80
CA ASP L 108 69.72 78.02 111.38
CA ALA L 109 72.03 80.21 113.51
CA TRP L 110 69.91 83.27 112.52
CA ARG L 111 66.26 83.89 112.05
CA PHE L 112 64.09 86.50 110.84
CA CYS L 113 62.59 89.08 113.07
CA HIS L 114 58.99 88.18 111.85
CA GLY L 115 58.64 87.60 114.90
CA GLY L 116 57.83 84.02 115.90
CA THR L 117 59.83 82.03 118.40
CA VAL L 118 62.87 80.02 119.21
CA SER L 119 63.37 77.00 121.63
CA ALA L 120 65.21 77.65 124.84
CA SER L 121 66.86 74.28 124.53
CA ASP L 122 68.12 74.85 120.92
CA CYS L 123 69.04 78.49 121.92
CA PRO L 124 70.04 78.77 125.59
CA LEU L 125 72.05 81.92 125.22
CA TYR L 126 69.25 83.92 123.51
CA ALA L 127 66.89 82.82 126.28
CA SER L 128 69.50 84.26 128.65
CA ARG L 129 70.54 87.62 127.12
CA ILE L 130 67.02 88.23 125.86
CA GLY L 131 64.40 86.14 127.67
CA THR L 132 60.96 87.40 127.08
CA ARG L 133 61.36 91.08 126.31
CA TYR L 134 60.03 90.48 122.78
CA GLY L 135 57.19 88.14 123.99
CA GLY L 136 56.90 84.33 123.90
CA SER L 137 57.82 82.41 127.08
CA SER L 138 60.91 81.47 128.90
CA SER L 139 60.89 78.08 127.17
CA ASN L 140 59.97 79.48 123.88
CA PRO L 141 61.37 82.95 123.81
CA GLY L 142 59.93 85.51 121.34
CA LEU L 143 61.67 86.90 118.35
CA PRO L 144 61.10 90.59 117.72
CA ASP L 145 58.81 91.58 114.97
CA MET L 146 60.22 94.10 112.73
CA ARG L 147 58.21 93.85 109.53
CA GLY L 148 58.43 96.71 108.22
CA LEU L 149 59.42 99.10 110.90
CA PHE L 150 62.36 101.49 110.55
CA VAL L 151 64.91 101.55 113.36
CA ARG L 152 65.99 104.54 115.61
CA GLY L 153 68.58 104.45 118.46
CA SER L 154 67.43 104.02 122.13
CA GLY L 155 67.62 107.63 123.94
CA ARG L 156 68.70 110.85 123.49
CA GLY L 157 72.03 111.49 122.20
CA SER L 158 74.66 114.33 122.04
CA HIS L 159 73.21 115.44 118.73
CA LEU L 160 69.55 115.80 120.04
CA THR L 161 70.78 117.12 123.17
CA ASN L 162 72.98 120.01 122.07
CA PRO L 163 71.38 122.88 123.65
CA ASN L 164 71.71 124.80 120.46
CA VAL L 165 69.15 122.54 118.90
CA ASN L 166 67.02 122.79 122.04
CA GLY L 167 65.15 125.95 123.43
CA ASN L 168 63.05 128.27 121.27
CA ASP L 169 64.69 130.46 118.57
CA GLN L 170 64.65 134.40 118.15
CA PHE L 171 61.14 134.21 116.58
CA GLY L 172 59.92 132.17 119.57
CA LYS L 173 59.58 128.70 117.77
CA PRO L 174 61.13 125.58 119.41
CA ARG L 175 64.27 124.22 117.77
CA LEU L 176 64.26 120.99 115.70
CA GLY L 177 65.64 118.81 118.61
CA VAL L 178 62.69 119.58 121.01
CA GLY L 179 60.39 116.75 121.67
CA CYS L 180 62.48 114.26 119.87
CA THR L 181 63.22 110.78 121.19
CA GLY L 182 64.46 107.72 122.06
CA GLY L 183 62.76 104.67 123.25
CA TYR L 184 63.74 101.77 125.59
CA VAL L 185 64.96 98.74 124.71
CA GLY L 186 62.48 97.57 121.99
CA GLU L 187 59.90 100.32 122.23
CA VAL L 188 57.97 101.12 119.04
CA GLN L 189 56.76 104.50 118.09
CA ILE L 190 54.18 105.36 115.55
CA GLN L 191 54.27 107.61 112.45
CA GLN L 192 54.31 111.28 112.99
CA MET L 193 54.61 114.91 111.94
CA SER L 194 55.70 118.12 113.51
CA TYR L 195 53.10 120.77 114.08
CA HIS L 196 53.35 123.47 111.43
CA LYS L 197 51.43 126.33 109.74
CA HIS L 198 50.94 127.78 106.30
CA ALA L 199 49.72 131.21 105.03
CA GLY L 200 46.14 131.70 103.31
CA GLY L 201 43.85 133.60 100.70
CA PHE L 202 41.51 134.99 103.47
CA GLY L 203 43.23 137.76 105.20
CA GLU L 204 42.65 141.34 106.12
CA HIS L 205 44.15 144.95 106.75
CA ASP L 206 44.36 144.41 110.53
CA ASP L 207 47.00 142.04 112.03
CA LEU L 208 44.73 140.34 114.20
CA GLY L 209 45.02 136.84 112.54
CA ALA L 210 43.98 134.00 115.10
CA PHE L 211 47.35 132.56 114.35
CA GLY L 212 49.85 134.92 112.63
CA ASN L 213 49.44 137.22 109.61
CA THR L 214 51.47 138.65 106.84
CA ARG L 215 52.82 141.80 106.16
CA ARG L 216 50.47 143.64 103.96
CA SER L 217 51.23 143.25 100.16
CA ASN L 218 49.10 141.70 97.33
CA PHE L 219 46.64 139.64 99.30
CA VAL L 220 42.85 139.53 98.92
CA GLY L 221 40.47 140.64 101.69
CA THR L 222 37.38 142.62 102.50
CA ARG L 223 36.84 145.87 104.05
CA LYS L 224 33.53 146.04 104.64
CA GLY L 225 33.10 144.18 107.49
CA LEU L 226 33.64 141.94 109.86
CA ASP L 227 33.26 140.74 113.23
CA TRP L 228 34.89 138.53 115.48
CA ASP L 229 32.72 135.74 116.85
CA ASN L 230 32.46 133.38 113.94
CA ARG L 231 34.08 130.16 113.32
CA SER L 232 37.20 129.10 111.92
CA TYR L 233 37.11 127.02 108.67
CA PHE L 234 39.66 124.15 107.93
CA THR L 235 42.03 123.20 105.76
CA ASN L 236 41.49 120.35 103.36
CA ASP L 237 43.82 117.33 103.93
CA GLY L 238 46.35 117.76 101.20
CA TYR L 239 44.84 115.55 98.47
CA GLU L 240 44.21 117.08 95.12
CA ILE L 241 40.75 118.09 94.87
CA ASP L 242 40.16 118.61 91.22
CA PRO L 243 41.20 116.01 88.61
CA GLU L 244 44.47 115.48 86.79
CA SER L 245 42.46 115.62 83.52
CA GLN L 246 41.59 119.41 84.32
CA ARG L 247 44.45 120.92 86.26
CA ASN L 248 47.85 122.40 85.69
CA SER L 249 50.28 124.45 87.77
CA LYS L 250 47.98 126.77 89.71
CA TYR L 251 45.18 124.43 90.40
CA THR L 252 47.50 121.89 91.64
CA LEU L 253 48.52 121.73 95.28
CA ASN L 254 51.52 119.34 95.68
CA ARG L 255 54.30 117.33 94.30
CA PRO L 256 53.14 114.14 92.69
CA GLU L 257 52.10 111.61 95.31
CA LEU L 258 53.72 113.42 98.24
CA ILE L 259 50.51 113.21 100.18
CA GLY L 260 49.33 109.72 101.24
CA ASN L 261 48.67 107.53 104.20
CA GLU L 262 52.10 107.61 105.82
CA THR L 263 54.89 109.81 106.79
CA ARG L 264 58.05 108.38 105.80
CA PRO L 265 61.24 108.99 104.08
CA TRP L 266 62.83 107.53 101.02
CA ASN L 267 63.72 103.94 101.69
CA ILE L 268 64.60 100.35 100.72
CA SER L 269 62.68 97.44 102.42
CA LEU L 270 64.88 94.58 103.73
CA ASN L 271 64.55 91.75 106.29
CA TYR L 272 66.08 92.24 109.64
CA ILE L 273 67.40 89.05 111.28
CA ILE L 274 68.95 88.10 114.61
CA LYS L 275 71.58 85.73 115.77
CA VAL L 276 70.09 82.93 117.79
CA LYS L 277 72.62 80.52 117.82
CA GLU L 278 76.29 79.94 118.36
CA LEU M 1 57.46 174.64 38.97
CA ASN M 2 55.01 177.33 37.95
CA GLY M 3 57.11 178.02 34.88
CA ARG M 4 56.77 174.66 33.17
CA GLY M 5 53.24 175.08 31.85
CA SER M 6 51.65 171.92 30.44
CA THR M 7 51.51 171.78 26.60
CA THR M 8 50.37 169.07 24.22
CA SER M 9 53.97 167.78 24.06
CA MET M 10 55.21 168.33 27.59
CA ARG M 11 53.87 167.38 31.02
CA GLY M 12 53.38 170.38 33.29
CA VAL M 13 51.18 172.36 35.66
CA VAL M 14 47.87 173.91 34.59
CA LYS M 15 45.32 176.48 35.56
CA LEU M 16 41.70 175.25 35.57
CA THR M 17 39.03 176.83 33.40
CA THR M 18 35.33 176.24 33.97
CA THR M 19 34.44 177.65 30.58
CA ALA M 20 35.20 175.33 27.69
CA GLY M 21 36.87 177.10 24.81
CA SER M 22 38.40 179.82 26.98
CA GLN M 23 41.78 180.07 28.69
CA SER M 24 41.90 181.10 32.31
CA GLY M 25 43.54 184.55 32.43
CA GLY M 26 45.24 184.23 29.03
CA ASP M 27 47.15 181.13 30.04
CA ALA M 28 47.78 178.58 27.28
CA SER M 29 48.31 175.97 30.01
CA SER M 30 44.65 175.85 30.95
CA ALA M 31 42.76 172.54 31.25
CA LEU M 32 39.06 171.86 31.72
CA ALA M 33 38.05 171.70 35.33
CA TRP M 34 35.93 168.89 36.75
CA ASN M 35 33.05 171.41 36.78
CA ALA M 36 33.57 172.99 33.37
CA ASP M 37 30.46 173.77 31.31
CA VAL M 38 30.69 170.64 29.13
CA ILE M 39 27.96 168.32 27.96
CA HIS M 40 28.58 164.78 29.17
CA GLN M 41 27.26 161.33 28.30
CA ARG M 42 24.86 160.97 31.22
CA GLY M 43 21.94 163.16 30.21
CA GLY M 44 19.81 165.71 32.04
CA GLN M 45 21.62 168.74 30.60
CA THR M 46 20.87 171.84 28.62
CA ILE M 47 22.66 173.45 25.64
CA ASN M 48 21.63 177.12 25.83
CA GLY M 49 21.55 177.84 22.12
CA THR M 50 21.50 176.07 18.83
CA LEU M 51 23.00 172.71 17.95
CA ARG M 52 23.95 171.39 14.53
CA ILE M 53 24.46 167.62 13.95
CA ASN M 54 25.83 166.58 10.57
CA ASN M 55 24.39 163.05 10.43
CA THR M 56 21.38 161.11 11.77
CA LEU M 57 19.85 161.88 15.14
CA THR M 58 18.56 158.79 16.93
CA ILE M 59 16.27 159.22 19.93
CA ALA M 60 16.07 155.74 21.44
CA SER M 61 13.07 156.41 23.69
CA GLY M 62 10.82 159.21 24.90
CA GLY M 63 10.28 161.13 21.73
CA ALA M 64 10.72 164.88 21.34
CA ASN M 65 8.88 167.91 22.58
CA ILE M 66 9.63 170.69 20.13
CA THR M 67 8.67 174.34 20.51
CA GLY M 68 8.81 175.92 17.09
CA THR M 69 8.41 174.59 13.55
CA VAL M 70 9.89 171.32 12.28
CA ASN M 71 10.98 171.44 8.63
CA MET M 72 11.84 168.03 7.21
CA THR M 73 12.68 166.49 3.88
CA GLY M 74 10.51 163.45 4.57
CA GLY M 75 8.28 162.24 7.40
CA TYR M 76 6.89 158.86 8.42
CA ILE M 77 4.93 157.69 11.47
CA GLN M 78 5.25 153.92 12.10
CA GLY M 79 6.41 153.51 8.50
CA LYS M 80 3.46 155.45 7.02
CA ARG M 81 4.02 158.61 4.98
CA VAL M 82 2.88 161.89 6.56
CA VAL M 83 0.25 163.76 4.54
CA THR M 84 0.75 167.42 3.57
CA GLN M 85 -1.77 170.11 2.56
CA ASN M 86 -1.01 170.05 -1.13
CA GLU M 87 -2.46 166.50 -1.15
CA ILE M 88 -5.93 167.55 -0.04
CA ASP M 89 -6.99 168.63 -3.47
CA ARG M 90 -6.05 165.28 -5.02
CA THR M 91 -8.47 163.23 -2.76
CA ILE M 92 -11.48 165.48 -3.50
CA PRO M 93 -11.16 168.22 -6.00
CA VAL M 94 -12.56 171.65 -5.67
CA GLY M 95 -15.46 171.32 -7.99
CA ALA M 96 -16.82 168.02 -6.71
CA ILE M 97 -20.46 167.66 -5.86
CA MET M 98 -22.25 165.44 -3.37
CA MET M 99 -25.32 165.38 -1.12
CA TRP M 100 -25.98 166.62 2.44
CA ALA M 101 -28.49 165.10 4.83
CA ALA M 102 -29.17 168.31 6.57
CA ASP M 103 -29.76 171.98 6.91
CA SER M 104 -26.44 173.64 7.71
CA LEU M 105 -22.83 173.15 6.85
CA PRO M 106 -19.90 173.11 9.33
CA SER M 107 -16.70 174.41 7.41
CA ASP M 108 -16.73 176.78 5.03
CA ALA M 109 -14.85 174.49 2.62
CA TRP M 110 -18.23 173.53 1.04
CA ARG M 111 -21.35 175.39 0.19
CA PHE M 112 -24.70 174.68 -0.96
CA CYS M 113 -25.64 174.70 -4.57
CA HIS M 114 -28.48 177.29 -3.91
CA GLY M 115 -26.78 178.94 -5.96
CA GLY M 116 -25.26 182.20 -4.74
CA THR M 117 -21.59 183.02 -4.99
CA VAL M 118 -18.12 182.61 -3.69
CA SER M 119 -15.11 185.10 -3.60
CA ALA M 120 -12.30 184.51 -6.01
CA SER M 121 -9.85 185.56 -3.36
CA ASP M 122 -11.20 183.14 -0.68
CA CYS M 123 -11.57 180.42 -3.43
CA PRO M 124 -8.93 180.80 -6.17
CA LEU M 125 -9.06 177.24 -7.33
CA TYR M 126 -12.88 177.20 -7.88
CA ALA M 127 -12.53 180.42 -9.86
CA SER M 128 -10.00 178.51 -11.95
CA ARG M 129 -11.55 175.06 -12.59
CA ILE M 130 -15.01 176.57 -12.79
CA GLY M 131 -14.97 180.31 -13.51
CA THR M 132 -18.28 181.57 -14.60
CA ARG M 133 -20.02 178.59 -16.15
CA TYR M 134 -22.67 178.72 -13.39
CA GLY M 135 -22.99 182.56 -13.54
CA GLY M 136 -21.61 185.27 -11.24
CA SER M 137 -18.36 187.01 -12.28
CA SER M 138 -14.74 186.16 -12.41
CA SER M 139 -14.26 187.87 -9.04
CA ASN M 140 -17.34 186.46 -7.59
CA PRO M 141 -17.89 183.18 -9.31
CA GLY M 142 -21.38 181.61 -9.32
CA LEU M 143 -22.42 178.52 -7.48
CA PRO M 144 -24.76 176.24 -9.37
CA ASP M 145 -28.35 176.18 -8.39
CA MET M 146 -29.66 172.82 -7.89
CA ARG M 147 -32.77 173.25 -5.76
CA GLY M 148 -34.58 170.76 -6.44
CA LEU M 149 -33.42 169.40 -9.71
CA PHE M 150 -32.55 165.72 -10.23
CA VAL M 151 -29.21 164.93 -11.82
CA ARG M 152 -28.48 162.96 -15.11
CA GLY M 153 -25.03 162.24 -16.64
CA SER M 154 -23.61 164.51 -19.43
CA GLY M 155 -24.02 162.58 -22.96
CA ARG M 156 -24.90 159.55 -24.32
CA GLY M 157 -23.53 156.48 -22.96
CA SER M 158 -22.97 152.78 -23.97
CA HIS M 159 -26.32 151.90 -22.45
CA LEU M 160 -28.35 154.54 -24.51
CA THR M 161 -26.31 153.89 -27.40
CA ASN M 162 -26.60 150.13 -27.81
CA PRO M 163 -28.10 149.79 -31.12
CA ASN M 164 -30.47 147.23 -29.78
CA VAL M 165 -32.18 149.93 -27.79
CA ASN M 166 -32.06 152.22 -30.83
CA GLY M 167 -33.97 151.82 -34.23
CA ASN M 168 -37.68 150.94 -34.47
CA ASP M 169 -38.95 147.49 -33.37
CA GLN M 170 -40.92 144.75 -35.44
CA PHE M 171 -44.19 146.69 -34.93
CA GLY M 172 -42.52 149.87 -36.24
CA LYS M 173 -42.26 151.80 -32.86
CA PRO M 174 -38.91 153.40 -31.87
CA ARG M 175 -36.99 151.67 -29.06
CA LEU M 176 -36.76 153.15 -25.54
CA GLY M 177 -33.23 154.66 -26.13
CA VAL M 178 -34.32 156.90 -29.08
CA GLY M 179 -34.37 160.55 -28.40
CA CYS M 180 -32.80 160.21 -25.04
CA THR M 181 -30.03 162.48 -23.78
CA GLY M 182 -27.36 164.00 -22.30
CA GLY M 183 -26.60 167.56 -21.75
CA TYR M 184 -23.35 169.63 -21.55
CA VAL M 185 -21.66 170.55 -18.75
CA GLY M 186 -24.42 172.07 -16.53
CA GLU M 187 -27.31 172.04 -18.97
CA VAL M 188 -30.80 171.72 -17.47
CA GLN M 189 -33.65 169.95 -19.07
CA ILE M 190 -37.26 170.24 -18.23
CA GLN M 191 -39.88 167.66 -17.22
CA GLN M 192 -41.14 165.36 -19.85
CA MET M 193 -43.08 162.38 -21.17
CA SER M 194 -42.82 160.04 -24.07
CA TYR M 195 -45.50 160.18 -26.71
CA HIS M 196 -47.96 157.33 -26.27
CA LYS M 197 -51.50 156.15 -27.15
CA HIS M 198 -54.37 154.35 -25.52
CA ALA M 199 -57.44 152.46 -26.91
CA GLY M 200 -61.14 153.93 -26.71
CA GLY M 201 -65.03 153.31 -26.39
CA PHE M 202 -65.77 154.87 -29.89
CA GLY M 203 -64.78 152.46 -32.48
CA GLU M 204 -66.22 150.76 -35.49
CA HIS M 205 -66.37 147.55 -37.82
CA ASP M 206 -63.88 149.03 -40.31
CA ASP M 207 -60.15 149.35 -39.43
CA LEU M 208 -59.82 152.73 -40.57
CA GLY M 209 -59.03 154.31 -37.10
CA ALA M 210 -57.13 157.75 -37.59
CA PHE M 211 -54.53 156.23 -35.36
CA GLY M 212 -54.72 152.42 -34.92
CA ASN M 213 -57.69 150.15 -34.10
CA THR M 214 -58.40 146.92 -32.41
CA ARG M 215 -59.17 143.68 -33.49
CA ARG M 216 -62.87 143.30 -33.46
CA SER M 217 -64.26 141.78 -30.15
CA ASN M 218 -66.68 143.30 -27.53
CA PHE M 219 -66.43 146.96 -28.35
CA VAL M 220 -69.29 149.44 -28.87
CA GLY M 221 -69.93 151.20 -32.18
CA THR M 222 -72.54 152.20 -34.70
CA ARG M 223 -73.45 150.91 -37.98
CA LYS M 224 -75.56 153.20 -39.28
CA GLY M 225 -73.49 155.67 -40.42
CA LEU M 226 -70.81 157.60 -40.74
CA ASP M 227 -68.69 159.78 -42.68
CA TRP M 228 -65.33 160.91 -42.67
CA ASP M 229 -64.90 164.67 -42.53
CA ASN M 230 -65.69 165.46 -38.95
CA ARG M 231 -63.49 166.32 -36.15
CA SER M 232 -61.60 164.49 -33.73
CA TYR M 233 -62.56 164.86 -30.00
CA PHE M 234 -59.93 164.83 -27.12
CA THR M 235 -59.04 163.16 -24.36
CA ASN M 236 -59.52 164.63 -20.92
CA ASP M 237 -56.25 165.28 -18.99
CA GLY M 238 -56.15 162.40 -16.60
CA TYR M 239 -57.79 163.98 -13.52
CA GLU M 240 -60.75 162.26 -12.04
CA ILE M 241 -63.79 163.81 -13.25
CA ASP M 242 -66.45 162.63 -10.92
CA PRO M 243 -66.04 162.81 -7.12
CA GLU M 244 -64.50 160.40 -4.65
CA SER M 245 -67.82 160.54 -2.71
CA GLN M 246 -69.61 158.85 -5.83
CA ARG M 247 -67.17 156.59 -7.56
CA ASN M 248 -65.70 153.15 -7.25
CA SER M 249 -63.70 150.85 -9.53
CA LYS M 250 -65.26 151.48 -12.93
CA TYR M 251 -65.86 155.15 -12.68
CA THR M 252 -62.42 155.70 -11.56
CA LEU M 253 -59.61 156.34 -14.00
CA ASN M 254 -56.21 156.07 -12.17
CA ARG M 255 -54.15 155.11 -9.27
CA PRO M 256 -54.48 157.48 -6.38
CA GLU M 257 -52.68 160.73 -7.08
CA LEU M 258 -50.69 159.41 -10.03
CA ILE M 259 -51.80 162.34 -12.12
CA GLY M 260 -50.54 165.80 -11.08
CA ASN M 261 -48.42 168.70 -12.16
CA GLU M 262 -45.11 166.90 -12.66
CA THR M 263 -43.55 163.89 -14.11
CA ARG M 264 -41.23 162.41 -11.75
CA PRO M 265 -40.18 159.31 -10.10
CA TRP M 266 -40.13 158.21 -6.52
CA ASN M 267 -37.56 160.24 -4.65
CA ILE M 268 -35.92 161.74 -1.53
CA SER M 269 -35.09 165.52 -1.50
CA LEU M 270 -31.57 166.40 -0.26
CA ASN M 271 -29.16 169.36 -0.58
CA TYR M 272 -26.43 169.13 -3.08
CA ILE M 273 -23.20 170.92 -2.09
CA ILE M 274 -19.83 171.63 -3.70
CA LYS M 275 -16.29 171.86 -2.57
CA VAL M 276 -15.03 175.38 -2.74
CA LYS M 277 -12.17 175.33 -0.72
CA GLU M 278 -9.01 173.45 0.05
CA LEU N 1 58.60 167.22 38.33
CA ASN N 2 57.97 165.87 34.86
CA GLY N 3 57.97 162.36 36.28
CA ARG N 4 54.99 162.64 38.58
CA GLY N 5 52.25 162.45 35.97
CA SER N 6 48.76 163.27 37.20
CA THR N 7 46.48 160.22 37.69
CA THR N 8 42.96 159.89 39.06
CA SER N 9 44.44 159.24 42.54
CA MET N 10 47.48 161.51 42.59
CA ARG N 11 48.01 165.21 41.83
CA GLY N 12 50.57 165.82 39.13
CA VAL N 13 51.57 167.52 35.88
CA VAL N 14 49.73 166.92 32.61
CA LYS N 15 50.06 167.30 28.88
CA LEU N 16 47.11 169.01 27.16
CA THR N 17 45.08 167.31 24.45
CA THR N 18 42.75 169.20 22.16
CA THR N 19 41.08 166.01 21.00
CA ALA N 20 38.71 164.49 23.51
CA GLY N 21 39.15 160.76 23.84
CA SER N 22 42.78 160.79 22.76
CA GLN N 23 46.00 161.02 24.77
CA SER N 24 48.65 163.49 23.68
CA GLY N 25 51.62 161.46 22.44
CA GLY N 26 50.64 158.28 24.30
CA ASP N 27 50.72 159.99 27.68
CA ALA N 28 48.21 158.72 30.25
CA SER N 29 48.61 162.04 32.08
CA SER N 30 46.75 164.00 29.44
CA ALA N 31 43.92 166.40 30.35
CA LEU N 32 41.46 168.25 28.13
CA ALA N 33 42.74 171.63 27.06
CA TRP N 34 40.64 174.78 27.31
CA ASN N 35 40.21 174.50 23.52
CA ALA N 36 39.52 170.79 23.24
CA ASP N 37 36.85 169.69 20.76
CA VAL N 38 34.09 169.30 23.37
CA ILE N 39 30.44 170.27 23.19
CA HIS N 40 29.58 172.76 25.92
CA GLN N 41 26.38 174.08 27.47
CA ARG N 42 26.28 177.40 25.64
CA GLY N 43 25.07 176.44 22.18
CA GLY N 44 26.13 177.40 18.66
CA GLN N 45 28.14 174.22 18.04
CA THR N 46 28.26 171.35 15.62
CA ILE N 47 28.64 167.59 16.17
CA ASN N 48 30.09 166.32 12.87
CA GLY N 49 28.39 162.95 12.79
CA THR N 50 25.58 161.08 14.42
CA LEU N 51 24.21 161.48 17.92
CA ARG N 52 22.21 158.99 19.94
CA ILE N 53 20.15 160.14 23.00
CA ASN N 54 18.58 157.41 25.13
CA ASN N 55 15.67 159.41 26.56
CA THR N 56 13.45 162.37 25.59
CA LEU N 57 14.77 165.27 23.54
CA THR N 58 13.24 168.60 24.54
CA ILE N 59 13.68 171.58 22.21
CA ALA N 60 12.49 174.55 24.28
CA SER N 61 12.20 177.00 21.40
CA GLY N 62 12.97 177.39 17.72
CA GLY N 63 11.93 174.02 16.41
CA ALA N 64 14.04 171.79 14.18
CA ASN N 65 15.21 171.94 10.61
CA ILE N 66 15.85 168.39 9.54
CA THR N 67 17.45 167.27 6.29
CA GLY N 68 16.52 163.66 5.73
CA THR N 69 13.59 161.49 6.83
CA VAL N 70 12.05 161.54 10.30
CA ASN N 71 10.78 158.13 11.46
CA MET N 72 8.70 158.31 14.63
CA THR N 73 6.55 156.02 16.72
CA GLY N 74 3.89 158.70 17.19
CA GLY N 75 3.38 162.29 16.08
CA TYR N 76 1.24 165.17 17.30
CA ILE N 77 1.03 168.85 16.32
CA GLN N 78 -0.48 171.05 19.07
CA GLY N 79 -1.95 167.90 20.64
CA LYS N 80 -3.58 166.68 17.40
CA ARG N 81 -2.61 163.34 15.88
CA VAL N 82 -0.68 163.44 12.59
CA VAL N 83 -2.43 161.70 9.69
CA THR N 84 -0.66 159.02 7.64
CA GLN N 85 -1.33 157.70 4.12
CA ASN N 86 -2.92 154.45 5.18
CA GLU N 87 -5.78 156.56 6.61
CA ILE N 88 -6.79 158.05 3.26
CA ASP N 89 -8.76 155.05 2.21
CA ARG N 90 -10.85 155.06 5.41
CA THR N 91 -12.17 159.01 4.45
CA ILE N 92 -13.22 158.25 0.84
CA PRO N 93 -12.93 154.78 -0.46
CA VAL N 94 -11.75 153.81 -3.85
CA GLY N 95 -15.03 152.99 -5.41
CA ALA N 96 -16.95 156.08 -4.31
CA ILE N 97 -18.93 158.07 -6.80
CA MET N 98 -19.83 161.75 -6.90
CA MET N 99 -20.51 164.58 -9.37
CA TRP N 100 -18.22 167.09 -11.16
CA ALA N 101 -19.25 170.55 -12.24
CA ALA N 102 -16.93 170.62 -15.15
CA ASP N 103 -15.11 169.29 -18.12
CA SER N 104 -11.70 168.09 -16.96
CA LEU N 105 -10.21 166.50 -13.92
CA PRO N 106 -7.02 167.62 -12.10
CA SER N 107 -5.41 164.43 -10.43
CA ASP N 108 -5.48 161.34 -11.76
CA ALA N 109 -6.93 159.90 -8.52
CA TRP N 110 -10.45 160.14 -10.10
CA ARG N 111 -11.84 159.51 -13.49
CA PHE N 112 -14.94 159.97 -15.28
CA CYS N 113 -17.55 157.31 -15.50
CA HIS N 114 -17.53 157.48 -19.40
CA GLY N 115 -16.74 154.47 -19.02
CA GLY N 116 -13.32 153.40 -20.31
CA THR N 117 -10.74 151.65 -18.20
CA VAL N 118 -8.09 151.82 -15.58
CA SER N 119 -4.81 149.74 -15.13
CA ALA N 120 -4.77 147.18 -12.39
CA SER N 121 -1.17 148.06 -11.67
CA ASP N 122 -1.81 151.85 -11.35
CA CYS N 123 -5.07 151.06 -9.41
CA PRO N 124 -4.79 147.81 -7.40
CA LEU N 125 -7.48 148.63 -4.92
CA TYR N 126 -10.18 149.41 -7.57
CA ALA N 127 -9.31 146.12 -9.26
CA SER N 128 -9.97 144.55 -5.85
CA ARG N 129 -13.16 146.20 -4.54
CA ILE N 130 -14.60 146.38 -8.05
CA GLY N 131 -12.93 143.96 -10.46
CA THR N 132 -14.92 143.49 -13.57
CA ARG N 133 -18.50 144.22 -12.58
CA TYR N 134 -18.51 147.24 -14.93
CA GLY N 135 -16.71 145.34 -17.77
CA GLY N 136 -13.06 145.46 -18.92
CA SER N 137 -10.70 142.75 -17.62
CA SER N 138 -8.99 141.92 -14.44
CA SER N 139 -5.85 143.68 -15.69
CA ASN N 140 -7.70 146.53 -17.13
CA PRO N 141 -10.81 146.89 -15.07
CA GLY N 142 -13.83 148.75 -16.51
CA LEU N 143 -15.12 152.07 -15.40
CA PRO N 144 -18.89 152.38 -15.28
CA ASP N 145 -20.58 154.33 -17.96
CA MET N 146 -22.96 156.79 -16.68
CA ARG N 147 -23.43 159.29 -19.49
CA GLY N 148 -26.30 160.51 -19.01
CA LEU N 149 -28.18 158.15 -16.81
CA PHE N 150 -29.93 159.25 -13.62
CA VAL N 151 -29.19 157.31 -10.46
CA ARG N 152 -31.68 155.34 -8.16
CA GLY N 153 -30.79 153.38 -4.99
CA SER N 154 -30.26 149.54 -5.15
CA GLY N 155 -33.56 147.74 -3.67
CA ARG N 156 -36.52 148.38 -2.06
CA GLY N 157 -36.59 150.56 0.84
CA SER N 158 -38.83 151.37 3.90
CA HIS N 159 -40.51 154.09 1.88
CA LEU N 160 -41.50 151.76 -1.11
CA THR N 161 -42.22 149.08 1.19
CA ASN N 162 -44.69 150.67 3.60
CA PRO N 163 -47.67 148.60 3.17
CA ASN N 164 -49.77 151.70 3.05
CA VAL N 165 -48.25 152.53 -0.29
CA ASN N 166 -48.63 148.90 -1.36
CA GLY N 167 -51.95 146.92 -2.02
CA ASN N 168 -54.86 148.32 -4.06
CA ASP N 169 -56.92 151.29 -2.77
CA GLN N 170 -60.80 151.56 -2.05
CA PHE N 171 -61.47 152.06 -5.80
CA GLY N 172 -59.45 148.91 -6.59
CA LYS N 173 -56.32 150.65 -8.16
CA PRO N 174 -52.81 149.62 -6.96
CA ARG N 175 -51.00 152.15 -4.78
CA LEU N 176 -48.04 154.23 -6.09
CA GLY N 177 -45.36 151.91 -4.48
CA VAL N 178 -46.48 148.74 -6.41
CA GLY N 179 -44.14 147.54 -9.02
CA CYS N 180 -41.46 149.95 -8.11
CA THR N 181 -37.78 149.01 -7.83
CA GLY N 182 -34.47 148.63 -7.13
CA GLY N 183 -31.75 147.11 -9.07
CA TYR N 184 -28.49 145.25 -8.16
CA VAL N 185 -25.37 146.54 -7.94
CA GLY N 186 -24.99 148.47 -11.26
CA GLU N 187 -28.18 147.40 -13.00
CA VAL N 188 -29.66 149.87 -15.50
CA GLN N 189 -33.30 150.33 -16.13
CA ILE N 190 -34.90 151.99 -19.04
CA GLN N 191 -37.37 154.91 -19.31
CA GLN N 192 -40.88 154.28 -18.29
CA MET N 193 -44.45 155.26 -17.50
CA SER N 194 -47.20 153.96 -15.33
CA TYR N 195 -50.28 152.57 -17.01
CA HIS N 196 -53.11 155.10 -16.90
CA LYS N 197 -56.44 156.08 -18.52
CA HIS N 198 -58.29 159.17 -19.59
CA ALA N 199 -61.99 159.92 -20.33
CA GLY N 200 -63.38 160.53 -24.02
CA GLY N 201 -65.94 162.31 -26.44
CA PHE N 202 -67.52 158.92 -27.58
CA GLY N 203 -69.68 157.68 -24.88
CA GLU N 204 -73.20 156.51 -24.36
CA HIS N 205 -76.36 156.23 -21.98
CA ASP N 206 -75.43 152.69 -20.88
CA ASP N 207 -72.44 152.09 -18.52
CA LEU N 208 -71.03 149.41 -20.44
CA GLY N 209 -67.73 151.21 -21.40
CA ALA N 210 -64.94 148.54 -22.30
CA PHE N 211 -62.90 150.28 -19.68
CA GLY N 212 -64.85 152.56 -17.28
CA ASN N 213 -67.47 155.26 -17.98
CA THR N 214 -68.72 158.44 -16.51
CA ARG N 215 -71.57 159.39 -14.74
CA ARG N 216 -74.05 160.76 -17.13
CA SER N 217 -73.88 164.63 -17.54
CA ASN N 218 -73.06 166.78 -20.66
CA PHE N 219 -71.38 164.24 -22.87
CA VAL N 220 -72.09 163.52 -26.55
CA GLY N 221 -73.40 160.15 -27.77
CA THR N 222 -75.88 158.42 -30.00
CA ARG N 223 -79.01 156.67 -29.35
CA LYS N 224 -79.79 155.15 -32.25
CA GLY N 225 -77.81 152.37 -32.29
CA LEU N 226 -75.28 150.32 -31.65
CA ASP N 227 -73.87 147.02 -31.35
CA TRP N 228 -71.18 145.42 -29.70
CA ASP N 229 -68.77 143.58 -31.97
CA ASN N 230 -66.80 146.35 -33.55
CA ARG N 231 -63.39 147.53 -32.91
CA SER N 232 -61.86 149.80 -30.62
CA TYR N 233 -60.14 152.95 -32.06
CA PHE N 234 -56.90 154.49 -30.52
CA THR N 235 -55.70 157.28 -29.10
CA ASN N 236 -53.26 159.51 -30.90
CA ASP N 237 -49.79 159.74 -29.24
CA GLY N 238 -49.94 163.06 -27.52
CA TYR N 239 -48.36 165.32 -30.18
CA GLU N 240 -50.31 168.29 -31.34
CA ILE N 241 -52.02 167.51 -34.42
CA ASP N 242 -53.00 170.81 -35.84
CA PRO N 243 -50.49 173.69 -36.17
CA GLU N 244 -49.47 176.40 -33.74
CA SER N 245 -50.34 178.94 -36.48
CA GLN N 246 -54.15 177.80 -36.21
CA ARG N 247 -54.84 176.72 -32.68
CA ASN N 248 -55.64 178.19 -29.33
CA SER N 249 -56.94 176.83 -26.01
CA LYS N 250 -59.47 174.24 -27.12
CA TYR N 251 -57.70 172.84 -30.09
CA THR N 252 -54.65 172.41 -28.13
CA LEU N 253 -53.92 169.23 -26.22
CA ASN N 254 -50.94 169.79 -23.84
CA ARG N 255 -48.55 171.97 -22.07
CA PRO N 256 -45.83 173.28 -24.30
CA GLU N 257 -43.34 170.55 -25.14
CA LEU N 258 -44.49 168.17 -22.41
CA ILE N 259 -44.76 165.38 -24.93
CA GLY N 260 -41.50 164.15 -26.52
CA ASN N 261 -39.22 161.19 -26.82
CA GLU N 262 -38.44 160.64 -23.15
CA THR N 263 -39.93 160.43 -19.78
CA ARG N 264 -37.98 162.34 -17.42
CA PRO N 265 -38.08 164.88 -14.76
CA TRP N 266 -36.63 168.30 -14.44
CA ASN N 267 -32.87 168.04 -14.23
CA ILE N 268 -29.29 169.34 -14.47
CA SER N 269 -26.68 167.26 -16.45
CA LEU N 270 -23.33 166.74 -14.68
CA ASN N 271 -20.40 164.28 -14.92
CA TYR N 272 -20.24 161.50 -12.47
CA ILE N 273 -16.71 160.42 -11.49
CA ILE N 274 -15.14 157.70 -9.34
CA LYS N 275 -12.19 157.42 -7.09
CA VAL N 276 -9.58 155.16 -8.56
CA LYS N 277 -6.70 155.93 -6.73
CA GLU N 278 -5.34 156.49 -3.28
CA LEU O 1 54.60 169.98 44.79
CA ASN O 2 51.50 168.03 45.72
CA GLY O 3 50.37 170.93 47.86
CA ARG O 4 49.99 173.56 45.17
CA GLY O 5 46.74 172.34 43.67
CA SER O 6 45.75 173.99 40.40
CA THR O 7 42.94 176.60 40.69
CA THR O 8 41.39 178.94 38.15
CA SER O 9 43.91 181.64 39.17
CA MET O 10 47.05 179.63 39.87
CA ARG O 11 48.98 177.01 37.90
CA GLY O 12 49.36 173.74 39.76
CA VAL O 13 49.06 169.95 39.80
CA VAL O 14 45.76 168.13 39.31
CA LYS O 15 44.06 164.82 39.82
CA LEU O 16 42.22 163.46 36.76
CA THR O 17 38.50 162.72 36.80
CA THR O 18 36.82 160.61 34.15
CA THR O 19 33.38 161.76 35.23
CA ALA O 20 32.52 165.28 34.15
CA GLY O 21 30.92 167.28 36.92
CA SER O 22 32.55 165.30 39.71
CA GLN O 23 35.79 165.84 41.62
CA SER O 24 38.14 162.93 42.06
CA GLY O 25 38.15 162.05 45.77
CA GLY O 26 36.86 165.44 46.92
CA ASP O 27 39.75 167.31 45.36
CA ALA O 28 38.97 170.79 44.00
CA SER O 29 42.09 170.49 41.83
CA SER O 30 40.54 167.92 39.52
CA ALA O 31 40.63 168.31 35.73
CA LEU O 32 38.90 166.32 33.00
CA ALA O 33 40.93 163.37 31.83
CA TRP O 34 41.53 162.64 28.16
CA ASN O 35 38.97 159.83 28.57
CA ALA O 36 36.34 161.66 30.59
CA ASP O 37 32.69 161.01 29.71
CA VAL O 38 32.26 164.14 27.59
CA ILE O 39 30.46 164.60 24.30
CA HIS O 40 32.85 165.84 21.62
CA GLN O 41 32.50 167.40 18.18
CA ARG O 42 33.23 164.28 16.15
CA GLY O 43 30.00 162.31 16.40
CA GLY O 44 29.19 158.66 17.02
CA GLN O 45 28.31 159.14 20.70
CA THR O 46 25.44 158.57 23.04
CA ILE O 47 23.90 160.79 25.76
CA ASN O 48 22.22 158.31 28.13
CA GLY O 49 19.28 160.44 29.14
CA THR O 50 17.45 163.53 28.11
CA LEU O 51 18.82 166.59 26.34
CA ARG O 52 17.36 170.09 26.25
CA ILE O 53 18.46 172.61 23.56
CA ASN O 54 17.20 176.16 23.94
CA ASN O 55 17.34 177.21 20.27
CA THR O 56 17.06 175.61 16.80
CA LEU O 57 18.29 172.10 16.12
CA THR O 58 19.76 171.69 12.65
CA ILE O 59 20.36 168.19 11.30
CA ALA O 60 22.45 168.75 8.16
CA SER O 61 21.99 165.26 6.72
CA GLY O 62 20.59 161.84 7.55
CA GLY O 63 17.36 162.77 9.22
CA ALA O 64 16.16 161.45 12.55
CA ASN O 65 14.93 158.12 13.81
CA ILE O 66 12.76 158.84 16.81
CA THR O 67 11.27 156.27 19.18
CA GLY O 68 8.40 157.91 20.99
CA THR O 69 6.04 160.77 20.13
CA VAL O 70 7.08 164.02 18.50
CA ASN O 71 5.09 167.06 19.68
CA MET O 72 5.69 170.15 17.59
CA THR O 73 4.31 173.64 17.25
CA GLY O 74 4.43 173.48 13.46
CA GLY O 75 5.46 170.94 10.83
CA TYR O 76 6.42 171.14 7.16
CA ILE O 77 7.78 168.56 4.70
CA GLN O 78 9.63 170.15 1.75
CA GLY O 79 7.88 173.44 2.54
CA LYS O 80 4.36 171.90 2.62
CA ARG O 81 2.25 172.06 5.78
CA VAL O 82 1.64 168.76 7.59
CA VAL O 83 -2.04 167.79 7.87
CA THR O 84 -3.59 166.94 11.24
CA GLN O 85 -6.73 164.94 12.13
CA ASN O 86 -8.90 167.90 12.99
CA GLU O 87 -8.68 168.86 9.29
CA ILE O 88 -10.36 165.71 8.03
CA ASP O 89 -13.82 166.94 8.73
CA ARG O 90 -13.29 170.15 6.76
CA THR O 91 -12.69 168.10 3.71
CA ILE O 92 -15.79 165.86 3.95
CA PRO O 93 -18.25 166.41 6.68
CA VAL O 94 -19.95 163.74 8.64
CA GLY O 95 -23.31 163.90 7.05
CA ALA O 96 -22.20 163.90 3.42
CA ILE O 97 -23.73 161.50 0.96
CA MET O 98 -22.35 159.92 -2.20
CA MET O 99 -22.62 156.73 -4.28
CA TRP O 100 -20.84 153.34 -4.10
CA ALA O 101 -20.21 151.09 -7.06
CA ALA O 102 -20.37 147.96 -5.06
CA ASP O 103 -21.65 145.62 -2.45
CA SER O 104 -19.53 146.09 0.67
CA LEU O 105 -17.77 148.87 2.43
CA PRO O 106 -14.15 148.80 3.71
CA SER O 107 -13.96 151.23 6.84
CA ASP O 108 -16.43 151.67 9.06
CA ALA O 109 -16.28 155.46 8.58
CA TRP O 110 -19.22 155.16 6.09
CA ARG O 111 -22.34 153.13 5.96
CA PHE O 112 -25.03 152.43 3.64
CA CYS O 113 -28.21 154.37 3.59
CA HIS O 114 -30.31 151.10 4.02
CA GLY O 115 -31.25 152.63 6.58
CA GLY O 116 -30.45 151.03 9.94
CA THR O 117 -28.61 152.80 12.72
CA VAL O 118 -25.40 154.01 14.18
CA SER O 119 -24.25 154.38 17.89
CA ALA O 120 -24.07 157.84 19.31
CA SER O 121 -20.97 156.86 21.21
CA ASP O 122 -19.10 155.48 18.11
CA CYS O 123 -20.47 158.47 16.05
CA PRO O 124 -20.93 161.60 18.21
CA LEU O 125 -20.74 164.06 15.39
CA TYR O 126 -23.48 162.37 13.27
CA ALA O 127 -25.70 162.33 16.35
CA SER O 128 -25.04 166.08 16.50
CA ARG O 129 -25.38 167.34 12.90
CA ILE O 130 -28.14 164.85 12.20
CA GLY O 131 -29.81 163.53 15.36
CA THR O 132 -33.04 161.87 14.66
CA ARG O 133 -34.29 163.43 11.46
CA TYR O 134 -33.99 160.04 9.70
CA GLY O 135 -35.51 158.09 12.67
CA GLY O 136 -33.83 155.95 15.35
CA SER O 137 -33.12 157.59 18.73
CA SER O 138 -30.71 160.05 20.11
CA SER O 139 -28.52 157.20 21.34
CA ASN O 140 -28.93 155.21 18.26
CA PRO O 141 -29.48 157.69 15.51
CA GLY O 142 -31.16 156.55 12.26
CA LEU O 143 -29.52 156.25 8.91
CA PRO O 144 -31.61 157.36 5.97
CA ASP O 145 -33.11 154.77 3.78
CA MET O 146 -32.51 155.35 0.22
CA ARG O 147 -33.03 151.99 -1.45
CA GLY O 148 -33.86 152.68 -4.42
CA LEU O 149 -35.07 156.21 -4.44
CA PHE O 150 -33.76 158.82 -6.88
CA VAL O 151 -32.58 162.12 -5.43
CA ARG O 152 -33.88 165.72 -6.19
CA GLY O 153 -32.62 169.00 -4.63
CA SER O 154 -34.47 170.57 -1.61
CA GLY O 155 -36.66 173.68 -2.96
CA ARG O 156 -37.25 175.60 -5.74
CA GLY O 157 -34.45 176.94 -7.64
CA SER O 158 -33.68 179.73 -10.22
CA HIS O 159 -34.37 177.29 -13.01
CA LEU O 160 -37.94 176.30 -11.75
CA THR O 161 -38.55 179.71 -10.74
CA ASN O 162 -37.85 181.66 -13.93
CA PRO O 163 -41.07 183.26 -14.60
CA ASN O 164 -40.76 182.30 -18.21
CA VAL O 165 -41.24 178.70 -17.24
CA ASN O 166 -44.06 179.72 -14.90
CA GLY O 167 -47.57 181.18 -15.87
CA ASN O 168 -49.76 179.76 -18.64
CA ASP O 169 -48.68 180.00 -22.31
CA GLN O 170 -50.53 181.67 -25.39
CA PHE O 171 -52.79 178.59 -25.72
CA GLY O 172 -53.71 178.84 -22.02
CA LYS O 173 -51.70 175.73 -20.74
CA PRO O 174 -49.41 176.11 -17.68
CA ARG O 175 -45.68 176.09 -18.37
CA LEU O 176 -43.45 173.09 -17.50
CA GLY O 177 -42.16 174.69 -14.19
CA VAL O 178 -45.68 175.01 -12.60
CA GLY O 179 -46.35 172.73 -9.74
CA CYS O 180 -42.86 171.46 -9.56
CA THR O 181 -40.95 171.00 -6.32
CA GLY O 182 -38.69 170.72 -3.77
CA GLY O 183 -38.94 169.02 -0.51
CA TYR O 184 -37.43 169.65 2.98
CA VAL O 185 -34.66 168.23 4.33
CA GLY O 186 -35.25 164.46 3.71
CA GLU O 187 -38.79 164.57 2.37
CA VAL O 188 -39.77 161.79 -0.06
CA GLN O 189 -42.13 162.18 -2.89
CA ILE O 190 -43.86 159.50 -4.80
CA GLN O 191 -43.94 158.64 -8.53
CA GLN O 192 -45.89 160.87 -10.77
CA MET O 193 -47.12 162.16 -14.11
CA SER O 194 -48.30 165.42 -15.50
CA TYR O 195 -51.91 165.69 -16.55
CA HIS O 196 -52.22 165.42 -20.31
CA LYS O 197 -54.67 164.67 -23.17
CA HIS O 198 -54.72 162.88 -26.47
CA ALA O 199 -57.02 163.07 -29.55
CA GLY O 200 -59.64 160.19 -30.48
CA GLY O 201 -61.62 158.16 -33.21
CA PHE O 202 -65.08 159.38 -31.90
CA GLY O 203 -65.58 162.87 -32.97
CA GLU O 204 -68.11 164.95 -34.77
CA HIS O 205 -68.87 168.02 -37.16
CA ASP O 206 -69.60 170.36 -34.22
CA ASP O 207 -66.75 171.64 -31.97
CA LEU O 208 -68.41 170.94 -28.89
CA GLY O 209 -65.94 168.24 -27.61
CA ALA O 210 -66.18 167.94 -23.67
CA PHE O 211 -62.49 168.58 -23.72
CA GLY O 212 -61.10 170.03 -27.01
CA ASN O 213 -61.63 168.97 -30.63
CA THR O 214 -59.83 169.00 -33.88
CA ARG O 215 -60.09 170.89 -36.81
CA ARG O 216 -62.23 169.04 -39.23
CA SER O 217 -60.24 166.77 -41.68
CA ASN O 218 -60.33 162.92 -42.15
CA PHE O 219 -61.92 161.83 -38.92
CA VAL O 220 -64.82 159.40 -38.46
CA GLY O 221 -68.16 160.46 -36.95
CA THR O 222 -71.90 160.26 -37.27
CA ARG O 223 -74.43 162.63 -38.41
CA LYS O 224 -77.38 161.25 -37.56
CA GLY O 225 -77.70 161.95 -34.23
CA LEU O 226 -76.87 162.69 -31.10
CA ASP O 227 -77.63 164.10 -27.87
CA TRP O 228 -75.92 165.38 -25.06
CA ASP O 229 -76.72 163.68 -21.77
CA ASN O 230 -74.87 160.43 -22.04
CA ARG O 231 -71.77 159.30 -20.46
CA SER O 232 -68.28 159.59 -21.20
CA TYR O 233 -66.31 156.34 -21.93
CA PHE O 234 -62.59 155.82 -20.86
CA THR O 235 -59.53 155.24 -22.07
CA ASN O 236 -57.81 151.92 -21.59
CA ASP O 237 -54.60 152.08 -19.47
CA GLY O 238 -51.91 151.91 -22.07
CA TYR O 239 -51.20 148.14 -22.12
CA GLU O 240 -51.44 146.36 -25.39
CA ILE O 241 -54.67 144.76 -25.68
CA ASP O 242 -54.28 142.30 -28.45
CA PRO O 243 -51.34 139.84 -28.57
CA GLU O 244 -47.85 140.19 -30.00
CA SER O 245 -48.54 136.98 -31.99
CA GLN O 246 -51.38 138.95 -33.99
CA ARG O 247 -50.40 142.57 -34.22
CA ASN O 248 -48.20 144.84 -36.23
CA SER O 249 -47.89 148.60 -36.68
CA LYS O 250 -51.50 149.77 -36.60
CA TYR O 251 -52.83 147.47 -33.99
CA THR O 252 -50.06 148.32 -31.74
CA LEU O 253 -50.28 151.21 -29.31
CA ASN O 254 -46.79 151.94 -27.85
CA ARG O 255 -43.11 151.57 -27.85
CA PRO O 256 -41.97 148.26 -26.49
CA GLU O 257 -42.38 148.13 -22.73
CA LEU O 258 -42.86 151.87 -22.29
CA ILE O 259 -45.97 151.25 -20.25
CA GLY O 260 -45.53 149.56 -16.86
CA ASN O 261 -45.90 150.03 -13.16
CA GLU O 262 -43.65 153.05 -12.70
CA THR O 263 -42.78 156.36 -14.07
CA ARG O 264 -39.19 156.74 -14.27
CA PRO O 265 -36.38 157.70 -16.43
CA TRP O 266 -33.42 155.84 -17.76
CA ASN O 267 -31.12 154.96 -14.91
CA ILE O 268 -28.33 153.01 -13.18
CA SER O 269 -28.97 151.58 -9.63
CA LEU O 270 -26.19 152.24 -7.09
CA ASN O 271 -25.84 152.32 -3.27
CA TYR O 272 -25.88 155.63 -1.58
CA ILE O 273 -23.74 155.84 1.57
CA ILE O 274 -23.03 158.44 4.26
CA LYS O 275 -20.09 159.48 6.29
CA VAL O 276 -20.54 158.57 9.91
CA LYS O 277 -17.30 158.79 11.21
CA GLU O 278 -14.20 160.90 11.36
CA LEU P 1 -51.78 145.65 -106.88
CA ASN P 2 -54.80 144.97 -109.07
CA GLY P 3 -52.47 144.46 -112.01
CA ARG P 4 -50.56 141.45 -110.74
CA GLY P 5 -53.22 138.81 -111.34
CA SER P 6 -52.52 135.42 -109.80
CA THR P 7 -51.37 132.73 -112.31
CA THR P 8 -50.22 129.15 -111.82
CA SER P 9 -46.61 130.41 -111.63
CA MET P 10 -46.96 133.72 -109.82
CA ARG P 11 -48.65 134.75 -106.57
CA GLY P 12 -51.23 137.48 -107.05
CA VAL P 13 -54.73 138.81 -106.45
CA VAL P 14 -57.85 137.04 -107.72
CA LYS P 15 -61.50 137.55 -108.45
CA LEU P 16 -63.83 134.92 -106.95
CA THR P 17 -66.11 132.79 -109.09
CA THR P 18 -69.00 130.81 -107.65
CA THR P 19 -69.37 128.78 -110.83
CA ALA P 20 -66.71 126.14 -111.29
CA GLY P 21 -65.34 126.06 -114.81
CA SER P 22 -66.12 129.71 -115.50
CA GLN P 23 -64.02 132.86 -115.09
CA SER P 24 -65.56 135.84 -113.36
CA GLY P 25 -65.97 138.57 -116.00
CA GLY P 26 -63.38 137.10 -118.39
CA ASP P 27 -60.61 137.27 -115.83
CA ALA P 28 -57.98 134.52 -116.02
CA SER P 29 -57.10 135.30 -112.39
CA SER P 30 -60.30 133.82 -111.04
CA ALA P 31 -60.29 131.30 -108.16
CA LEU P 32 -63.11 129.20 -106.73
CA ALA P 33 -64.97 130.95 -103.97
CA TRP P 34 -65.74 129.28 -100.65
CA ASN P 35 -69.33 128.97 -101.92
CA ALA P 36 -68.63 127.80 -105.46
CA ASP P 37 -70.90 125.10 -106.89
CA VAL P 38 -68.50 122.21 -106.21
CA ILE P 39 -69.21 118.74 -104.90
CA HIS P 40 -67.33 118.11 -101.66
CA GLN P 41 -66.42 115.06 -99.59
CA ARG P 42 -69.10 115.47 -96.93
CA GLY P 43 -72.25 114.28 -98.68
CA GLY P 44 -75.81 115.58 -98.87
CA GLN P 45 -75.39 117.17 -102.31
CA THR P 46 -76.91 117.00 -105.73
CA ILE P 47 -75.34 116.85 -109.22
CA ASN P 48 -78.05 118.24 -111.52
CA GLY P 49 -77.32 116.11 -114.54
CA THR P 50 -75.47 113.02 -115.54
CA LEU P 51 -72.31 111.59 -114.01
CA ARG P 52 -69.83 109.19 -115.59
CA ILE P 53 -67.37 107.19 -113.39
CA ASN P 54 -64.70 105.21 -115.21
CA ASN P 55 -64.08 102.53 -112.56
CA THR P 56 -65.98 100.76 -109.75
CA LEU P 57 -68.65 102.53 -107.73
CA THR P 58 -68.71 101.43 -104.09
CA ILE P 59 -71.71 102.34 -101.96
CA ALA P 60 -70.62 101.49 -98.41
CA SER P 61 -74.09 101.63 -96.84
CA GLY P 62 -77.67 102.59 -97.60
CA GLY P 63 -78.08 101.16 -101.04
CA ALA P 64 -79.45 103.03 -104.05
CA ASN P 65 -82.84 104.34 -105.04
CA ILE P 66 -82.84 104.55 -108.81
CA THR P 67 -85.55 106.10 -110.97
CA GLY P 68 -85.16 104.71 -114.45
CA THR P 69 -83.73 101.49 -115.86
CA VAL P 70 -80.52 99.84 -114.68
CA ASN P 71 -78.56 98.09 -117.45
CA MET P 72 -75.74 95.93 -116.14
CA THR P 73 -73.26 93.42 -117.48
CA GLY P 74 -73.73 91.13 -114.48
CA GLY P 75 -75.82 91.13 -111.31
CA TYR P 76 -75.59 89.35 -107.97
CA ILE P 77 -77.55 89.67 -104.71
CA GLN P 78 -75.63 88.37 -101.67
CA GLY P 79 -73.36 86.43 -104.05
CA LYS P 80 -76.27 84.78 -105.94
CA ARG P 81 -76.74 85.35 -109.66
CA VAL P 82 -79.77 87.40 -110.71
CA VAL P 83 -82.21 85.55 -112.98
CA THR P 84 -83.32 87.02 -116.31
CA GLN P 85 -86.38 86.31 -118.48
CA ASN P 86 -84.59 84.25 -121.10
CA GLU P 87 -84.01 81.66 -118.34
CA ILE P 88 -87.69 80.98 -117.74
CA ASP P 89 -88.03 78.66 -120.67
CA ARG P 90 -85.12 76.49 -119.51
CA THR P 91 -86.77 75.59 -116.11
CA ILE P 92 -90.11 74.56 -117.69
CA PRO P 93 -90.42 74.47 -121.39
CA VAL P 94 -93.36 75.62 -123.36
CA GLY P 95 -94.84 72.32 -124.22
CA ALA P 96 -94.70 70.74 -120.77
CA ILE P 97 -97.75 69.08 -119.31
CA MET P 98 -98.87 68.61 -115.73
CA MET P 99 -102.03 68.35 -113.62
CA TRP P 100 -104.28 70.97 -111.95
CA ALA P 101 -106.31 70.38 -108.82
CA ALA P 102 -108.99 72.76 -109.78
CA ASP P 103 -111.39 74.51 -112.05
CA SER P 104 -109.76 77.70 -113.24
CA LEU P 105 -106.32 78.91 -114.10
CA PRO P 106 -104.68 82.16 -112.87
CA SER P 107 -102.13 83.35 -115.65
CA ASP P 108 -102.59 82.95 -118.95
CA ALA P 109 -99.19 81.25 -119.31
CA TRP P 110 -100.97 77.82 -119.13
CA ARG P 111 -104.16 76.48 -120.49
CA PHE P 112 -106.18 73.49 -120.22
CA CYS P 113 -105.83 70.59 -122.54
CA HIS P 114 -109.63 70.74 -123.44
CA GLY P 115 -108.43 71.17 -126.30
CA GLY P 116 -109.18 74.46 -128.02
CA THR P 117 -106.53 76.76 -129.41
CA VAL P 118 -103.91 79.35 -128.82
CA SER P 119 -102.73 82.34 -131.04
CA ALA P 120 -99.40 82.02 -132.75
CA SER P 121 -98.75 85.66 -132.10
CA ASP P 122 -99.48 85.47 -128.31
CA CYS P 123 -97.59 82.07 -128.22
CA PRO P 124 -94.78 81.93 -130.80
CA LEU P 125 -92.77 79.29 -129.06
CA TYR P 126 -95.68 76.77 -128.75
CA ALA P 127 -96.38 77.29 -132.45
CA SER P 128 -92.73 76.37 -132.96
CA ARG P 129 -92.09 73.34 -130.68
CA ILE P 130 -95.59 72.03 -131.31
CA GLY P 131 -97.17 73.47 -134.45
CA THR P 132 -100.15 71.53 -135.53
CA ARG P 133 -99.61 68.04 -134.19
CA TYR P 134 -102.68 68.44 -131.93
CA GLY P 135 -104.80 70.09 -134.70
CA GLY P 136 -105.72 73.75 -135.27
CA SER P 137 -103.62 75.74 -137.77
CA SER P 138 -100.23 77.26 -137.89
CA SER P 139 -101.73 80.61 -136.88
CA ASN P 140 -103.97 79.15 -134.35
CA PRO P 141 -102.26 76.05 -133.11
CA GLY P 142 -104.33 73.31 -131.42
CA LEU P 143 -104.21 72.39 -127.79
CA PRO P 144 -104.40 68.69 -127.06
CA ASP P 145 -107.58 67.30 -125.74
CA MET P 146 -107.14 65.20 -122.79
CA ARG P 147 -110.54 65.10 -121.10
CA GLY P 148 -110.57 62.38 -119.49
CA LEU P 149 -107.94 60.18 -120.96
CA PHE P 150 -105.25 58.48 -118.87
CA VAL P 151 -101.65 58.90 -119.96
CA ARG P 152 -99.07 56.14 -120.95
CA GLY P 153 -95.44 56.70 -122.08
CA SER P 154 -94.55 56.78 -125.84
CA GLY P 155 -92.84 53.25 -126.82
CA ARG P 156 -91.63 50.34 -125.45
CA GLY P 157 -89.41 50.46 -122.58
CA SER P 158 -86.83 48.24 -120.74
CA HIS P 159 -89.58 46.94 -118.51
CA LEU P 160 -91.90 45.77 -121.44
CA THR P 161 -89.02 44.68 -123.31
CA ASN P 162 -87.27 42.35 -120.87
CA PRO P 163 -87.29 39.15 -122.64
CA ASN P 164 -88.37 37.44 -119.51
CA VAL P 165 -91.71 39.14 -119.77
CA ASN P 166 -91.80 38.37 -123.49
CA GLY P 167 -92.11 34.86 -125.21
CA ASN P 168 -94.61 32.18 -124.12
CA ASP P 169 -94.27 30.46 -120.70
CA GLN P 170 -93.87 26.61 -119.83
CA PHE P 171 -97.65 26.11 -120.30
CA GLY P 172 -97.46 27.77 -123.74
CA LYS P 173 -99.25 31.13 -122.84
CA PRO P 174 -97.63 34.45 -123.86
CA ARG P 175 -96.09 36.50 -121.05
CA LEU P 176 -97.72 39.70 -119.72
CA GLY P 177 -95.41 42.04 -121.79
CA VAL P 178 -96.50 40.61 -125.22
CA GLY P 179 -98.55 42.88 -127.33
CA CYS P 180 -98.15 45.79 -125.06
CA THR P 181 -97.42 49.32 -126.28
CA GLY P 182 -96.45 52.55 -126.80
CA GLY P 183 -97.76 55.13 -129.07
CA TYR P 184 -96.21 58.11 -130.95
CA VAL P 185 -96.16 61.36 -129.98
CA GLY P 186 -99.84 62.05 -129.07
CA GLU P 187 -101.42 58.81 -130.23
CA VAL P 188 -104.57 57.70 -128.38
CA GLN P 189 -105.51 54.16 -127.73
CA ILE P 190 -108.85 52.84 -126.75
CA GLN P 191 -110.00 50.74 -123.77
CA GLN P 192 -109.07 47.15 -123.73
CA MET P 193 -108.77 43.71 -122.19
CA SER P 194 -106.50 40.76 -122.56
CA TYR P 195 -107.93 37.58 -124.01
CA HIS P 196 -108.66 35.08 -121.28
CA LYS P 197 -110.67 31.92 -120.42
CA HIS P 198 -112.62 30.49 -117.55
CA ALA P 199 -113.75 26.92 -116.64
CA GLY P 200 -117.54 25.72 -116.91
CA GLY P 201 -120.50 23.45 -115.59
CA PHE P 202 -120.78 21.51 -118.96
CA GLY P 203 -117.99 19.14 -119.19
CA GLU P 204 -117.39 15.50 -119.81
CA HIS P 205 -115.20 12.27 -119.10
CA ASP P 206 -113.14 12.75 -122.29
CA ASP P 207 -110.54 15.58 -122.55
CA LEU P 208 -111.58 16.71 -125.77
CA GLY P 209 -112.81 20.23 -124.65
CA ALA P 210 -112.81 22.71 -127.75
CA PHE P 211 -110.63 24.87 -125.60
CA GLY P 212 -109.04 23.12 -122.55
CA ASN P 213 -110.58 20.86 -119.88
CA THR P 214 -110.08 19.96 -116.31
CA ARG P 215 -108.78 17.20 -114.63
CA ARG P 216 -111.59 14.96 -113.70
CA SER P 217 -113.01 15.60 -110.12
CA ASN P 218 -116.53 16.74 -109.00
CA PHE P 219 -117.89 18.18 -112.20
CA VAL P 220 -121.27 17.49 -113.81
CA GLY P 221 -121.64 15.83 -117.22
CA THR P 222 -123.48 13.22 -119.21
CA ARG P 223 -122.57 9.89 -120.39
CA LYS P 224 -125.00 9.01 -122.53
CA GLY P 225 -124.19 10.66 -125.42
CA LEU P 226 -122.87 12.91 -127.46
CA ASP P 227 -121.63 13.91 -130.70
CA TRP P 228 -119.46 16.36 -132.07
CA ASP P 229 -121.02 18.58 -134.71
CA ASN P 230 -123.15 20.91 -132.68
CA ARG P 231 -122.66 24.43 -131.75
CA SER P 232 -120.96 26.14 -129.12
CA TYR P 233 -123.09 28.25 -126.67
CA PHE P 234 -121.82 31.61 -125.12
CA THR P 235 -121.13 33.09 -122.20
CA ASN P 236 -123.31 35.83 -120.81
CA ASP P 237 -121.58 39.26 -120.51
CA GLY P 238 -120.81 39.44 -116.85
CA TYR P 239 -123.87 41.35 -115.58
CA GLU P 240 -125.89 39.81 -112.84
CA ILE P 241 -128.74 38.10 -114.24
CA ASP P 242 -131.04 37.55 -111.36
CA PRO P 243 -131.97 40.39 -108.96
CA GLU P 244 -130.29 41.65 -105.82
CA SER P 245 -133.66 41.16 -104.02
CA GLN P 246 -133.32 37.26 -104.65
CA ARG P 247 -129.68 36.33 -104.65
CA ASN P 248 -126.88 35.62 -102.26
CA SER P 249 -123.41 34.08 -102.53
CA LYS P 250 -123.94 31.28 -105.04
CA TYR P 251 -126.32 32.96 -107.36
CA THR P 252 -124.15 35.90 -107.57
CA LEU P 253 -121.42 36.18 -110.18
CA ASN P 254 -119.10 39.15 -109.32
CA ARG P 255 -117.84 41.72 -107.00
CA PRO P 256 -120.18 44.63 -106.64
CA GLU P 257 -120.11 46.82 -109.73
CA LEU P 258 -116.92 45.32 -111.16
CA ILE P 259 -118.63 44.80 -114.48
CA GLY P 260 -119.64 47.92 -116.43
CA ASN P 261 -119.02 49.85 -119.59
CA GLU P 262 -115.29 50.47 -119.22
CA THR P 263 -112.08 48.87 -118.35
CA ARG P 264 -110.20 50.96 -116.09
CA PRO P 265 -108.32 51.10 -112.93
CA TRP P 266 -108.84 52.92 -109.71
CA ASN P 267 -108.34 56.61 -110.31
CA ILE P 268 -108.71 60.33 -109.51
CA SER P 269 -109.92 62.72 -112.31
CA LEU P 270 -107.87 65.94 -112.69
CA ASN P 271 -107.29 68.57 -115.41
CA TYR P 272 -104.18 68.34 -117.43
CA ILE P 273 -102.75 71.69 -118.58
CA ILE P 274 -99.88 72.86 -120.76
CA LYS P 275 -97.45 75.69 -120.75
CA VAL P 276 -98.13 78.06 -123.58
CA LYS P 277 -96.39 80.96 -122.64
CA GLU P 278 -93.14 82.28 -121.33
CA LEU Q 1 -46.99 142.13 -102.25
CA ASN Q 2 -45.76 138.80 -103.56
CA GLY Q 3 -44.46 137.98 -100.11
CA ARG Q 4 -47.73 137.98 -98.22
CA GLY Q 5 -49.05 134.63 -99.41
CA SER Q 6 -52.67 133.90 -98.55
CA THR Q 7 -53.17 131.43 -95.66
CA THR Q 8 -56.29 130.21 -93.88
CA SER Q 9 -55.84 132.99 -91.31
CA MET Q 10 -54.51 135.87 -93.39
CA ARG Q 11 -55.68 137.52 -96.62
CA GLY Q 12 -53.06 137.48 -99.34
CA VAL Q 13 -52.09 136.74 -102.95
CA VAL Q 14 -52.27 133.26 -104.45
CA LYS Q 15 -51.04 131.17 -107.32
CA LEU Q 16 -53.75 129.25 -109.21
CA THR Q 17 -53.72 125.47 -109.51
CA THR Q 18 -55.84 123.60 -112.03
CA THR Q 19 -55.26 120.31 -110.27
CA ALA Q 20 -57.20 119.88 -107.06
CA GLY Q 21 -55.11 118.47 -104.28
CA SER Q 22 -51.84 119.81 -105.66
CA GLN Q 23 -49.96 123.04 -105.00
CA SER Q 24 -48.70 125.03 -107.95
CA GLY Q 25 -44.89 124.86 -107.86
CA GLY Q 26 -44.69 123.94 -104.16
CA ASP Q 27 -46.51 127.07 -103.07
CA ALA Q 28 -48.72 126.73 -99.99
CA SER Q 29 -50.61 129.83 -101.16
CA SER Q 30 -52.27 128.04 -104.04
CA ALA Q 31 -56.04 128.26 -104.63
CA LEU Q 32 -58.26 126.36 -107.04
CA ALA Q 33 -58.57 128.06 -110.39
CA TRP Q 34 -61.91 128.65 -112.09
CA ASN Q 35 -60.95 125.76 -114.41
CA ALA Q 36 -59.58 123.33 -111.85
CA ASP Q 37 -60.44 119.64 -112.32
CA VAL Q 38 -63.29 119.63 -109.78
CA ILE Q 39 -66.68 117.96 -109.97
CA HIS Q 40 -69.45 120.54 -109.72
CA GLN Q 41 -73.19 120.45 -109.05
CA ARG Q 42 -74.35 120.85 -112.64
CA GLY Q 43 -73.78 117.41 -114.12
CA GLY Q 44 -72.31 116.16 -117.38
CA GLN Q 45 -68.91 115.27 -115.90
CA THR Q 46 -66.64 112.31 -115.55
CA ILE Q 47 -64.64 110.98 -112.56
CA ASN Q 48 -61.82 108.97 -114.17
CA GLY Q 49 -61.51 106.28 -111.55
CA THR Q 50 -63.38 104.84 -108.64
CA LEU Q 51 -65.77 106.59 -106.29
CA ARG Q 52 -66.78 105.55 -102.79
CA ILE Q 53 -69.97 107.00 -101.16
CA ASN Q 54 -70.55 106.16 -97.50
CA ASN Q 55 -74.35 106.49 -97.45
CA THR Q 56 -77.32 106.10 -99.83
CA LEU Q 57 -77.04 106.94 -103.51
CA THR Q 58 -80.24 108.42 -104.92
CA ILE Q 59 -80.64 108.63 -108.70
CA ALA Q 60 -83.71 110.82 -109.18
CA SER Q 61 -84.27 110.00 -112.85
CA GLY Q 62 -82.69 108.18 -115.78
CA GLY Q 63 -81.47 105.05 -114.11
CA ALA Q 64 -77.97 103.63 -114.42
CA ASN Q 65 -75.99 102.01 -117.17
CA ILE Q 66 -73.37 99.87 -115.48
CA THR Q 67 -70.52 98.06 -117.19
CA GLY Q 68 -69.31 95.34 -114.86
CA THR Q 69 -70.96 93.36 -112.07
CA VAL Q 70 -73.31 94.81 -109.46
CA ASN Q 71 -73.01 93.16 -106.04
CA MET Q 72 -75.77 94.16 -103.64
CA THR Q 73 -77.04 93.20 -100.23
CA GLY Q 74 -80.66 93.38 -101.34
CA GLY Q 75 -82.51 94.16 -104.57
CA TYR Q 76 -86.06 95.22 -105.40
CA ILE Q 77 -87.74 96.31 -108.65
CA GLN Q 78 -90.91 98.39 -108.06
CA GLY Q 79 -91.03 97.03 -104.51
CA LYS Q 80 -90.75 93.36 -105.59
CA ARG Q 81 -87.84 91.21 -104.43
CA VAL Q 82 -85.30 90.18 -107.07
CA VAL Q 83 -84.97 86.41 -107.53
CA THR Q 84 -81.57 84.70 -107.33
CA GLN Q 85 -80.36 81.33 -108.69
CA ASN Q 86 -80.38 79.50 -105.39
CA GLU Q 87 -84.18 79.91 -105.42
CA ILE Q 88 -84.71 77.90 -108.60
CA ASP Q 89 -84.50 74.59 -106.85
CA ARG Q 90 -87.19 75.54 -104.32
CA THR Q 91 -89.92 76.16 -107.55
CA ILE Q 92 -89.28 72.81 -109.29
CA PRO Q 93 -86.93 70.37 -107.78
CA VAL Q 94 -84.44 68.30 -109.61
CA GLY Q 95 -86.22 65.03 -109.54
CA ALA Q 96 -89.64 66.24 -110.64
CA ILE Q 97 -91.47 64.50 -113.43
CA MET Q 98 -93.99 65.77 -115.95
CA MET Q 99 -95.17 65.19 -119.52
CA TRP Q 100 -94.00 66.55 -122.92
CA ALA Q 101 -96.22 67.00 -125.94
CA ALA Q 102 -93.47 66.41 -128.38
CA ASP Q 103 -90.41 64.80 -129.78
CA SER Q 104 -87.41 66.86 -128.71
CA LEU Q 105 -86.36 68.89 -125.76
CA PRO Q 106 -84.88 72.44 -125.86
CA SER Q 107 -82.51 72.84 -122.72
CA ASP Q 108 -80.63 70.37 -121.44
CA ALA Q 109 -82.09 70.96 -117.95
CA TRP Q 110 -84.58 68.09 -118.60
CA ARG Q 111 -84.36 64.76 -120.25
CA PHE Q 112 -86.55 62.07 -121.26
CA CYS Q 113 -87.29 59.13 -119.08
CA HIS Q 114 -86.14 56.66 -121.87
CA GLY Q 115 -84.12 55.83 -119.62
CA GLY Q 116 -80.43 56.36 -120.32
CA THR Q 117 -78.12 58.31 -118.08
CA VAL Q 118 -76.85 61.60 -116.86
CA SER Q 119 -73.31 62.68 -115.65
CA ALA Q 120 -72.85 63.23 -111.95
CA SER Q 121 -70.58 66.14 -112.70
CA ASP Q 122 -73.08 67.91 -115.06
CA CYS Q 123 -75.94 66.97 -112.61
CA PRO Q 124 -74.73 66.82 -108.98
CA LEU Q 125 -78.08 67.37 -107.41
CA TYR Q 126 -79.83 64.51 -109.31
CA ALA Q 127 -76.97 62.22 -108.28
CA SER Q 128 -77.79 63.31 -104.73
CA ARG Q 129 -81.61 63.22 -104.45
CA ILE Q 130 -81.78 60.20 -106.74
CA GLY Q 131 -78.49 58.32 -106.96
CA THR Q 132 -78.90 54.92 -108.41
CA ARG Q 133 -82.48 53.95 -107.64
CA TYR Q 134 -83.25 53.91 -111.38
CA GLY Q 135 -79.97 52.09 -112.29
CA GLY Q 136 -76.72 53.43 -113.79
CA SER Q 137 -73.86 54.23 -111.39
CA SER Q 138 -73.05 56.88 -108.91
CA SER Q 139 -70.98 58.68 -111.55
CA ASN Q 140 -73.44 58.12 -114.24
CA PRO Q 141 -76.79 57.94 -112.55
CA GLY Q 142 -79.71 56.23 -114.34
CA LEU Q 143 -82.75 57.93 -115.71
CA PRO Q 144 -86.00 56.06 -115.21
CA ASP Q 145 -87.51 54.32 -118.13
CA MET Q 146 -91.05 55.08 -118.59
CA ARG Q 147 -91.80 54.22 -122.21
CA GLY Q 148 -94.88 53.55 -122.26
CA LEU Q 149 -95.92 52.76 -118.76
CA PHE Q 150 -98.88 54.45 -117.05
CA VAL Q 151 -98.29 55.96 -113.63
CA ARG Q 152 -100.05 55.11 -110.25
CA GLY Q 153 -99.33 56.71 -106.83
CA SER Q 154 -96.96 54.97 -104.32
CA GLY Q 155 -99.21 53.20 -101.47
CA ARG Q 156 -102.43 52.93 -100.32
CA GLY Q 157 -104.45 55.91 -99.85
CA SER Q 158 -107.62 57.08 -97.95
CA HIS Q 159 -109.71 56.18 -100.97
CA LEU Q 160 -108.43 52.48 -101.20
CA THR Q 161 -108.40 52.25 -97.60
CA ASN Q 162 -111.95 53.27 -96.66
CA PRO Q 163 -113.21 50.28 -94.98
CA ASN Q 164 -116.41 50.58 -96.90
CA VAL Q 165 -114.55 49.65 -100.03
CA ASN Q 166 -112.73 46.90 -98.12
CA GLY Q 167 -114.25 43.61 -96.61
CA ASN Q 168 -116.67 41.35 -98.50
CA ASP Q 169 -120.21 42.55 -99.37
CA GLN Q 170 -123.72 41.00 -98.41
CA PHE Q 171 -123.35 38.39 -101.21
CA GLY Q 172 -119.91 37.42 -99.87
CA LYS Q 173 -117.73 39.00 -102.71
CA PRO Q 174 -114.76 41.23 -101.77
CA ARG Q 175 -115.20 44.96 -102.36
CA LEU Q 176 -113.44 46.79 -105.24
CA GLY Q 177 -110.60 48.17 -102.95
CA VAL Q 178 -109.36 44.68 -101.84
CA GLY Q 179 -106.05 43.66 -103.18
CA CYS Q 180 -105.34 46.98 -104.72
CA THR Q 181 -101.98 48.73 -104.49
CA GLY Q 182 -99.32 50.86 -104.30
CA GLY Q 183 -95.75 50.33 -105.02
CA TYR Q 184 -92.47 51.81 -103.64
CA VAL Q 185 -90.64 54.35 -104.94
CA GLY Q 186 -90.26 53.34 -108.65
CA GLU Q 187 -91.78 49.87 -108.53
CA VAL Q 188 -93.44 48.64 -111.75
CA GLN Q 189 -96.43 46.42 -111.87
CA ILE Q 190 -97.65 44.45 -114.77
CA GLN Q 191 -101.01 44.36 -116.59
CA GLN Q 192 -103.87 42.75 -114.86
CA MET Q 193 -107.49 41.78 -114.39
CA SER Q 194 -109.76 41.02 -111.53
CA TYR Q 195 -111.05 37.50 -111.17
CA HIS Q 196 -114.64 37.26 -112.40
CA LYS Q 197 -117.32 34.82 -113.63
CA HIS Q 198 -120.02 34.65 -116.24
CA ALA Q 199 -123.17 32.47 -116.65
CA GLY Q 200 -123.46 29.57 -119.37
CA GLY Q 201 -125.66 27.43 -121.85
CA PHE Q 202 -124.92 24.10 -119.96
CA GLY Q 203 -126.90 24.05 -116.86
CA GLU Q 204 -129.35 21.84 -115.08
CA HIS Q 205 -132.50 21.51 -112.70
CA ASP Q 206 -130.34 20.99 -109.60
CA ASP Q 207 -128.34 23.89 -108.07
CA LEU Q 208 -125.28 22.07 -107.72
CA GLY Q 209 -123.19 24.18 -110.22
CA ALA Q 210 -119.33 23.79 -109.43
CA PHE Q 211 -119.34 27.53 -109.21
CA GLY Q 212 -122.80 29.17 -108.86
CA ASN Q 213 -126.04 28.62 -110.80
CA THR Q 214 -129.08 30.50 -111.83
CA ARG Q 215 -132.41 30.55 -110.79
CA ARG Q 216 -134.37 28.28 -112.98
CA SER Q 217 -136.02 30.05 -116.04
CA ASN Q 218 -135.45 29.53 -119.83
CA PHE Q 219 -132.15 27.73 -119.84
CA VAL Q 220 -131.23 24.55 -121.73
CA GLY Q 221 -130.25 21.32 -119.95
CA THR Q 222 -130.72 17.59 -119.84
CA ARG Q 223 -132.59 15.38 -117.61
CA LYS Q 224 -131.58 12.27 -118.39
CA GLY Q 225 -128.58 11.94 -116.78
CA LEU Q 226 -125.71 12.76 -115.32
CA ASP Q 227 -123.03 12.08 -113.02
CA TRP Q 228 -120.56 13.87 -111.21
CA ASP Q 229 -116.99 12.78 -111.87
CA ASN Q 230 -116.28 14.24 -115.26
CA ARG Q 231 -114.28 17.15 -116.23
CA SER Q 232 -114.87 20.67 -116.54
CA TYR Q 233 -114.60 22.25 -120.05
CA PHE Q 234 -113.20 25.86 -120.64
CA THR Q 235 -114.04 28.85 -121.85
CA ASN Q 236 -112.60 30.16 -125.08
CA ASP Q 237 -110.42 33.31 -124.70
CA GLY Q 238 -112.72 36.03 -125.85
CA TYR Q 239 -111.73 36.29 -129.54
CA GLU Q 240 -114.42 35.94 -132.10
CA ILE Q 241 -114.46 32.55 -133.36
CA ASP Q 242 -116.46 32.73 -136.51
CA PRO Q 243 -115.75 35.36 -139.21
CA GLU Q 244 -117.00 38.91 -139.63
CA SER Q 245 -118.12 37.89 -143.16
CA GLN Q 246 -120.73 35.37 -141.52
CA ARG Q 247 -121.86 36.76 -138.23
CA ASN Q 248 -124.26 39.27 -136.83
CA SER Q 249 -125.67 40.04 -133.38
CA LYS Q 250 -126.11 36.60 -131.86
CA TYR Q 251 -123.07 34.92 -133.21
CA THR Q 252 -120.97 37.71 -132.09
CA LEU Q 253 -119.40 37.76 -128.65
CA ASN Q 254 -117.99 41.28 -127.92
CA ARG Q 255 -117.68 44.89 -128.67
CA PRO Q 256 -115.42 45.59 -131.58
CA GLU Q 257 -111.79 45.06 -130.65
CA LEU Q 258 -112.39 45.02 -126.90
CA ILE Q 259 -110.46 41.80 -126.61
CA GLY Q 260 -106.70 41.95 -127.37
CA ASN Q 261 -103.30 41.53 -125.88
CA GLU Q 262 -103.52 44.11 -123.10
CA THR Q 263 -105.67 45.40 -120.39
CA ARG Q 264 -105.76 49.01 -120.47
CA PRO Q 265 -107.92 51.98 -120.43
CA TRP Q 266 -108.55 54.73 -122.89
CA ASN Q 267 -105.43 56.83 -123.19
CA ILE Q 268 -103.09 59.32 -124.89
CA SER Q 269 -99.33 58.42 -125.22
CA LEU Q 270 -96.89 61.20 -124.21
CA ASN Q 271 -93.22 61.44 -123.14
CA TYR Q 272 -92.48 61.75 -119.52
CA ILE Q 273 -89.37 63.82 -118.68
CA ILE Q 274 -87.43 64.74 -115.55
CA LYS Q 275 -85.59 67.73 -114.31
CA VAL Q 276 -81.89 67.08 -114.16
CA LYS Q 277 -80.51 70.28 -113.96
CA GLU Q 278 -80.73 73.61 -112.21
CA LEU R 1 -53.61 145.56 -99.11
CA ASN R 2 -55.44 143.45 -96.55
CA GLY R 3 -58.46 145.70 -96.95
CA ARG R 4 -59.22 145.04 -100.59
CA GLY R 5 -60.82 141.62 -100.21
CA SER R 6 -61.42 139.73 -103.44
CA THR R 7 -65.08 139.67 -104.61
CA THR R 8 -66.71 138.31 -107.74
CA SER R 9 -66.31 141.74 -109.38
CA MET R 10 -62.98 142.94 -108.02
CA ARG R 11 -59.52 141.41 -107.85
CA GLY R 12 -58.16 141.19 -104.32
CA VAL R 13 -56.54 139.16 -101.55
CA VAL R 14 -58.17 136.08 -100.04
CA LYS R 15 -58.08 133.80 -97.05
CA LEU R 16 -57.95 130.07 -97.87
CA THR R 17 -60.61 127.65 -96.67
CA THR R 18 -60.11 123.90 -96.71
CA THR R 19 -63.81 123.27 -96.20
CA ALA R 20 -65.91 123.84 -99.29
CA GLY R 21 -69.06 125.78 -98.54
CA SER R 22 -67.62 127.54 -95.50
CA GLN R 23 -65.85 130.88 -95.13
CA SER R 24 -62.63 131.02 -93.17
CA GLY R 25 -63.34 133.03 -90.01
CA GLY R 26 -66.43 134.77 -91.41
CA ASP R 27 -64.52 136.29 -94.29
CA ALA R 28 -66.45 136.72 -97.55
CA SER R 29 -63.10 136.87 -99.36
CA SER R 30 -62.37 133.20 -98.85
CA ALA R 31 -61.31 130.94 -101.74
CA LEU R 32 -60.89 127.18 -101.90
CA ALA R 33 -57.43 126.05 -100.96
CA TRP R 34 -55.44 123.59 -103.06
CA ASN R 35 -56.25 121.01 -100.35
CA ALA R 36 -59.92 121.81 -99.81
CA ASP R 37 -62.28 118.86 -99.32
CA VAL R 38 -63.53 118.80 -102.93
CA ILE R 39 -64.21 115.85 -105.20
CA HIS R 40 -62.05 116.04 -108.32
CA GLN R 41 -62.03 114.36 -111.71
CA ARG R 42 -59.27 111.86 -111.02
CA GLY R 43 -61.00 109.24 -108.91
CA GLY R 44 -60.04 107.35 -105.76
CA GLN R 45 -62.14 109.53 -103.43
CA THR R 46 -64.91 109.21 -100.93
CA ILE R 47 -68.10 111.24 -100.39
CA ASN R 48 -68.97 110.62 -96.71
CA GLY R 49 -72.72 110.72 -97.01
CA THR R 50 -75.43 110.57 -99.61
CA LEU R 51 -75.28 111.70 -103.22
CA ARG R 52 -78.17 112.60 -105.51
CA ILE R 53 -77.68 112.70 -109.32
CA ASN R 54 -80.58 114.04 -111.37
CA ASN R 55 -79.86 112.22 -114.65
CA THR R 56 -78.22 108.98 -115.84
CA LEU R 57 -75.27 107.44 -114.03
CA THR R 58 -72.80 105.77 -116.37
CA ILE R 59 -70.17 103.45 -114.92
CA ALA R 60 -67.77 102.82 -117.81
CA SER R 61 -65.97 99.86 -116.26
CA GLY R 62 -65.68 97.90 -113.02
CA GLY R 63 -69.27 97.67 -111.99
CA ALA R 64 -70.63 98.54 -108.57
CA ASN R 65 -70.36 97.01 -105.13
CA ILE R 66 -73.42 98.14 -103.22
CA THR R 67 -74.08 97.59 -99.52
CA GLY R 68 -77.79 98.00 -98.95
CA THR R 69 -80.86 97.55 -101.16
CA VAL R 70 -81.12 98.69 -104.77
CA ASN R 71 -84.60 99.89 -105.77
CA MET R 72 -85.00 100.41 -109.50
CA THR R 73 -87.74 101.16 -111.97
CA GLY R 74 -86.39 98.65 -114.47
CA GLY R 75 -83.48 96.21 -114.63
CA TYR R 76 -81.66 94.43 -117.46
CA ILE R 77 -78.52 92.25 -117.55
CA GLN R 78 -76.89 92.14 -121.01
CA GLY R 79 -80.19 93.35 -122.50
CA LYS R 80 -82.31 90.67 -120.75
CA ARG R 81 -85.07 91.64 -118.34
CA VAL R 82 -84.50 90.84 -114.66
CA VAL R 83 -87.10 88.49 -113.15
CA THR R 84 -88.97 89.43 -109.97
CA GLN R 85 -90.81 87.25 -107.41
CA ASN R 86 -94.31 88.10 -108.56
CA GLU R 87 -93.46 86.25 -111.80
CA ILE R 88 -92.87 82.90 -110.15
CA ASP R 89 -96.52 82.06 -109.95
CA ARG R 90 -97.06 82.67 -113.67
CA THR R 91 -94.61 79.96 -114.40
CA ILE R 92 -96.10 77.26 -112.13
CA PRO R 93 -99.21 77.97 -110.22
CA VAL R 94 -99.88 76.97 -106.70
CA GLY R 95 -102.20 74.12 -107.33
CA ALA R 96 -100.16 72.34 -110.00
CA ILE R 97 -99.47 68.66 -109.72
CA MET R 98 -96.59 66.55 -111.00
CA MET R 99 -94.58 63.43 -110.12
CA TRP R 100 -91.52 62.83 -107.91
CA ALA R 101 -88.97 60.09 -108.44
CA ALA R 102 -88.18 59.75 -104.83
CA ASP R 103 -88.86 59.58 -101.16
CA SER R 104 -88.34 63.05 -99.72
CA LEU R 105 -88.83 66.59 -100.79
CA PRO R 106 -86.25 69.44 -100.48
CA SER R 107 -88.26 72.82 -100.08
CA ASP R 108 -91.17 73.13 -98.45
CA ALA R 109 -92.78 74.81 -101.50
CA TRP R 110 -94.25 71.37 -102.49
CA ARG R 111 -95.74 68.52 -100.61
CA PHE R 112 -96.86 65.15 -101.23
CA CYS R 113 -100.39 64.31 -102.10
CA HIS R 114 -100.61 61.77 -99.14
CA GLY R 115 -102.92 63.71 -98.30
CA GLY R 116 -102.51 65.57 -95.00
CA THR R 117 -102.76 69.32 -94.67
CA VAL R 118 -101.20 72.69 -95.08
CA SER R 119 -101.60 75.96 -92.99
CA ALA R 120 -103.60 78.74 -94.51
CA SER R 121 -101.19 81.23 -93.05
CA ASP R 122 -98.03 79.53 -94.50
CA CYS R 123 -99.99 78.92 -97.80
CA PRO R 124 -102.58 81.65 -98.47
CA LEU R 125 -102.76 81.13 -102.17
CA TYR R 126 -103.50 77.36 -101.96
CA ALA R 127 -106.23 78.14 -99.43
CA SER R 128 -107.60 80.49 -102.10
CA ARG R 129 -107.39 78.56 -105.41
CA ILE R 130 -108.18 75.30 -103.65
CA GLY R 131 -109.86 75.81 -100.26
CA THR R 132 -111.44 72.69 -99.01
CA ARG R 133 -112.24 70.67 -102.10
CA TYR R 134 -109.77 67.98 -100.95
CA GLY R 135 -110.96 68.10 -97.28
CA GLY R 136 -109.38 69.74 -94.22
CA SER R 137 -110.65 73.19 -93.18
CA SER R 138 -110.34 76.69 -94.39
CA SER R 139 -107.53 77.27 -91.90
CA ASN R 140 -105.92 74.01 -92.54
CA PRO R 141 -106.75 73.13 -96.08
CA GLY R 142 -106.54 69.48 -97.21
CA LEU R 143 -104.02 68.04 -99.57
CA PRO R 144 -105.36 65.49 -102.01
CA ASP R 145 -104.62 61.91 -101.42
CA MET R 146 -103.32 60.19 -104.37
CA ARG R 147 -101.56 57.10 -103.05
CA GLY R 148 -101.67 55.02 -105.43
CA LEU R 149 -104.39 56.11 -107.74
CA PHE R 150 -103.86 56.55 -111.48
CA VAL R 151 -104.98 59.82 -113.02
CA ARG R 152 -107.59 60.40 -115.87
CA GLY R 153 -108.67 63.79 -117.35
CA SER R 154 -111.88 65.54 -116.08
CA GLY R 155 -114.78 64.99 -118.83
CA ARG R 156 -115.35 63.80 -122.00
CA GLY R 157 -113.15 64.77 -124.71
CA SER R 158 -113.10 64.91 -128.59
CA HIS R 159 -111.60 61.45 -128.67
CA LEU R 160 -114.39 59.79 -126.48
CA THR R 161 -116.89 61.84 -128.11
CA ASN R 162 -116.30 61.10 -131.79
CA PRO R 163 -119.50 59.67 -132.84
CA ASN R 164 -117.66 56.98 -134.68
CA VAL R 165 -116.56 55.54 -131.38
CA ASN R 166 -120.08 56.01 -130.01
CA GLY R 167 -123.36 54.16 -131.12
CA ASN R 168 -123.57 50.39 -131.62
CA ASP R 169 -121.67 48.69 -134.49
CA GLN R 170 -123.05 46.47 -137.47
CA PHE R 171 -123.26 43.43 -135.13
CA GLY R 172 -125.27 45.50 -132.62
CA LYS R 173 -122.51 45.90 -129.88
CA PRO R 174 -121.79 49.39 -128.45
CA ARG R 175 -118.53 51.00 -129.55
CA LEU R 176 -115.50 51.30 -127.20
CA GLY R 177 -116.26 55.01 -126.29
CA VAL R 178 -119.77 54.27 -124.82
CA GLY R 179 -120.08 54.64 -121.14
CA CYS R 180 -116.67 56.06 -120.72
CA THR R 181 -115.89 59.04 -118.49
CA GLY R 182 -114.71 61.83 -116.93
CA GLY R 183 -115.08 62.99 -113.46
CA TYR R 184 -115.25 66.46 -111.78
CA VAL R 185 -112.70 68.16 -110.32
CA GLY R 186 -111.14 65.53 -107.97
CA GLU R 187 -113.65 62.74 -108.36
CA VAL R 188 -112.31 59.18 -107.88
CA GLN R 189 -113.55 56.20 -109.70
CA ILE R 190 -113.04 52.63 -108.81
CA GLN R 191 -111.53 49.68 -110.74
CA GLN R 192 -113.52 48.24 -113.52
CA MET R 193 -114.12 46.00 -116.51
CA SER R 194 -116.27 46.07 -119.57
CA TYR R 195 -119.01 43.50 -119.86
CA HIS R 196 -117.97 40.70 -122.21
CA LYS R 197 -118.70 37.08 -123.21
CA HIS R 198 -116.83 33.96 -124.18
CA ALA R 199 -117.84 30.74 -126.04
CA GLY R 200 -118.26 27.23 -124.19
CA GLY R 201 -118.01 23.28 -124.28
CA PHE R 202 -121.83 22.84 -123.66
CA GLY R 203 -123.63 23.60 -126.77
CA GLU R 204 -126.16 22.07 -129.05
CA HIS R 205 -127.56 21.60 -132.73
CA ASP R 206 -130.21 24.31 -132.25
CA ASP R 207 -129.23 28.03 -132.10
CA LEU R 208 -131.19 28.78 -129.22
CA GLY R 209 -128.24 29.65 -126.85
CA ALA R 210 -129.50 31.97 -123.88
CA PHE R 211 -126.81 34.32 -125.01
CA GLY R 212 -125.38 33.66 -128.53
CA ASN R 213 -124.17 30.43 -130.17
CA THR R 214 -121.72 29.29 -132.73
CA ARG R 215 -121.95 28.17 -136.02
CA ARG R 216 -122.03 24.47 -136.01
CA SER R 217 -118.52 22.80 -136.41
CA ASN R 218 -116.55 20.51 -133.99
CA PHE R 219 -118.30 21.20 -130.73
CA VAL R 220 -119.61 18.67 -128.20
CA GLY R 221 -123.31 18.34 -127.35
CA THR R 222 -126.15 15.94 -126.79
CA ARG R 223 -129.02 14.96 -128.82
CA LYS R 224 -131.00 13.18 -126.75
CA GLY R 225 -132.63 15.56 -124.91
CA LEU R 226 -133.30 18.46 -123.44
CA ASP R 227 -135.61 20.86 -122.10
CA TRP R 228 -135.72 24.33 -121.37
CA ASP R 229 -136.55 25.20 -117.78
CA ASN R 230 -133.35 24.42 -115.97
CA ARG R 231 -130.76 26.62 -114.62
CA SER R 232 -127.84 28.22 -115.93
CA TYR R 233 -124.41 27.20 -114.46
CA PHE R 234 -121.47 29.73 -113.99
CA THR R 235 -118.32 30.34 -114.94
CA ASN R 236 -115.43 29.94 -112.55
CA ASP R 237 -113.55 33.21 -111.75
CA GLY R 238 -110.48 32.91 -113.88
CA TYR R 239 -108.03 31.38 -111.36
CA GLU R 240 -106.33 28.19 -112.30
CA ILE R 241 -108.07 25.39 -110.82
CA ASP R 242 -105.68 22.55 -111.03
CA PRO R 243 -102.04 22.87 -109.88
CA GLU R 244 -98.94 24.05 -111.70
CA SER R 245 -97.29 20.73 -110.67
CA GLN R 246 -99.95 18.82 -112.95
CA ARG R 247 -100.88 21.03 -115.84
CA ASN R 248 -99.58 22.08 -119.20
CA SER R 249 -101.06 23.86 -122.23
CA LYS R 250 -104.59 22.49 -122.38
CA TYR R 251 -105.34 22.31 -118.74
CA THR R 252 -104.22 25.76 -118.27
CA LEU R 253 -106.57 28.69 -118.61
CA ASN R 254 -104.54 31.97 -118.73
CA ARG R 255 -101.38 33.84 -119.09
CA PRO R 256 -99.24 33.70 -116.02
CA GLU R 257 -100.67 35.89 -113.28
CA LEU R 258 -103.05 37.80 -115.55
CA ILE R 259 -105.90 37.10 -113.19
CA GLY R 260 -105.74 38.72 -109.73
CA ASN R 261 -107.42 41.20 -107.47
CA GLU R 262 -107.23 44.28 -109.68
CA THR R 263 -107.75 45.52 -113.12
CA ARG R 264 -104.96 47.58 -114.14
CA PRO R 265 -102.47 48.22 -116.77
CA TRP R 266 -98.74 48.04 -116.87
CA ASN R 267 -97.33 50.77 -114.69
CA ILE R 268 -94.63 52.49 -112.60
CA SER R 269 -95.55 53.77 -109.05
CA LEU R 270 -94.39 57.33 -108.25
CA ASN R 271 -95.33 60.07 -105.76
CA TYR R 272 -97.52 62.84 -106.94
CA ILE R 273 -96.86 66.22 -105.30
CA ILE R 274 -98.40 69.69 -105.41
CA LYS R 275 -97.16 73.20 -105.27
CA VAL R 276 -98.19 74.87 -102.06
CA LYS R 277 -96.07 77.65 -101.88
CA GLU R 278 -94.64 80.54 -103.80
#